data_3WFR
#
_entry.id   3WFR
#
_cell.length_a   152.810
_cell.length_b   154.590
_cell.length_c   174.670
_cell.angle_alpha   90.00
_cell.angle_beta   90.00
_cell.angle_gamma   90.00
#
_symmetry.space_group_name_H-M   'P 21 21 21'
#
loop_
_entity.id
_entity.type
_entity.pdbx_description
1 polymer 'RNA (74-MER)'
2 polymer 'RNA (75-MER)'
3 polymer 'Poly A polymerase'
4 non-polymer "CYTIDINE-5'-TRIPHOSPHATE"
5 non-polymer 'PYROPHOSPHATE 2-'
6 non-polymer 'MAGNESIUM ION'
#
loop_
_entity_poly.entity_id
_entity_poly.type
_entity_poly.pdbx_seq_one_letter_code
_entity_poly.pdbx_strand_id
1 'polyribonucleotide' GGCCAGGUAGCUCAGUUGGUAGAGCACUGGACUGAAAAUCCAGGUGUCGGCGGUUCGAUUCCGCCCCUGGCCAC A,B
2 'polyribonucleotide' GGCCAGGUAGCUCAGUUGGUAGAGCACUGGACUGAAAAUCCAGGUGUCGGCGGUUCGAUUCCGCCCCUGGCCACC C,D
3 'polypeptide(L)'
;(UNK)(UNK)(UNK)(UNK)(UNK)(UNK)(UNK)(UNK)(UNK)(UNK)(UNK)(UNK)(UNK)(UNK)(UNK)GLNFY
LSYFDDVAKVLPREHYCFIVGGWVRDRILGEPVGYNIDVDFLTTADPVELAKNFAKRIGGHFFVFEKRGFLIKRPTIASV
VLHLPPYRYRFDFSPLKGKDLEKALIEDLKERDFTANAIAVNLDDVLSIGAKQTIVYDPTGGIKDLEQGLLRPVSIENLK
RDPVRVLRGFRIAIEKNLQLTEDFYEFVKEDPRIVLKSAVERITHELFKIMKEKTAHKVIRELYEYGVLEAIIPEIGRLR
EVKDQGEHHIYPLDEHTLKTLEYLEQVIEDRAKYLSAELLENFGKKRVLGEFTDVELLKWGALFHDIGKPQTFAVREGKV
TFYEHDKVGAQIVREIGERLRWGDEATEFVAKLVRHHLRPFFLREAFKKGELKRRGMANFWRECGDIAPHLFLLSIADAM
ASGDEEEDIKALMETIAELESFNRNEMKEEIQK(UNK)(UNK)(UNK)(UNK)(UNK)(UNK)(UNK)(UNK)(UNK)
(UNK)(UNK)(UNK)(UNK)(UNK)(UNK)(UNK)(UNK)(UNK)(UNK)(UNK)(UNK)(UNK)(UNK)(UNK)(UNK)
(UNK)(UNK)(UNK)(UNK)(UNK)(UNK)(UNK)(UNK)(UNK)(UNK)(UNK)(UNK)(UNK)(UNK)(UNK)(UNK)
(UNK)(UNK)(UNK)(UNK)(UNK)(UNK)(UNK)(UNK)(UNK)(UNK)(UNK)(UNK)(UNK)(UNK)(UNK)(UNK)
(UNK)(UNK)
;
E,F,G,H
#
loop_
_chem_comp.id
_chem_comp.type
_chem_comp.name
_chem_comp.formula
A RNA linking ADENOSINE-5'-MONOPHOSPHATE 'C10 H14 N5 O7 P'
C RNA linking CYTIDINE-5'-MONOPHOSPHATE 'C9 H14 N3 O8 P'
CTP non-polymer CYTIDINE-5'-TRIPHOSPHATE 'C9 H16 N3 O14 P3'
G RNA linking GUANOSINE-5'-MONOPHOSPHATE 'C10 H14 N5 O8 P'
MG non-polymer 'MAGNESIUM ION' 'Mg 2'
POP non-polymer 'PYROPHOSPHATE 2-' 'H2 O7 P2 -2'
U RNA linking URIDINE-5'-MONOPHOSPHATE 'C9 H13 N2 O9 P'
#
# COMPACT_ATOMS: atom_id res chain seq x y z
N UNK E 5 -25.84 -24.39 7.28
CA UNK E 5 -25.38 -23.00 7.23
C UNK E 5 -24.01 -22.90 6.58
N UNK E 6 -23.37 -24.04 6.38
CA UNK E 6 -22.05 -24.08 5.75
C UNK E 6 -21.79 -25.45 5.10
N UNK E 7 -20.82 -25.49 4.21
CA UNK E 7 -20.43 -26.73 3.55
C UNK E 7 -18.99 -26.67 3.04
N UNK E 8 -18.41 -27.84 2.78
CA UNK E 8 -17.03 -27.92 2.28
C UNK E 8 -16.81 -29.22 1.54
N LEU E 17 -9.03 -23.28 -5.92
CA LEU E 17 -8.43 -23.60 -7.22
C LEU E 17 -9.49 -23.59 -8.31
N ASN E 18 -10.71 -24.00 -7.97
CA ASN E 18 -11.82 -23.97 -8.91
C ASN E 18 -12.39 -22.55 -9.05
N PHE E 19 -12.41 -21.83 -7.94
CA PHE E 19 -12.94 -20.47 -7.89
C PHE E 19 -11.87 -19.44 -8.20
N TYR E 20 -10.68 -19.91 -8.56
CA TYR E 20 -9.54 -19.02 -8.76
C TYR E 20 -9.72 -18.06 -9.93
N LEU E 21 -9.18 -16.86 -9.76
CA LEU E 21 -9.06 -15.89 -10.85
C LEU E 21 -7.71 -15.19 -10.69
N SER E 22 -7.12 -14.77 -11.80
CA SER E 22 -5.82 -14.12 -11.78
C SER E 22 -5.84 -12.82 -10.98
N TYR E 23 -6.98 -12.15 -10.98
CA TYR E 23 -7.10 -10.85 -10.32
C TYR E 23 -7.35 -10.94 -8.82
N PHE E 24 -7.74 -12.12 -8.36
CA PHE E 24 -8.01 -12.33 -6.93
C PHE E 24 -6.75 -12.16 -6.08
N ASP E 25 -5.60 -12.22 -6.72
CA ASP E 25 -4.34 -11.90 -6.07
C ASP E 25 -4.25 -10.40 -5.82
N ASP E 26 -4.56 -9.62 -6.85
CA ASP E 26 -4.50 -8.16 -6.78
C ASP E 26 -5.33 -7.64 -5.61
N VAL E 27 -6.60 -8.04 -5.57
CA VAL E 27 -7.49 -7.70 -4.48
C VAL E 27 -6.85 -8.04 -3.14
N ALA E 28 -6.25 -9.22 -3.05
CA ALA E 28 -5.64 -9.68 -1.82
C ALA E 28 -4.48 -8.77 -1.40
N LYS E 29 -3.76 -8.23 -2.39
CA LYS E 29 -2.65 -7.34 -2.09
C LYS E 29 -3.15 -5.96 -1.64
N VAL E 30 -4.41 -5.68 -1.94
CA VAL E 30 -5.03 -4.42 -1.54
C VAL E 30 -5.67 -4.52 -0.16
N LEU E 31 -6.62 -5.43 -0.02
CA LEU E 31 -7.34 -5.65 1.24
C LEU E 31 -6.41 -5.82 2.44
N PRO E 32 -6.60 -4.99 3.48
CA PRO E 32 -5.80 -4.98 4.70
C PRO E 32 -5.87 -6.29 5.47
N ARG E 33 -4.91 -6.50 6.37
CA ARG E 33 -4.81 -7.74 7.16
C ARG E 33 -6.03 -7.96 8.05
N GLU E 34 -6.47 -6.91 8.72
CA GLU E 34 -7.51 -7.03 9.74
C GLU E 34 -8.92 -7.05 9.14
N HIS E 35 -9.01 -6.92 7.83
CA HIS E 35 -10.30 -6.93 7.16
C HIS E 35 -10.45 -8.15 6.25
N TYR E 36 -11.70 -8.58 6.05
CA TYR E 36 -11.99 -9.78 5.31
C TYR E 36 -12.79 -9.47 4.05
N CYS E 37 -12.71 -10.37 3.06
CA CYS E 37 -13.46 -10.22 1.83
C CYS E 37 -14.08 -11.54 1.40
N PHE E 38 -15.26 -11.47 0.79
CA PHE E 38 -15.97 -12.66 0.37
C PHE E 38 -16.40 -12.53 -1.10
N ILE E 39 -16.30 -13.62 -1.85
CA ILE E 39 -16.80 -13.64 -3.22
C ILE E 39 -18.22 -14.19 -3.21
N VAL E 40 -19.17 -13.37 -3.61
CA VAL E 40 -20.58 -13.71 -3.50
C VAL E 40 -21.27 -13.65 -4.86
N GLY E 41 -22.34 -14.42 -5.01
CA GLY E 41 -23.21 -14.29 -6.16
C GLY E 41 -22.82 -15.02 -7.42
N GLY E 42 -23.20 -14.43 -8.55
CA GLY E 42 -23.17 -15.08 -9.86
C GLY E 42 -21.89 -15.84 -10.18
N TRP E 43 -20.75 -15.19 -9.98
CA TRP E 43 -19.46 -15.82 -10.26
C TRP E 43 -19.40 -17.18 -9.59
N VAL E 44 -19.61 -17.22 -8.28
CA VAL E 44 -19.63 -18.48 -7.53
C VAL E 44 -20.57 -19.46 -8.22
N ARG E 45 -21.81 -19.02 -8.45
CA ARG E 45 -22.81 -19.81 -9.16
C ARG E 45 -22.25 -20.34 -10.47
N ASP E 46 -21.69 -19.45 -11.29
CA ASP E 46 -21.17 -19.82 -12.59
C ASP E 46 -20.08 -20.88 -12.49
N ARG E 47 -19.34 -20.85 -11.39
CA ARG E 47 -18.27 -21.82 -11.17
C ARG E 47 -18.81 -23.15 -10.65
N ILE E 48 -19.95 -23.11 -9.96
CA ILE E 48 -20.56 -24.33 -9.44
C ILE E 48 -21.30 -25.08 -10.55
N LEU E 49 -22.02 -24.35 -11.39
CA LEU E 49 -22.73 -24.95 -12.52
C LEU E 49 -21.76 -25.60 -13.50
N GLY E 50 -20.52 -25.13 -13.50
CA GLY E 50 -19.48 -25.72 -14.32
C GLY E 50 -19.34 -25.09 -15.69
N GLU E 51 -20.01 -23.96 -15.90
CA GLU E 51 -19.92 -23.25 -17.16
C GLU E 51 -18.58 -22.54 -17.30
N PRO E 52 -17.95 -22.66 -18.48
CA PRO E 52 -16.67 -22.03 -18.77
C PRO E 52 -16.77 -20.51 -18.68
N VAL E 53 -15.75 -19.88 -18.10
CA VAL E 53 -15.73 -18.43 -17.99
C VAL E 53 -15.66 -17.79 -19.37
N GLY E 54 -16.60 -16.88 -19.63
CA GLY E 54 -16.72 -16.26 -20.94
C GLY E 54 -15.78 -15.09 -21.14
N TYR E 55 -16.10 -14.26 -22.13
CA TYR E 55 -15.28 -13.08 -22.42
C TYR E 55 -15.78 -11.87 -21.63
N ASN E 56 -16.84 -12.08 -20.85
CA ASN E 56 -17.33 -11.08 -19.92
C ASN E 56 -17.35 -11.61 -18.49
N ILE E 57 -16.51 -11.03 -17.65
CA ILE E 57 -16.36 -11.47 -16.26
C ILE E 57 -16.93 -10.43 -15.29
N ASP E 58 -17.79 -10.90 -14.39
CA ASP E 58 -18.33 -10.04 -13.35
C ASP E 58 -18.17 -10.69 -11.98
N VAL E 59 -17.38 -10.06 -11.11
CA VAL E 59 -17.14 -10.60 -9.78
C VAL E 59 -17.71 -9.69 -8.70
N ASP E 60 -18.42 -10.29 -7.74
CA ASP E 60 -19.06 -9.53 -6.67
C ASP E 60 -18.41 -9.80 -5.31
N PHE E 61 -18.11 -8.73 -4.60
CA PHE E 61 -17.36 -8.82 -3.34
C PHE E 61 -18.13 -8.25 -2.15
N LEU E 62 -17.88 -8.81 -0.98
CA LEU E 62 -18.36 -8.26 0.28
C LEU E 62 -17.16 -8.02 1.19
N THR E 63 -16.88 -6.76 1.50
CA THR E 63 -15.71 -6.44 2.31
C THR E 63 -16.04 -5.72 3.61
N THR E 64 -15.18 -5.88 4.61
CA THR E 64 -15.35 -5.24 5.90
C THR E 64 -14.65 -3.88 5.95
N ALA E 65 -13.86 -3.58 4.93
CA ALA E 65 -13.19 -2.29 4.84
C ALA E 65 -14.00 -1.36 3.95
N ASP E 66 -13.49 -0.15 3.73
CA ASP E 66 -14.18 0.82 2.89
C ASP E 66 -14.08 0.39 1.43
N PRO E 67 -15.22 0.05 0.81
CA PRO E 67 -15.26 -0.50 -0.55
C PRO E 67 -14.75 0.50 -1.59
N VAL E 68 -14.94 1.79 -1.32
CA VAL E 68 -14.50 2.82 -2.25
C VAL E 68 -12.98 2.89 -2.34
N GLU E 69 -12.33 2.86 -1.18
CA GLU E 69 -10.86 2.88 -1.11
C GLU E 69 -10.30 1.63 -1.77
N LEU E 70 -10.84 0.48 -1.35
CA LEU E 70 -10.44 -0.82 -1.89
C LEU E 70 -10.52 -0.85 -3.41
N ALA E 71 -11.68 -0.43 -3.93
CA ALA E 71 -11.91 -0.41 -5.37
C ALA E 71 -10.96 0.56 -6.09
N LYS E 72 -10.79 1.74 -5.52
CA LYS E 72 -9.93 2.75 -6.12
C LYS E 72 -8.49 2.25 -6.24
N ASN E 73 -8.00 1.62 -5.17
CA ASN E 73 -6.64 1.06 -5.19
C ASN E 73 -6.54 -0.15 -6.12
N PHE E 74 -7.62 -0.92 -6.22
CA PHE E 74 -7.65 -2.07 -7.11
C PHE E 74 -7.53 -1.64 -8.57
N ALA E 75 -8.30 -0.60 -8.93
CA ALA E 75 -8.23 -0.01 -10.25
C ALA E 75 -6.86 0.63 -10.47
N LYS E 76 -6.28 1.14 -9.38
CA LYS E 76 -4.94 1.69 -9.42
C LYS E 76 -3.93 0.63 -9.81
N ARG E 77 -4.12 -0.59 -9.30
CA ARG E 77 -3.21 -1.70 -9.61
C ARG E 77 -3.43 -2.31 -10.99
N ILE E 78 -4.68 -2.59 -11.34
CA ILE E 78 -4.98 -3.28 -12.59
C ILE E 78 -5.04 -2.33 -13.78
N GLY E 79 -4.92 -1.04 -13.51
CA GLY E 79 -4.96 -0.03 -14.56
C GLY E 79 -6.32 0.08 -15.22
N GLY E 80 -7.37 -0.05 -14.41
CA GLY E 80 -8.73 0.05 -14.90
C GLY E 80 -9.39 1.35 -14.51
N HIS E 81 -10.70 1.42 -14.68
CA HIS E 81 -11.47 2.60 -14.29
C HIS E 81 -12.33 2.29 -13.07
N PHE E 82 -12.49 3.29 -12.20
CA PHE E 82 -13.22 3.10 -10.96
C PHE E 82 -14.36 4.11 -10.81
N PHE E 83 -15.47 3.66 -10.24
CA PHE E 83 -16.60 4.55 -9.97
C PHE E 83 -17.43 4.07 -8.78
N VAL E 84 -18.17 4.98 -8.17
CA VAL E 84 -19.03 4.63 -7.04
C VAL E 84 -20.47 5.05 -7.31
N PHE E 85 -21.42 4.31 -6.74
CA PHE E 85 -22.83 4.63 -6.93
C PHE E 85 -23.72 4.08 -5.83
N GLU E 86 -24.93 4.62 -5.74
CA GLU E 86 -25.90 4.19 -4.74
C GLU E 86 -27.05 3.45 -5.39
N PRO E 95 -27.06 0.50 0.03
CA PRO E 95 -25.99 1.38 0.50
C PRO E 95 -25.05 1.78 -0.64
N THR E 96 -24.01 2.56 -0.32
CA THR E 96 -23.07 3.01 -1.33
C THR E 96 -22.14 1.87 -1.73
N ILE E 97 -22.12 1.54 -3.01
CA ILE E 97 -21.27 0.46 -3.49
C ILE E 97 -20.31 0.94 -4.57
N ALA E 98 -19.21 0.20 -4.74
CA ALA E 98 -18.16 0.62 -5.66
C ALA E 98 -18.00 -0.38 -6.79
N SER E 99 -17.43 0.06 -7.91
CA SER E 99 -17.18 -0.84 -9.03
C SER E 99 -15.95 -0.43 -9.85
N VAL E 100 -15.24 -1.44 -10.35
CA VAL E 100 -14.08 -1.24 -11.20
C VAL E 100 -14.31 -1.90 -12.55
N VAL E 101 -14.04 -1.19 -13.63
CA VAL E 101 -14.23 -1.72 -14.98
C VAL E 101 -12.93 -1.74 -15.77
N LEU E 102 -12.54 -2.92 -16.24
CA LEU E 102 -11.35 -3.06 -17.08
C LEU E 102 -11.74 -3.59 -18.46
N HIS E 103 -11.59 -2.76 -19.48
CA HIS E 103 -12.07 -3.11 -20.81
C HIS E 103 -11.01 -3.00 -21.92
N LEU E 104 -10.68 -4.14 -22.51
CA LEU E 104 -9.90 -4.18 -23.74
C LEU E 104 -10.78 -4.89 -24.77
N PRO E 105 -10.33 -4.99 -26.04
CA PRO E 105 -11.27 -5.61 -27.00
C PRO E 105 -11.73 -7.06 -26.73
N PRO E 106 -10.81 -7.99 -26.40
CA PRO E 106 -11.31 -9.37 -26.27
C PRO E 106 -12.15 -9.63 -25.02
N TYR E 107 -11.91 -8.90 -23.94
CA TYR E 107 -12.57 -9.18 -22.67
C TYR E 107 -13.15 -7.94 -21.99
N ARG E 108 -14.08 -8.17 -21.06
CA ARG E 108 -14.65 -7.10 -20.26
C ARG E 108 -14.71 -7.52 -18.80
N TYR E 109 -14.19 -6.67 -17.92
CA TYR E 109 -14.11 -6.98 -16.49
C TYR E 109 -14.91 -6.00 -15.65
N ARG E 110 -15.77 -6.52 -14.79
CA ARG E 110 -16.48 -5.69 -13.83
C ARG E 110 -16.42 -6.26 -12.41
N PHE E 111 -15.83 -5.50 -11.49
CA PHE E 111 -15.69 -5.92 -10.11
C PHE E 111 -16.50 -5.02 -9.19
N ASP E 112 -17.55 -5.57 -8.58
CA ASP E 112 -18.45 -4.79 -7.73
C ASP E 112 -18.19 -5.05 -6.24
N PHE E 113 -17.66 -4.05 -5.55
CA PHE E 113 -17.37 -4.16 -4.12
C PHE E 113 -18.52 -3.60 -3.28
N SER E 114 -18.96 -4.40 -2.31
CA SER E 114 -20.08 -4.04 -1.44
C SER E 114 -19.68 -4.03 0.03
N PRO E 115 -20.27 -3.11 0.81
CA PRO E 115 -19.98 -2.96 2.25
C PRO E 115 -20.54 -4.11 3.08
N LEU E 116 -19.75 -4.60 4.03
CA LEU E 116 -20.22 -5.57 5.01
C LEU E 116 -19.77 -5.15 6.41
N LYS E 117 -20.73 -4.86 7.28
CA LYS E 117 -20.40 -4.44 8.64
C LYS E 117 -21.35 -5.04 9.67
N GLY E 118 -20.77 -5.46 10.80
CA GLY E 118 -21.54 -5.99 11.90
C GLY E 118 -20.62 -6.41 13.04
N LYS E 119 -21.18 -6.52 14.24
CA LYS E 119 -20.41 -6.92 15.40
C LYS E 119 -19.89 -8.35 15.25
N ASP E 120 -20.73 -9.21 14.67
CA ASP E 120 -20.35 -10.58 14.37
C ASP E 120 -20.23 -10.72 12.86
N LEU E 121 -19.03 -11.03 12.38
CA LEU E 121 -18.77 -11.15 10.96
C LEU E 121 -19.63 -12.22 10.30
N GLU E 122 -19.63 -13.41 10.90
CA GLU E 122 -20.37 -14.55 10.37
C GLU E 122 -21.87 -14.26 10.33
N LYS E 123 -22.38 -13.70 11.42
CA LYS E 123 -23.79 -13.34 11.51
C LYS E 123 -24.17 -12.30 10.47
N ALA E 124 -23.26 -11.35 10.23
CA ALA E 124 -23.49 -10.31 9.24
C ALA E 124 -23.53 -10.87 7.83
N LEU E 125 -22.58 -11.75 7.53
CA LEU E 125 -22.53 -12.42 6.24
C LEU E 125 -23.81 -13.20 5.99
N ILE E 126 -24.21 -14.00 6.99
CA ILE E 126 -25.44 -14.77 6.91
C ILE E 126 -26.65 -13.88 6.67
N GLU E 127 -26.77 -12.83 7.48
CA GLU E 127 -27.88 -11.89 7.37
C GLU E 127 -27.94 -11.24 5.99
N ASP E 128 -26.77 -11.01 5.40
CA ASP E 128 -26.70 -10.45 4.05
C ASP E 128 -27.13 -11.48 3.00
N LEU E 129 -26.74 -12.72 3.20
CA LEU E 129 -27.03 -13.78 2.23
C LEU E 129 -28.52 -14.15 2.18
N LYS E 130 -29.25 -13.78 3.24
CA LYS E 130 -30.68 -14.07 3.29
C LYS E 130 -31.53 -12.98 2.64
N GLU E 131 -30.92 -11.83 2.37
CA GLU E 131 -31.63 -10.71 1.76
C GLU E 131 -31.54 -10.74 0.22
N ARG E 132 -30.73 -11.64 -0.30
CA ARG E 132 -30.54 -11.75 -1.74
C ARG E 132 -31.74 -12.41 -2.43
N ASP E 133 -31.87 -12.18 -3.73
CA ASP E 133 -33.04 -12.64 -4.50
C ASP E 133 -33.21 -14.16 -4.57
N PHE E 134 -32.19 -14.85 -5.09
CA PHE E 134 -32.31 -16.28 -5.34
C PHE E 134 -31.26 -17.09 -4.61
N THR E 135 -31.57 -18.37 -4.41
CA THR E 135 -30.67 -19.29 -3.69
C THR E 135 -29.32 -19.44 -4.40
N ALA E 136 -29.36 -19.53 -5.72
CA ALA E 136 -28.14 -19.67 -6.51
C ALA E 136 -27.20 -18.48 -6.33
N ASN E 137 -27.78 -17.31 -6.18
CA ASN E 137 -27.01 -16.07 -6.04
C ASN E 137 -26.61 -15.78 -4.60
N ALA E 138 -27.08 -16.60 -3.67
CA ALA E 138 -26.83 -16.37 -2.25
C ALA E 138 -25.60 -17.10 -1.72
N ILE E 139 -24.89 -17.79 -2.62
CA ILE E 139 -23.71 -18.55 -2.22
C ILE E 139 -22.47 -17.65 -2.18
N ALA E 140 -21.67 -17.81 -1.13
CA ALA E 140 -20.46 -16.99 -0.96
C ALA E 140 -19.29 -17.81 -0.43
N VAL E 141 -18.08 -17.46 -0.86
CA VAL E 141 -16.88 -18.12 -0.37
C VAL E 141 -15.91 -17.10 0.21
N ASN E 142 -15.04 -17.55 1.12
CA ASN E 142 -14.03 -16.69 1.70
C ASN E 142 -12.84 -16.52 0.76
N LEU E 143 -12.40 -15.27 0.59
CA LEU E 143 -11.34 -14.95 -0.37
C LEU E 143 -10.01 -15.61 -0.01
N ASP E 144 -9.77 -15.81 1.28
CA ASP E 144 -8.54 -16.44 1.73
C ASP E 144 -8.52 -17.92 1.38
N ASP E 145 -9.70 -18.51 1.21
CA ASP E 145 -9.81 -19.92 0.85
C ASP E 145 -9.81 -20.12 -0.67
N VAL E 146 -9.95 -19.02 -1.41
CA VAL E 146 -9.97 -19.09 -2.86
C VAL E 146 -8.58 -19.35 -3.41
N LEU E 147 -7.60 -18.60 -2.90
CA LEU E 147 -6.22 -18.82 -3.27
C LEU E 147 -5.48 -19.57 -2.17
N SER E 148 -5.18 -20.84 -2.44
CA SER E 148 -4.53 -21.71 -1.46
C SER E 148 -4.15 -23.04 -2.11
N THR E 154 -11.55 -24.53 1.44
CA THR E 154 -12.62 -23.89 0.68
C THR E 154 -13.97 -24.14 1.33
N ILE E 155 -14.26 -23.39 2.40
CA ILE E 155 -15.55 -23.50 3.07
C ILE E 155 -16.55 -22.52 2.46
N VAL E 156 -17.69 -23.05 2.02
CA VAL E 156 -18.69 -22.23 1.36
C VAL E 156 -19.85 -21.87 2.29
N TYR E 157 -20.39 -20.67 2.14
CA TYR E 157 -21.52 -20.21 2.94
C TYR E 157 -22.78 -20.16 2.10
N ASP E 158 -23.72 -21.07 2.37
CA ASP E 158 -25.00 -21.07 1.67
C ASP E 158 -26.17 -21.38 2.60
N PRO E 159 -26.57 -20.40 3.42
CA PRO E 159 -27.67 -20.57 4.38
C PRO E 159 -29.02 -20.74 3.68
N THR E 160 -29.09 -20.34 2.42
CA THR E 160 -30.32 -20.49 1.65
C THR E 160 -30.36 -21.82 0.92
N GLY E 161 -29.25 -22.55 0.97
CA GLY E 161 -29.14 -23.83 0.32
C GLY E 161 -29.17 -23.70 -1.20
N GLY E 162 -28.31 -22.84 -1.73
CA GLY E 162 -28.24 -22.61 -3.16
C GLY E 162 -27.67 -23.78 -3.93
N ILE E 163 -26.60 -24.37 -3.39
CA ILE E 163 -25.93 -25.49 -4.02
C ILE E 163 -26.87 -26.67 -4.24
N LYS E 164 -27.67 -26.97 -3.23
CA LYS E 164 -28.66 -28.05 -3.32
C LYS E 164 -29.65 -27.81 -4.46
N ASP E 165 -30.03 -26.56 -4.64
CA ASP E 165 -30.96 -26.20 -5.71
C ASP E 165 -30.28 -26.23 -7.08
N LEU E 166 -28.97 -26.02 -7.09
CA LEU E 166 -28.19 -26.10 -8.32
C LEU E 166 -27.94 -27.55 -8.70
N GLU E 167 -28.02 -28.44 -7.71
CA GLU E 167 -27.92 -29.87 -7.96
C GLU E 167 -29.17 -30.36 -8.67
N GLN E 168 -30.29 -29.72 -8.36
CA GLN E 168 -31.58 -30.08 -8.94
C GLN E 168 -31.92 -29.24 -10.16
N GLY E 169 -31.03 -28.30 -10.48
CA GLY E 169 -31.23 -27.43 -11.63
C GLY E 169 -32.45 -26.53 -11.48
N LEU E 170 -32.69 -26.06 -10.27
CA LEU E 170 -33.85 -25.24 -9.98
C LEU E 170 -33.42 -23.86 -9.48
N LEU E 171 -34.10 -22.82 -9.97
CA LEU E 171 -33.86 -21.48 -9.48
C LEU E 171 -34.99 -21.11 -8.51
N ARG E 172 -34.67 -21.08 -7.23
CA ARG E 172 -35.68 -20.86 -6.19
C ARG E 172 -35.41 -19.59 -5.39
N PRO E 173 -36.34 -18.62 -5.44
CA PRO E 173 -36.21 -17.39 -4.66
C PRO E 173 -36.08 -17.68 -3.17
N VAL E 174 -35.15 -16.99 -2.51
CA VAL E 174 -34.91 -17.17 -1.09
C VAL E 174 -36.20 -16.95 -0.30
N SER E 175 -36.91 -15.88 -0.64
CA SER E 175 -38.24 -15.61 -0.09
C SER E 175 -38.99 -14.72 -1.07
N ILE E 176 -40.32 -14.66 -0.92
CA ILE E 176 -41.14 -13.84 -1.80
C ILE E 176 -41.02 -12.36 -1.41
N GLU E 177 -40.80 -12.11 -0.13
CA GLU E 177 -40.63 -10.75 0.38
C GLU E 177 -39.37 -10.10 -0.20
N ASN E 178 -38.35 -10.90 -0.46
CA ASN E 178 -37.13 -10.40 -1.10
C ASN E 178 -37.38 -10.01 -2.54
N LEU E 179 -38.30 -10.73 -3.20
CA LEU E 179 -38.69 -10.41 -4.56
C LEU E 179 -39.53 -9.13 -4.60
N LYS E 180 -40.42 -8.99 -3.62
CA LYS E 180 -41.26 -7.81 -3.52
C LYS E 180 -40.45 -6.57 -3.15
N ARG E 181 -39.40 -6.77 -2.38
CA ARG E 181 -38.54 -5.68 -1.94
C ARG E 181 -37.92 -4.98 -3.13
N ASP E 182 -37.50 -5.76 -4.13
CA ASP E 182 -36.98 -5.23 -5.38
C ASP E 182 -37.63 -5.98 -6.55
N PRO E 183 -38.76 -5.45 -7.05
CA PRO E 183 -39.60 -6.10 -8.07
C PRO E 183 -38.85 -6.54 -9.32
N VAL E 184 -37.88 -5.75 -9.76
CA VAL E 184 -37.12 -6.04 -10.98
C VAL E 184 -36.48 -7.43 -10.96
N ARG E 185 -36.22 -7.94 -9.76
CA ARG E 185 -35.64 -9.27 -9.58
C ARG E 185 -36.46 -10.34 -10.30
N VAL E 186 -37.77 -10.13 -10.39
CA VAL E 186 -38.67 -11.07 -11.05
C VAL E 186 -38.24 -11.35 -12.49
N LEU E 187 -37.61 -10.37 -13.13
CA LEU E 187 -37.13 -10.54 -14.49
C LEU E 187 -35.81 -11.32 -14.52
N ARG E 188 -34.97 -11.06 -13.53
CA ARG E 188 -33.68 -11.74 -13.45
C ARG E 188 -33.90 -13.25 -13.38
N GLY E 189 -34.83 -13.64 -12.51
CA GLY E 189 -35.21 -15.04 -12.38
C GLY E 189 -35.66 -15.62 -13.71
N PHE E 190 -36.33 -14.82 -14.53
CA PHE E 190 -36.74 -15.26 -15.84
C PHE E 190 -35.55 -15.34 -16.78
N ARG E 191 -34.63 -14.38 -16.66
CA ARG E 191 -33.43 -14.38 -17.50
C ARG E 191 -32.48 -15.51 -17.12
N ILE E 192 -32.10 -15.53 -15.85
CA ILE E 192 -31.11 -16.49 -15.33
C ILE E 192 -31.52 -17.93 -15.65
N ALA E 193 -32.78 -18.24 -15.39
CA ALA E 193 -33.33 -19.56 -15.68
C ALA E 193 -33.03 -19.99 -17.12
N ILE E 194 -33.19 -19.05 -18.05
CA ILE E 194 -32.90 -19.32 -19.45
C ILE E 194 -31.40 -19.20 -19.74
N GLU E 195 -30.74 -18.32 -19.00
CA GLU E 195 -29.32 -18.04 -19.23
C GLU E 195 -28.45 -19.21 -18.77
N LYS E 196 -28.71 -19.70 -17.56
CA LYS E 196 -27.96 -20.81 -16.99
C LYS E 196 -28.65 -22.16 -17.19
N ASN E 197 -29.78 -22.15 -17.89
CA ASN E 197 -30.59 -23.35 -18.12
C ASN E 197 -31.07 -23.99 -16.82
N LEU E 198 -31.94 -23.28 -16.11
CA LEU E 198 -32.54 -23.78 -14.88
C LEU E 198 -34.06 -23.64 -14.96
N GLN E 199 -34.76 -24.39 -14.11
CA GLN E 199 -36.22 -24.32 -14.08
C GLN E 199 -36.70 -23.61 -12.83
N LEU E 200 -37.50 -22.55 -13.03
CA LEU E 200 -38.06 -21.79 -11.92
C LEU E 200 -39.04 -22.65 -11.12
N THR E 201 -39.04 -22.46 -9.80
CA THR E 201 -39.89 -23.25 -8.92
C THR E 201 -41.36 -22.82 -9.01
N GLU E 202 -42.21 -23.44 -8.21
CA GLU E 202 -43.64 -23.18 -8.26
C GLU E 202 -44.03 -21.85 -7.60
N ASP E 203 -43.45 -21.56 -6.45
CA ASP E 203 -43.78 -20.35 -5.71
C ASP E 203 -43.49 -19.07 -6.49
N PHE E 204 -42.45 -19.10 -7.31
CA PHE E 204 -42.13 -17.96 -8.17
C PHE E 204 -43.26 -17.71 -9.15
N TYR E 205 -43.64 -18.75 -9.89
CA TYR E 205 -44.72 -18.66 -10.87
C TYR E 205 -46.04 -18.26 -10.21
N GLU E 206 -46.21 -18.66 -8.95
CA GLU E 206 -47.40 -18.28 -8.19
C GLU E 206 -47.38 -16.78 -7.91
N PHE E 207 -46.24 -16.28 -7.45
CA PHE E 207 -46.08 -14.86 -7.18
C PHE E 207 -46.24 -14.02 -8.44
N VAL E 208 -45.82 -14.58 -9.57
CA VAL E 208 -46.00 -13.91 -10.86
C VAL E 208 -47.48 -13.92 -11.25
N LYS E 209 -48.17 -15.02 -10.94
CA LYS E 209 -49.59 -15.13 -11.21
C LYS E 209 -50.39 -14.11 -10.43
N GLU E 210 -50.04 -13.93 -9.16
CA GLU E 210 -50.75 -13.00 -8.28
C GLU E 210 -50.76 -11.57 -8.82
N ASP E 211 -49.59 -10.94 -8.86
CA ASP E 211 -49.50 -9.55 -9.32
C ASP E 211 -48.38 -9.35 -10.33
N PRO E 212 -48.68 -9.59 -11.62
CA PRO E 212 -47.71 -9.41 -12.69
C PRO E 212 -47.30 -7.94 -12.85
N ARG E 213 -48.10 -7.04 -12.31
CA ARG E 213 -47.90 -5.60 -12.49
C ARG E 213 -46.79 -5.05 -11.60
N ILE E 214 -46.42 -5.81 -10.57
CA ILE E 214 -45.42 -5.36 -9.60
C ILE E 214 -44.09 -4.94 -10.25
N VAL E 215 -43.78 -5.53 -11.40
CA VAL E 215 -42.56 -5.23 -12.14
C VAL E 215 -42.44 -3.74 -12.44
N LEU E 216 -43.58 -3.08 -12.57
CA LEU E 216 -43.61 -1.66 -12.91
C LEU E 216 -43.12 -0.76 -11.78
N LYS E 217 -43.06 -1.31 -10.56
CA LYS E 217 -42.64 -0.52 -9.41
C LYS E 217 -41.18 -0.09 -9.52
N SER E 218 -40.35 -0.99 -10.04
CA SER E 218 -38.92 -0.71 -10.21
C SER E 218 -38.66 0.25 -11.36
N ALA E 219 -37.47 0.85 -11.35
CA ALA E 219 -37.07 1.81 -12.39
C ALA E 219 -37.15 1.22 -13.79
N VAL E 220 -37.49 2.06 -14.76
CA VAL E 220 -37.70 1.62 -16.14
C VAL E 220 -36.44 1.11 -16.84
N GLU E 221 -35.36 1.88 -16.77
CA GLU E 221 -34.12 1.55 -17.46
C GLU E 221 -33.54 0.19 -17.05
N ARG E 222 -33.80 -0.21 -15.81
CA ARG E 222 -33.37 -1.51 -15.33
C ARG E 222 -34.18 -2.61 -16.02
N ILE E 223 -35.48 -2.37 -16.18
CA ILE E 223 -36.36 -3.29 -16.88
C ILE E 223 -35.91 -3.42 -18.33
N THR E 224 -35.59 -2.29 -18.95
CA THR E 224 -35.04 -2.26 -20.30
C THR E 224 -33.78 -3.11 -20.38
N HIS E 225 -32.91 -2.96 -19.39
CA HIS E 225 -31.64 -3.68 -19.33
C HIS E 225 -31.87 -5.19 -19.25
N GLU E 226 -32.74 -5.62 -18.34
CA GLU E 226 -33.00 -7.05 -18.16
C GLU E 226 -33.67 -7.64 -19.40
N LEU E 227 -34.59 -6.87 -19.99
CA LEU E 227 -35.26 -7.31 -21.22
C LEU E 227 -34.28 -7.51 -22.35
N PHE E 228 -33.37 -6.56 -22.53
CA PHE E 228 -32.33 -6.66 -23.55
C PHE E 228 -31.41 -7.84 -23.26
N LYS E 229 -31.10 -8.06 -22.00
CA LYS E 229 -30.27 -9.20 -21.59
C LYS E 229 -30.96 -10.52 -21.93
N ILE E 230 -32.29 -10.52 -21.87
CA ILE E 230 -33.06 -11.68 -22.29
C ILE E 230 -32.98 -11.85 -23.81
N MET E 231 -33.16 -10.75 -24.54
CA MET E 231 -33.10 -10.77 -25.99
C MET E 231 -31.71 -11.10 -26.53
N LYS E 232 -30.71 -11.05 -25.65
CA LYS E 232 -29.33 -11.33 -26.03
C LYS E 232 -29.16 -12.78 -26.51
N GLU E 233 -29.63 -13.72 -25.70
CA GLU E 233 -29.52 -15.14 -26.03
C GLU E 233 -30.51 -15.57 -27.11
N LYS E 234 -30.21 -16.69 -27.78
CA LYS E 234 -30.95 -17.11 -28.96
C LYS E 234 -32.18 -17.98 -28.64
N THR E 235 -32.37 -18.31 -27.38
CA THR E 235 -33.55 -19.06 -26.94
C THR E 235 -34.65 -18.12 -26.45
N ALA E 236 -34.42 -16.82 -26.63
CA ALA E 236 -35.25 -15.77 -26.02
C ALA E 236 -36.76 -15.83 -26.29
N HIS E 237 -37.17 -16.47 -27.38
CA HIS E 237 -38.58 -16.49 -27.74
C HIS E 237 -39.45 -17.22 -26.72
N LYS E 238 -38.89 -18.26 -26.11
CA LYS E 238 -39.61 -19.02 -25.10
C LYS E 238 -39.78 -18.17 -23.84
N VAL E 239 -38.78 -17.35 -23.54
CA VAL E 239 -38.84 -16.43 -22.42
C VAL E 239 -39.89 -15.36 -22.67
N ILE E 240 -39.92 -14.87 -23.90
CA ILE E 240 -40.92 -13.89 -24.30
C ILE E 240 -42.32 -14.47 -24.15
N ARG E 241 -42.48 -15.73 -24.53
CA ARG E 241 -43.75 -16.43 -24.36
C ARG E 241 -44.11 -16.54 -22.89
N GLU E 242 -43.10 -16.80 -22.06
CA GLU E 242 -43.29 -16.87 -20.61
C GLU E 242 -43.79 -15.55 -20.04
N LEU E 243 -43.16 -14.46 -20.46
CA LEU E 243 -43.49 -13.12 -19.96
C LEU E 243 -44.86 -12.67 -20.46
N TYR E 244 -45.21 -13.08 -21.68
CA TYR E 244 -46.51 -12.72 -22.24
C TYR E 244 -47.64 -13.48 -21.58
N GLU E 245 -47.48 -14.80 -21.47
CA GLU E 245 -48.51 -15.67 -20.92
C GLU E 245 -48.88 -15.34 -19.48
N TYR E 246 -47.92 -14.87 -18.71
CA TYR E 246 -48.15 -14.50 -17.32
C TYR E 246 -48.57 -13.05 -17.15
N GLY E 247 -48.53 -12.29 -18.24
CA GLY E 247 -49.02 -10.93 -18.23
C GLY E 247 -47.99 -9.88 -17.85
N VAL E 248 -46.75 -10.30 -17.63
CA VAL E 248 -45.69 -9.38 -17.28
C VAL E 248 -45.32 -8.50 -18.48
N LEU E 249 -45.09 -9.15 -19.62
CA LEU E 249 -44.76 -8.45 -20.86
C LEU E 249 -45.85 -7.47 -21.25
N GLU E 250 -47.11 -7.90 -21.07
CA GLU E 250 -48.26 -7.06 -21.38
C GLU E 250 -48.34 -5.87 -20.42
N ALA E 251 -47.84 -6.08 -19.21
CA ALA E 251 -47.87 -5.03 -18.19
C ALA E 251 -46.79 -3.99 -18.42
N ILE E 252 -45.63 -4.43 -18.89
CA ILE E 252 -44.53 -3.51 -19.20
C ILE E 252 -44.83 -2.78 -20.50
N ILE E 253 -45.36 -3.51 -21.48
CA ILE E 253 -45.71 -2.93 -22.77
C ILE E 253 -47.19 -3.21 -23.07
N PRO E 254 -48.07 -2.27 -22.70
CA PRO E 254 -49.52 -2.39 -22.90
C PRO E 254 -49.91 -2.53 -24.36
N GLU E 255 -49.00 -2.19 -25.27
CA GLU E 255 -49.26 -2.29 -26.70
C GLU E 255 -49.31 -3.74 -27.17
N ILE E 256 -48.67 -4.62 -26.40
CA ILE E 256 -48.60 -6.04 -26.75
C ILE E 256 -49.96 -6.73 -26.61
N GLY E 257 -50.69 -6.35 -25.58
CA GLY E 257 -52.01 -6.91 -25.34
C GLY E 257 -52.99 -6.61 -26.46
N ARG E 258 -52.81 -5.45 -27.09
CA ARG E 258 -53.69 -5.00 -28.17
C ARG E 258 -53.72 -5.95 -29.37
N LEU E 259 -52.77 -6.88 -29.43
CA LEU E 259 -52.74 -7.88 -30.48
C LEU E 259 -53.80 -8.97 -30.28
N ARG E 260 -54.46 -8.96 -29.12
CA ARG E 260 -55.46 -9.97 -28.79
C ARG E 260 -56.85 -9.61 -29.29
N GLU E 261 -57.04 -8.36 -29.71
CA GLU E 261 -58.35 -7.90 -30.17
C GLU E 261 -58.58 -8.22 -31.64
N VAL E 262 -57.53 -8.68 -32.32
CA VAL E 262 -57.64 -9.06 -33.72
C VAL E 262 -57.44 -10.56 -33.90
N LYS E 263 -58.45 -11.23 -34.42
CA LYS E 263 -58.41 -12.67 -34.60
C LYS E 263 -57.94 -13.01 -36.02
N ASP E 264 -56.75 -13.59 -36.12
CA ASP E 264 -56.15 -13.89 -37.41
C ASP E 264 -56.80 -15.10 -38.06
N PRO E 272 -54.97 -16.11 -34.63
CA PRO E 272 -54.39 -15.30 -33.56
C PRO E 272 -53.15 -14.54 -34.02
N LEU E 273 -53.12 -13.23 -33.75
CA LEU E 273 -51.99 -12.39 -34.15
C LEU E 273 -50.80 -12.51 -33.20
N ASP E 274 -51.07 -12.55 -31.90
CA ASP E 274 -50.02 -12.65 -30.90
C ASP E 274 -49.19 -13.92 -31.09
N GLU E 275 -49.88 -15.02 -31.38
CA GLU E 275 -49.24 -16.29 -31.67
C GLU E 275 -48.36 -16.14 -32.91
N HIS E 276 -48.85 -15.36 -33.88
CA HIS E 276 -48.09 -15.12 -35.10
C HIS E 276 -46.81 -14.33 -34.83
N THR E 277 -46.87 -13.39 -33.90
CA THR E 277 -45.68 -12.61 -33.55
C THR E 277 -44.68 -13.47 -32.77
N LEU E 278 -45.19 -14.29 -31.85
CA LEU E 278 -44.33 -15.20 -31.10
C LEU E 278 -43.62 -16.19 -32.01
N LYS E 279 -44.37 -16.77 -32.94
CA LYS E 279 -43.81 -17.71 -33.90
C LYS E 279 -42.87 -17.01 -34.88
N THR E 280 -43.17 -15.75 -35.18
CA THR E 280 -42.30 -14.95 -36.03
C THR E 280 -40.96 -14.75 -35.35
N LEU E 281 -41.00 -14.55 -34.03
CA LEU E 281 -39.79 -14.40 -33.23
C LEU E 281 -39.00 -15.70 -33.17
N GLU E 282 -39.71 -16.80 -32.93
CA GLU E 282 -39.09 -18.12 -32.88
C GLU E 282 -38.38 -18.46 -34.18
N TYR E 283 -39.10 -18.32 -35.28
CA TYR E 283 -38.54 -18.56 -36.61
C TYR E 283 -37.41 -17.58 -36.90
N LEU E 284 -37.49 -16.38 -36.35
CA LEU E 284 -36.43 -15.40 -36.51
C LEU E 284 -35.16 -15.89 -35.86
N GLU E 285 -35.29 -16.49 -34.68
CA GLU E 285 -34.13 -17.05 -33.99
C GLU E 285 -33.55 -18.24 -34.76
N GLN E 286 -34.44 -19.14 -35.19
CA GLN E 286 -34.01 -20.31 -35.96
C GLN E 286 -33.33 -19.93 -37.27
N VAL E 287 -33.71 -18.78 -37.81
CA VAL E 287 -33.08 -18.25 -39.01
C VAL E 287 -31.73 -17.62 -38.67
N ILE E 288 -31.70 -16.88 -37.55
CA ILE E 288 -30.47 -16.26 -37.06
C ILE E 288 -29.35 -17.30 -36.86
N GLU E 289 -29.72 -18.46 -36.35
CA GLU E 289 -28.77 -19.57 -36.23
C GLU E 289 -28.25 -19.99 -37.61
N ASP E 290 -29.15 -20.02 -38.58
CA ASP E 290 -28.82 -20.44 -39.95
C ASP E 290 -28.48 -19.28 -40.88
N ARG E 291 -28.37 -18.07 -40.31
CA ARG E 291 -28.25 -16.84 -41.09
C ARG E 291 -27.15 -16.84 -42.16
N ALA E 292 -26.16 -17.70 -41.99
CA ALA E 292 -25.04 -17.76 -42.93
C ALA E 292 -25.46 -18.21 -44.32
N LYS E 293 -26.41 -19.14 -44.39
CA LYS E 293 -26.99 -19.52 -45.70
C LYS E 293 -27.88 -18.51 -46.42
N TYR E 294 -28.82 -17.91 -45.70
CA TYR E 294 -29.79 -17.02 -46.33
C TYR E 294 -29.23 -15.71 -46.89
N LEU E 295 -28.36 -15.09 -46.12
CA LEU E 295 -27.76 -13.81 -46.49
C LEU E 295 -26.52 -13.97 -47.33
N SER E 296 -26.08 -12.89 -47.97
CA SER E 296 -24.80 -12.96 -48.67
C SER E 296 -23.65 -12.57 -47.77
N ALA E 297 -22.43 -12.61 -48.30
CA ALA E 297 -21.24 -12.31 -47.53
C ALA E 297 -21.16 -10.86 -47.10
N GLU E 298 -21.37 -9.95 -48.04
CA GLU E 298 -21.25 -8.52 -47.79
C GLU E 298 -22.29 -8.01 -46.79
N LEU E 299 -23.45 -8.66 -46.76
CA LEU E 299 -24.49 -8.29 -45.79
C LEU E 299 -24.17 -8.84 -44.41
N LEU E 300 -23.63 -10.06 -44.37
CA LEU E 300 -23.27 -10.70 -43.12
C LEU E 300 -21.99 -10.10 -42.52
N GLU E 301 -21.29 -9.30 -43.32
CA GLU E 301 -20.01 -8.74 -42.92
C GLU E 301 -20.11 -7.91 -41.63
N ASN E 302 -20.95 -6.88 -41.66
CA ASN E 302 -21.14 -6.02 -40.49
C ASN E 302 -22.34 -6.37 -39.62
N PHE E 303 -23.03 -7.46 -39.96
CA PHE E 303 -24.17 -7.92 -39.17
C PHE E 303 -23.79 -8.19 -37.72
N GLY E 304 -24.54 -7.61 -36.80
CA GLY E 304 -24.32 -7.83 -35.38
C GLY E 304 -23.16 -7.04 -34.80
N LYS E 305 -22.61 -6.12 -35.58
CA LYS E 305 -21.49 -5.30 -35.13
C LYS E 305 -21.94 -3.95 -34.58
N LYS E 306 -23.25 -3.70 -34.63
CA LYS E 306 -23.78 -2.41 -34.19
C LYS E 306 -24.01 -2.42 -32.68
N ARG E 307 -23.33 -1.53 -31.97
CA ARG E 307 -23.39 -1.51 -30.51
C ARG E 307 -24.48 -0.57 -29.99
N VAL E 308 -25.48 -1.13 -29.33
CA VAL E 308 -26.53 -0.28 -28.81
C VAL E 308 -26.54 -0.42 -27.31
N LEU E 309 -26.41 0.69 -26.62
CA LEU E 309 -26.49 0.68 -25.18
C LEU E 309 -25.19 0.19 -24.57
N GLY E 310 -24.18 0.03 -25.41
CA GLY E 310 -22.81 -0.15 -24.97
C GLY E 310 -22.44 -1.56 -24.57
N GLU E 311 -23.42 -2.44 -24.60
CA GLU E 311 -23.26 -3.89 -24.42
C GLU E 311 -24.10 -4.77 -25.35
N PHE E 312 -24.94 -4.18 -26.19
CA PHE E 312 -25.89 -4.95 -26.98
C PHE E 312 -25.73 -4.74 -28.48
N THR E 313 -26.30 -5.64 -29.26
CA THR E 313 -26.16 -5.60 -30.72
C THR E 313 -27.49 -5.27 -31.38
N ASP E 314 -27.49 -5.21 -32.71
CA ASP E 314 -28.70 -4.94 -33.47
C ASP E 314 -29.52 -6.20 -33.69
N VAL E 315 -29.00 -7.32 -33.22
CA VAL E 315 -29.72 -8.60 -33.29
C VAL E 315 -30.89 -8.59 -32.31
N GLU E 316 -30.63 -8.07 -31.11
CA GLU E 316 -31.67 -7.90 -30.11
C GLU E 316 -32.75 -6.96 -30.65
N LEU E 317 -32.31 -5.92 -31.35
CA LEU E 317 -33.21 -4.96 -31.97
C LEU E 317 -33.99 -5.62 -33.12
N LEU E 318 -33.41 -6.66 -33.70
CA LEU E 318 -34.07 -7.42 -34.75
C LEU E 318 -35.18 -8.26 -34.12
N LYS E 319 -34.90 -8.82 -32.95
CA LYS E 319 -35.88 -9.62 -32.24
C LYS E 319 -37.05 -8.76 -31.75
N TRP E 320 -36.72 -7.57 -31.21
CA TRP E 320 -37.73 -6.59 -30.85
C TRP E 320 -38.52 -6.19 -32.10
N GLY E 321 -37.83 -6.11 -33.22
CA GLY E 321 -38.46 -5.79 -34.48
C GLY E 321 -39.42 -6.87 -34.93
N ALA E 322 -39.14 -8.11 -34.56
CA ALA E 322 -40.00 -9.24 -34.90
C ALA E 322 -41.22 -9.29 -33.99
N LEU E 323 -41.02 -8.98 -32.73
CA LEU E 323 -42.14 -8.92 -31.78
C LEU E 323 -43.07 -7.78 -32.16
N PHE E 324 -42.47 -6.67 -32.60
CA PHE E 324 -43.22 -5.46 -32.93
C PHE E 324 -43.57 -5.38 -34.42
N HIS E 325 -43.25 -6.42 -35.18
CA HIS E 325 -43.38 -6.36 -36.64
C HIS E 325 -44.78 -5.92 -37.11
N ASP E 326 -45.83 -6.47 -36.52
CA ASP E 326 -47.12 -5.81 -36.58
C ASP E 326 -47.56 -5.42 -35.18
N ILE E 327 -47.41 -4.15 -34.83
CA ILE E 327 -48.06 -3.61 -33.64
C ILE E 327 -49.26 -2.75 -34.04
N GLY E 328 -49.43 -2.56 -35.35
CA GLY E 328 -50.39 -1.59 -35.86
C GLY E 328 -51.65 -2.19 -36.44
N LYS E 329 -51.74 -3.51 -36.43
CA LYS E 329 -52.94 -4.19 -36.92
C LYS E 329 -54.21 -3.87 -36.11
N PRO E 330 -54.11 -3.83 -34.76
CA PRO E 330 -55.29 -3.38 -34.02
C PRO E 330 -55.58 -1.88 -34.22
N GLN E 331 -54.57 -1.13 -34.66
CA GLN E 331 -54.73 0.32 -34.88
C GLN E 331 -55.60 0.61 -36.10
N THR E 332 -55.26 0.01 -37.23
CA THR E 332 -55.97 0.26 -38.48
C THR E 332 -56.39 -1.05 -39.15
N PHE E 333 -57.70 -1.19 -39.36
CA PHE E 333 -58.24 -2.40 -39.97
C PHE E 333 -59.55 -2.10 -40.72
N ALA E 334 -60.12 -3.14 -41.33
CA ALA E 334 -61.36 -2.99 -42.07
C ALA E 334 -62.13 -4.31 -42.15
N PHE E 342 -55.41 -3.61 -43.06
CA PHE E 342 -54.28 -2.96 -42.41
C PHE E 342 -53.37 -2.30 -43.45
N TYR E 343 -53.85 -1.24 -44.08
CA TYR E 343 -53.08 -0.58 -45.13
C TYR E 343 -51.87 0.20 -44.61
N GLU E 344 -52.11 1.11 -43.68
CA GLU E 344 -51.06 1.98 -43.15
C GLU E 344 -50.44 1.49 -41.84
N HIS E 345 -50.81 0.28 -41.43
CA HIS E 345 -50.42 -0.26 -40.13
C HIS E 345 -48.91 -0.29 -39.87
N ASP E 346 -48.10 -0.24 -40.93
CA ASP E 346 -46.65 -0.22 -40.77
C ASP E 346 -46.14 1.15 -40.31
N LYS E 347 -46.77 2.21 -40.82
CA LYS E 347 -46.42 3.57 -40.43
C LYS E 347 -46.83 3.83 -38.98
N VAL E 348 -48.09 3.53 -38.68
CA VAL E 348 -48.62 3.64 -37.33
C VAL E 348 -47.81 2.74 -36.39
N GLY E 349 -47.37 1.61 -36.92
CA GLY E 349 -46.52 0.69 -36.18
C GLY E 349 -45.21 1.33 -35.82
N ALA E 350 -44.62 2.03 -36.78
CA ALA E 350 -43.36 2.74 -36.56
C ALA E 350 -43.54 3.82 -35.50
N GLN E 351 -44.67 4.51 -35.55
CA GLN E 351 -44.98 5.53 -34.55
C GLN E 351 -45.08 4.92 -33.15
N ILE E 352 -45.81 3.81 -33.04
CA ILE E 352 -45.97 3.12 -31.77
C ILE E 352 -44.63 2.65 -31.21
N VAL E 353 -43.80 2.06 -32.07
CA VAL E 353 -42.47 1.63 -31.66
C VAL E 353 -41.65 2.82 -31.15
N ARG E 354 -41.74 3.93 -31.87
CA ARG E 354 -41.08 5.17 -31.46
C ARG E 354 -41.52 5.56 -30.05
N GLU E 355 -42.81 5.45 -29.79
CA GLU E 355 -43.36 5.80 -28.48
C GLU E 355 -42.93 4.82 -27.38
N ILE E 356 -42.76 3.55 -27.74
CA ILE E 356 -42.28 2.55 -26.78
C ILE E 356 -40.83 2.85 -26.41
N GLY E 357 -40.04 3.17 -27.42
CA GLY E 357 -38.64 3.53 -27.22
C GLY E 357 -38.50 4.78 -26.37
N GLU E 358 -39.38 5.75 -26.60
CA GLU E 358 -39.41 6.97 -25.80
C GLU E 358 -39.79 6.65 -24.36
N ARG E 359 -40.79 5.78 -24.21
CA ARG E 359 -41.34 5.44 -22.89
C ARG E 359 -40.37 4.62 -22.05
N LEU E 360 -39.68 3.68 -22.68
CA LEU E 360 -38.77 2.80 -21.95
C LEU E 360 -37.34 3.31 -21.92
N ARG E 361 -37.13 4.51 -22.44
CA ARG E 361 -35.81 5.16 -22.46
C ARG E 361 -34.73 4.32 -23.15
N TRP E 362 -35.01 3.88 -24.38
CA TRP E 362 -34.01 3.20 -25.16
C TRP E 362 -33.08 4.24 -25.79
N GLY E 363 -32.08 3.78 -26.53
CA GLY E 363 -31.23 4.68 -27.29
C GLY E 363 -32.04 5.25 -28.43
N ASP E 364 -31.85 6.54 -28.73
CA ASP E 364 -32.58 7.16 -29.83
C ASP E 364 -32.26 6.46 -31.13
N GLU E 365 -31.00 6.11 -31.32
CA GLU E 365 -30.57 5.33 -32.48
C GLU E 365 -31.19 3.94 -32.45
N ALA E 366 -31.33 3.39 -31.25
CA ALA E 366 -31.94 2.06 -31.07
C ALA E 366 -33.42 2.06 -31.43
N THR E 367 -34.17 2.96 -30.79
CA THR E 367 -35.61 3.04 -31.02
C THR E 367 -35.91 3.46 -32.46
N GLU E 368 -35.05 4.28 -33.04
CA GLU E 368 -35.21 4.68 -34.42
C GLU E 368 -34.90 3.51 -35.34
N PHE E 369 -33.95 2.67 -34.91
CA PHE E 369 -33.61 1.47 -35.67
C PHE E 369 -34.78 0.51 -35.70
N VAL E 370 -35.37 0.24 -34.54
CA VAL E 370 -36.50 -0.67 -34.45
C VAL E 370 -37.71 -0.11 -35.19
N ALA E 371 -37.94 1.19 -35.04
CA ALA E 371 -39.05 1.86 -35.71
C ALA E 371 -38.91 1.80 -37.23
N LYS E 372 -37.68 1.98 -37.71
CA LYS E 372 -37.38 1.91 -39.13
C LYS E 372 -37.48 0.47 -39.61
N LEU E 373 -37.25 -0.47 -38.70
CA LEU E 373 -37.32 -1.89 -39.02
C LEU E 373 -38.77 -2.35 -39.15
N VAL E 374 -39.64 -1.74 -38.36
CA VAL E 374 -41.07 -2.03 -38.42
C VAL E 374 -41.72 -1.33 -39.61
N ARG E 375 -41.28 -0.10 -39.86
CA ARG E 375 -41.81 0.72 -40.95
C ARG E 375 -41.70 0.02 -42.31
N HIS E 376 -40.51 -0.48 -42.62
CA HIS E 376 -40.24 -1.12 -43.90
C HIS E 376 -40.41 -2.64 -43.87
N HIS E 377 -40.92 -3.16 -42.76
CA HIS E 377 -41.00 -4.61 -42.54
C HIS E 377 -41.71 -5.40 -43.65
N LEU E 378 -42.66 -4.75 -44.32
CA LEU E 378 -43.41 -5.42 -45.38
C LEU E 378 -42.87 -5.16 -46.79
N ARG E 379 -41.78 -4.40 -46.87
CA ARG E 379 -41.16 -4.07 -48.16
C ARG E 379 -40.72 -5.28 -49.02
N PRO E 380 -39.99 -6.25 -48.42
CA PRO E 380 -39.56 -7.38 -49.25
C PRO E 380 -40.72 -8.22 -49.77
N PHE E 381 -41.87 -8.11 -49.13
CA PHE E 381 -43.06 -8.84 -49.57
C PHE E 381 -43.65 -8.21 -50.82
N PHE E 382 -43.60 -6.88 -50.89
CA PHE E 382 -44.08 -6.17 -52.08
C PHE E 382 -43.06 -6.27 -53.21
N LEU E 383 -41.78 -6.32 -52.87
CA LEU E 383 -40.73 -6.52 -53.86
C LEU E 383 -40.83 -7.93 -54.45
N ARG E 384 -41.08 -8.90 -53.58
CA ARG E 384 -41.28 -10.28 -54.01
C ARG E 384 -42.54 -10.39 -54.87
N GLU E 385 -43.61 -9.72 -54.44
CA GLU E 385 -44.88 -9.78 -55.15
C GLU E 385 -44.76 -9.12 -56.53
N ALA E 386 -43.92 -8.10 -56.62
CA ALA E 386 -43.66 -7.45 -57.90
C ALA E 386 -42.70 -8.28 -58.74
N PHE E 387 -41.94 -9.15 -58.07
CA PHE E 387 -41.01 -10.03 -58.76
C PHE E 387 -41.72 -11.23 -59.38
N LYS E 388 -42.76 -11.71 -58.71
CA LYS E 388 -43.51 -12.88 -59.16
C LYS E 388 -44.28 -12.60 -60.44
N LYS E 389 -44.55 -11.33 -60.71
CA LYS E 389 -45.22 -10.92 -61.94
C LYS E 389 -44.19 -10.52 -62.99
N GLY E 390 -42.92 -10.53 -62.61
CA GLY E 390 -41.84 -10.18 -63.51
C GLY E 390 -41.79 -8.68 -63.81
N GLU E 391 -42.53 -7.91 -63.01
CA GLU E 391 -42.61 -6.46 -63.22
C GLU E 391 -41.57 -5.70 -62.41
N LEU E 392 -40.74 -6.43 -61.67
CA LEU E 392 -39.69 -5.82 -60.87
C LEU E 392 -38.55 -5.30 -61.75
N LYS E 393 -38.23 -4.02 -61.59
CA LYS E 393 -37.20 -3.38 -62.40
C LYS E 393 -36.15 -2.71 -61.54
N ARG E 394 -35.03 -2.33 -62.15
CA ARG E 394 -33.91 -1.71 -61.45
C ARG E 394 -34.30 -0.42 -60.72
N ARG E 395 -35.41 0.18 -61.11
CA ARG E 395 -35.93 1.37 -60.44
C ARG E 395 -36.26 1.07 -58.98
N GLY E 396 -37.11 0.07 -58.76
CA GLY E 396 -37.52 -0.32 -57.43
C GLY E 396 -36.38 -0.82 -56.57
N MET E 397 -35.39 -1.46 -57.21
CA MET E 397 -34.23 -1.95 -56.50
C MET E 397 -33.36 -0.78 -56.04
N ALA E 398 -33.16 0.18 -56.94
CA ALA E 398 -32.42 1.39 -56.62
C ALA E 398 -33.10 2.14 -55.48
N ASN E 399 -34.42 2.21 -55.54
CA ASN E 399 -35.19 2.85 -54.48
C ASN E 399 -35.04 2.10 -53.15
N PHE E 400 -35.02 0.77 -53.22
CA PHE E 400 -34.87 -0.06 -52.04
C PHE E 400 -33.52 0.17 -51.37
N TRP E 401 -32.46 0.19 -52.17
CA TRP E 401 -31.12 0.33 -51.62
C TRP E 401 -30.78 1.78 -51.25
N ARG E 402 -31.43 2.73 -51.93
CA ARG E 402 -31.37 4.11 -51.53
C ARG E 402 -32.12 4.36 -50.23
N GLU E 403 -33.33 3.81 -50.15
CA GLU E 403 -34.23 4.07 -49.04
C GLU E 403 -33.72 3.56 -47.71
N CYS E 404 -33.25 2.32 -47.72
CA CYS E 404 -32.72 1.71 -46.52
C CYS E 404 -31.76 0.61 -46.91
N GLY E 405 -30.48 0.87 -46.80
CA GLY E 405 -29.46 -0.12 -47.10
C GLY E 405 -28.83 -0.67 -45.83
N ASP E 406 -29.05 0.03 -44.73
CA ASP E 406 -28.45 -0.34 -43.44
C ASP E 406 -29.24 -1.44 -42.73
N ILE E 407 -30.56 -1.41 -42.88
CA ILE E 407 -31.43 -2.40 -42.23
C ILE E 407 -31.72 -3.58 -43.14
N ALA E 408 -31.10 -3.58 -44.32
CA ALA E 408 -31.32 -4.62 -45.33
C ALA E 408 -31.15 -6.08 -44.86
N PRO E 409 -30.04 -6.40 -44.17
CA PRO E 409 -29.91 -7.78 -43.70
C PRO E 409 -31.01 -8.14 -42.71
N HIS E 410 -31.27 -7.24 -41.78
CA HIS E 410 -32.28 -7.43 -40.75
C HIS E 410 -33.67 -7.50 -41.37
N LEU E 411 -33.91 -6.68 -42.38
CA LEU E 411 -35.18 -6.65 -43.07
C LEU E 411 -35.40 -7.96 -43.84
N PHE E 412 -34.30 -8.51 -44.35
CA PHE E 412 -34.36 -9.78 -45.08
C PHE E 412 -34.66 -10.94 -44.14
N LEU E 413 -33.91 -11.02 -43.04
CA LEU E 413 -34.14 -12.08 -42.05
C LEU E 413 -35.55 -11.98 -41.46
N LEU E 414 -36.01 -10.76 -41.24
CA LEU E 414 -37.35 -10.52 -40.71
C LEU E 414 -38.41 -10.91 -41.72
N SER E 415 -38.14 -10.66 -43.00
CA SER E 415 -39.07 -11.02 -44.07
C SER E 415 -39.20 -12.53 -44.17
N ILE E 416 -38.06 -13.21 -44.12
CA ILE E 416 -38.05 -14.67 -44.16
C ILE E 416 -38.76 -15.26 -42.94
N ALA E 417 -38.53 -14.65 -41.78
CA ALA E 417 -39.17 -15.09 -40.55
C ALA E 417 -40.69 -14.95 -40.61
N ASP E 418 -41.14 -13.79 -41.10
CA ASP E 418 -42.57 -13.52 -41.21
C ASP E 418 -43.20 -14.44 -42.24
N ALA E 419 -42.45 -14.74 -43.29
CA ALA E 419 -42.90 -15.66 -44.33
C ALA E 419 -43.07 -17.06 -43.77
N MET E 420 -42.15 -17.44 -42.88
CA MET E 420 -42.22 -18.75 -42.22
C MET E 420 -43.39 -18.80 -41.24
N ALA E 421 -43.66 -17.69 -40.57
CA ALA E 421 -44.72 -17.65 -39.58
C ALA E 421 -46.10 -17.55 -40.22
N SER E 422 -46.14 -17.06 -41.46
CA SER E 422 -47.40 -16.96 -42.19
C SER E 422 -47.81 -18.30 -42.80
N GLY E 423 -46.85 -19.22 -42.92
CA GLY E 423 -47.11 -20.52 -43.48
C GLY E 423 -47.31 -20.48 -44.98
N ASP E 424 -46.40 -19.81 -45.68
CA ASP E 424 -46.48 -19.70 -47.13
C ASP E 424 -46.20 -21.04 -47.80
N GLU E 425 -46.67 -21.17 -49.04
CA GLU E 425 -46.35 -22.34 -49.85
C GLU E 425 -44.87 -22.30 -50.23
N GLU E 426 -44.32 -23.46 -50.59
CA GLU E 426 -42.90 -23.57 -50.92
C GLU E 426 -42.49 -22.61 -52.03
N GLU E 427 -43.32 -22.53 -53.07
CA GLU E 427 -43.08 -21.66 -54.21
C GLU E 427 -42.95 -20.19 -53.78
N ASP E 428 -43.77 -19.79 -52.81
CA ASP E 428 -43.77 -18.42 -52.32
C ASP E 428 -42.46 -18.06 -51.65
N ILE E 429 -42.04 -18.88 -50.70
CA ILE E 429 -40.79 -18.64 -49.96
C ILE E 429 -39.58 -18.72 -50.89
N LYS E 430 -39.59 -19.70 -51.79
CA LYS E 430 -38.49 -19.86 -52.74
C LYS E 430 -38.38 -18.61 -53.62
N ALA E 431 -39.53 -18.12 -54.07
CA ALA E 431 -39.58 -16.89 -54.86
C ALA E 431 -39.08 -15.70 -54.05
N LEU E 432 -39.36 -15.70 -52.76
CA LEU E 432 -38.89 -14.64 -51.87
C LEU E 432 -37.37 -14.62 -51.79
N MET E 433 -36.79 -15.78 -51.48
CA MET E 433 -35.34 -15.91 -51.39
C MET E 433 -34.66 -15.62 -52.73
N GLU E 434 -35.34 -15.92 -53.83
CA GLU E 434 -34.83 -15.55 -55.15
C GLU E 434 -34.86 -14.05 -55.36
N THR E 435 -35.91 -13.39 -54.85
CA THR E 435 -36.00 -11.94 -54.94
C THR E 435 -34.86 -11.29 -54.16
N ILE E 436 -34.63 -11.78 -52.95
CA ILE E 436 -33.53 -11.32 -52.12
C ILE E 436 -32.20 -11.54 -52.84
N ALA E 437 -32.07 -12.69 -53.48
CA ALA E 437 -30.87 -13.03 -54.25
C ALA E 437 -30.62 -12.02 -55.35
N GLU E 438 -31.67 -11.68 -56.09
CA GLU E 438 -31.56 -10.71 -57.18
C GLU E 438 -31.24 -9.31 -56.66
N LEU E 439 -31.77 -8.99 -55.49
CA LEU E 439 -31.50 -7.69 -54.86
C LEU E 439 -30.02 -7.57 -54.47
N GLU E 440 -29.54 -8.55 -53.73
CA GLU E 440 -28.13 -8.59 -53.32
C GLU E 440 -27.22 -8.59 -54.54
N SER E 441 -27.58 -9.37 -55.55
CA SER E 441 -26.82 -9.45 -56.78
C SER E 441 -26.82 -8.11 -57.52
N PHE E 442 -27.90 -7.36 -57.36
CA PHE E 442 -28.02 -6.05 -57.98
C PHE E 442 -27.13 -5.02 -57.30
N ASN E 443 -27.19 -4.98 -55.98
CA ASN E 443 -26.41 -3.99 -55.24
C ASN E 443 -24.91 -4.31 -55.21
N ARG E 444 -24.56 -5.58 -55.29
CA ARG E 444 -23.16 -6.00 -55.21
C ARG E 444 -22.34 -5.51 -56.39
N ASN E 445 -22.93 -5.52 -57.58
CA ASN E 445 -22.21 -5.13 -58.80
C ASN E 445 -22.73 -3.87 -59.49
N GLU E 446 -23.97 -3.91 -59.96
CA GLU E 446 -24.54 -2.81 -60.74
C GLU E 446 -24.63 -1.48 -59.98
N MET E 447 -24.47 -1.53 -58.66
CA MET E 447 -24.44 -0.32 -57.86
C MET E 447 -23.01 0.02 -57.45
N LYS E 448 -22.47 1.10 -58.01
CA LYS E 448 -21.13 1.54 -57.70
C LYS E 448 -21.09 3.02 -57.34
N UNK E 473 -34.07 27.33 -53.06
CA UNK E 473 -32.70 27.22 -53.53
C UNK E 473 -32.32 25.77 -53.74
N UNK E 474 -33.31 24.96 -54.09
CA UNK E 474 -33.08 23.54 -54.35
C UNK E 474 -32.30 23.37 -55.64
N UNK E 475 -31.95 24.48 -56.28
CA UNK E 475 -31.33 24.37 -57.60
C UNK E 475 -30.10 23.47 -57.58
N UNK E 476 -29.20 23.73 -56.64
CA UNK E 476 -27.97 22.94 -56.52
C UNK E 476 -28.26 21.50 -56.13
N UNK E 477 -29.29 21.31 -55.30
CA UNK E 477 -29.68 19.98 -54.86
C UNK E 477 -30.26 19.17 -56.02
N UNK E 478 -31.18 19.76 -56.76
CA UNK E 478 -31.78 19.10 -57.91
C UNK E 478 -30.73 18.82 -58.97
N UNK E 479 -29.78 19.75 -59.11
CA UNK E 479 -28.68 19.58 -60.07
C UNK E 479 -27.79 18.40 -59.66
N UNK E 480 -27.51 18.30 -58.37
CA UNK E 480 -26.68 17.21 -57.86
C UNK E 480 -27.37 15.87 -58.03
N UNK E 481 -28.66 15.82 -57.72
CA UNK E 481 -29.45 14.61 -57.86
C UNK E 481 -29.51 14.16 -59.32
N UNK E 482 -29.80 15.11 -60.21
CA UNK E 482 -29.88 14.82 -61.64
C UNK E 482 -28.53 14.39 -62.20
N UNK E 483 -27.46 14.96 -61.63
CA UNK E 483 -26.10 14.60 -62.05
C UNK E 483 -25.77 13.17 -61.63
N UNK E 484 -26.11 12.83 -60.39
CA UNK E 484 -25.88 11.48 -59.88
C UNK E 484 -26.73 10.46 -60.61
N UNK E 485 -27.90 10.89 -61.07
CA UNK E 485 -28.80 10.01 -61.81
C UNK E 485 -28.31 9.80 -63.24
N UNK E 486 -27.79 10.86 -63.85
CA UNK E 486 -27.33 10.80 -65.24
C UNK E 486 -25.96 10.15 -65.36
N UNK E 487 -25.18 10.18 -64.30
CA UNK E 487 -23.85 9.59 -64.29
C UNK E 487 -23.90 8.08 -64.45
N UNK E 488 -24.81 7.45 -63.72
CA UNK E 488 -24.98 6.00 -63.77
C UNK E 488 -25.81 5.59 -64.99
N UNK E 492 -17.69 16.57 -68.89
CA UNK E 492 -19.11 16.53 -69.25
C UNK E 492 -19.86 17.70 -68.63
N UNK E 493 -19.28 18.88 -68.71
CA UNK E 493 -19.89 20.09 -68.16
C UNK E 493 -21.00 20.61 -69.06
N UNK E 494 -20.97 20.21 -70.33
CA UNK E 494 -21.99 20.60 -71.30
C UNK E 494 -23.35 20.04 -70.89
N UNK E 495 -23.34 18.86 -70.29
CA UNK E 495 -24.56 18.25 -69.79
C UNK E 495 -25.12 19.04 -68.62
N UNK E 496 -24.23 19.64 -67.84
CA UNK E 496 -24.63 20.46 -66.70
C UNK E 496 -25.21 21.79 -67.18
N UNK E 497 -24.59 22.36 -68.22
CA UNK E 497 -25.07 23.60 -68.81
C UNK E 497 -26.45 23.38 -69.43
N UNK E 498 -26.61 22.27 -70.13
CA UNK E 498 -27.89 21.91 -70.73
C UNK E 498 -28.94 21.62 -69.68
N UNK E 499 -28.49 21.06 -68.55
CA UNK E 499 -29.38 20.78 -67.43
C UNK E 499 -29.86 22.08 -66.80
N UNK E 500 -28.99 23.08 -66.79
CA UNK E 500 -29.34 24.40 -66.27
C UNK E 500 -30.32 25.10 -67.20
N UNK E 501 -30.05 25.01 -68.50
CA UNK E 501 -30.92 25.59 -69.51
C UNK E 501 -32.29 24.94 -69.50
N UNK E 502 -32.32 23.64 -69.17
CA UNK E 502 -33.57 22.90 -69.07
C UNK E 502 -34.28 23.20 -67.75
N UNK E 503 -33.50 23.55 -66.73
CA UNK E 503 -34.05 23.89 -65.42
C UNK E 503 -34.64 25.29 -65.41
N UNK E 504 -34.14 26.14 -66.30
CA UNK E 504 -34.65 27.50 -66.42
C UNK E 504 -36.09 27.50 -66.91
N UNK E 505 -36.43 26.53 -67.75
CA UNK E 505 -37.78 26.40 -68.28
C UNK E 505 -38.66 25.54 -67.38
N UNK F 5 -31.30 -44.31 -55.71
CA UNK F 5 -31.41 -43.08 -54.95
C UNK F 5 -32.31 -43.26 -53.74
N UNK F 6 -32.10 -42.44 -52.70
CA UNK F 6 -32.89 -42.53 -51.49
C UNK F 6 -33.46 -41.17 -51.10
N UNK F 7 -34.44 -41.18 -50.20
CA UNK F 7 -35.08 -39.95 -49.75
C UNK F 7 -34.69 -39.62 -48.31
N LEU F 17 -34.84 -26.27 -49.44
CA LEU F 17 -34.90 -25.41 -48.26
C LEU F 17 -33.88 -25.84 -47.21
N ASN F 18 -33.69 -27.14 -47.08
CA ASN F 18 -32.81 -27.70 -46.06
C ASN F 18 -31.34 -27.42 -46.34
N PHE F 19 -30.91 -27.68 -47.57
CA PHE F 19 -29.50 -27.56 -47.95
C PHE F 19 -29.16 -26.21 -48.57
N TYR F 20 -30.13 -25.31 -48.59
CA TYR F 20 -29.99 -24.03 -49.29
C TYR F 20 -28.79 -23.18 -48.86
N LEU F 21 -28.18 -22.53 -49.84
CA LEU F 21 -27.14 -21.54 -49.59
C LEU F 21 -27.32 -20.39 -50.57
N SER F 22 -27.10 -19.17 -50.09
CA SER F 22 -27.37 -17.96 -50.87
C SER F 22 -26.64 -17.90 -52.21
N TYR F 23 -25.48 -18.55 -52.30
CA TYR F 23 -24.65 -18.48 -53.50
C TYR F 23 -24.94 -19.57 -54.53
N PHE F 24 -25.86 -20.46 -54.22
CA PHE F 24 -26.26 -21.49 -55.18
C PHE F 24 -27.08 -20.87 -56.30
N ASP F 25 -27.85 -19.84 -55.97
CA ASP F 25 -28.63 -19.10 -56.95
C ASP F 25 -27.71 -18.41 -57.95
N ASP F 26 -26.59 -17.90 -57.47
CA ASP F 26 -25.61 -17.25 -58.33
C ASP F 26 -24.86 -18.28 -59.18
N VAL F 27 -24.76 -19.50 -58.66
CA VAL F 27 -24.17 -20.60 -59.40
C VAL F 27 -25.07 -20.98 -60.58
N ALA F 28 -26.35 -21.17 -60.29
CA ALA F 28 -27.32 -21.60 -61.30
C ALA F 28 -27.46 -20.61 -62.45
N LYS F 29 -27.27 -19.34 -62.20
CA LYS F 29 -27.33 -18.37 -63.29
C LYS F 29 -26.22 -18.57 -64.30
N VAL F 30 -25.00 -18.78 -63.83
CA VAL F 30 -23.84 -18.97 -64.71
C VAL F 30 -23.87 -20.24 -65.53
N LEU F 31 -24.26 -21.34 -64.91
CA LEU F 31 -24.22 -22.62 -65.55
C LEU F 31 -25.20 -22.63 -66.71
N PRO F 32 -24.81 -23.29 -67.79
CA PRO F 32 -25.71 -23.38 -68.95
C PRO F 32 -26.93 -24.26 -68.67
N ARG F 33 -28.02 -24.01 -69.39
CA ARG F 33 -29.27 -24.73 -69.20
C ARG F 33 -29.14 -26.22 -69.50
N GLU F 34 -28.31 -26.56 -70.47
CA GLU F 34 -28.15 -27.95 -70.90
C GLU F 34 -27.23 -28.76 -69.99
N HIS F 35 -26.39 -28.07 -69.23
CA HIS F 35 -25.43 -28.75 -68.35
C HIS F 35 -25.99 -28.93 -66.94
N TYR F 36 -25.69 -30.07 -66.34
CA TYR F 36 -26.23 -30.41 -65.02
C TYR F 36 -25.14 -30.39 -63.94
N CYS F 37 -25.54 -30.08 -62.71
CA CYS F 37 -24.61 -29.96 -61.60
C CYS F 37 -25.18 -30.53 -60.30
N PHE F 38 -24.29 -31.08 -59.47
CA PHE F 38 -24.67 -31.69 -58.20
C PHE F 38 -23.82 -31.15 -57.07
N ILE F 39 -24.29 -31.37 -55.84
CA ILE F 39 -23.54 -30.99 -54.64
C ILE F 39 -23.20 -32.24 -53.83
N VAL F 40 -21.91 -32.43 -53.58
CA VAL F 40 -21.41 -33.62 -52.89
C VAL F 40 -20.53 -33.19 -51.72
N GLY F 41 -20.21 -34.13 -50.83
CA GLY F 41 -19.28 -33.86 -49.76
C GLY F 41 -19.88 -33.39 -48.45
N GLY F 42 -19.08 -32.67 -47.67
CA GLY F 42 -19.43 -32.30 -46.31
C GLY F 42 -20.60 -31.36 -46.12
N TRP F 43 -21.06 -30.72 -47.19
CA TRP F 43 -22.22 -29.83 -47.07
C TRP F 43 -23.47 -30.64 -46.75
N VAL F 44 -23.75 -31.63 -47.59
CA VAL F 44 -24.88 -32.52 -47.38
C VAL F 44 -24.73 -33.27 -46.07
N ARG F 45 -23.52 -33.70 -45.78
CA ARG F 45 -23.22 -34.44 -44.54
C ARG F 45 -23.56 -33.61 -43.31
N ASP F 46 -22.97 -32.42 -43.21
CA ASP F 46 -23.17 -31.54 -42.06
C ASP F 46 -24.62 -31.09 -41.93
N ARG F 47 -25.25 -30.82 -43.07
CA ARG F 47 -26.64 -30.36 -43.05
C ARG F 47 -27.59 -31.51 -42.67
N ILE F 48 -27.18 -32.74 -42.94
CA ILE F 48 -27.93 -33.91 -42.51
C ILE F 48 -27.75 -34.10 -41.00
N LEU F 49 -26.52 -33.99 -40.53
CA LEU F 49 -26.21 -34.12 -39.11
C LEU F 49 -26.89 -33.04 -38.27
N GLY F 50 -27.23 -31.93 -38.92
CA GLY F 50 -27.93 -30.85 -38.23
C GLY F 50 -26.99 -29.81 -37.64
N GLU F 51 -25.69 -30.00 -37.86
CA GLU F 51 -24.70 -29.06 -37.37
C GLU F 51 -24.82 -27.70 -38.06
N PRO F 52 -25.06 -26.65 -37.28
CA PRO F 52 -25.21 -25.28 -37.79
C PRO F 52 -23.98 -24.82 -38.56
N VAL F 53 -24.19 -24.08 -39.64
CA VAL F 53 -23.10 -23.55 -40.46
C VAL F 53 -22.32 -22.49 -39.69
N GLY F 54 -21.00 -22.67 -39.63
CA GLY F 54 -20.14 -21.76 -38.91
C GLY F 54 -19.66 -20.60 -39.76
N TYR F 55 -18.50 -20.06 -39.41
CA TYR F 55 -17.92 -18.94 -40.15
C TYR F 55 -17.07 -19.42 -41.32
N ASN F 56 -16.94 -20.73 -41.45
CA ASN F 56 -16.21 -21.33 -42.57
C ASN F 56 -17.09 -22.29 -43.37
N ILE F 57 -17.30 -21.94 -44.64
CA ILE F 57 -18.16 -22.72 -45.51
C ILE F 57 -17.40 -23.30 -46.70
N ASP F 58 -17.44 -24.62 -46.85
CA ASP F 58 -16.80 -25.30 -47.96
C ASP F 58 -17.80 -26.16 -48.71
N VAL F 59 -18.07 -25.80 -49.96
CA VAL F 59 -19.05 -26.51 -50.77
C VAL F 59 -18.33 -27.28 -51.87
N ASP F 60 -18.91 -28.41 -52.29
CA ASP F 60 -18.30 -29.21 -53.34
C ASP F 60 -19.33 -29.57 -54.43
N PHE F 61 -18.92 -29.40 -55.68
CA PHE F 61 -19.81 -29.58 -56.81
C PHE F 61 -19.30 -30.58 -57.84
N LEU F 62 -20.22 -31.35 -58.42
CA LEU F 62 -19.90 -32.16 -59.59
C LEU F 62 -20.66 -31.63 -60.79
N THR F 63 -19.94 -31.02 -61.74
CA THR F 63 -20.58 -30.40 -62.88
C THR F 63 -20.29 -31.13 -64.19
N THR F 64 -21.29 -31.16 -65.07
CA THR F 64 -21.13 -31.75 -66.39
C THR F 64 -20.39 -30.79 -67.32
N ALA F 65 -20.51 -29.50 -67.03
CA ALA F 65 -19.88 -28.48 -67.84
C ALA F 65 -18.39 -28.37 -67.54
N ASP F 66 -17.74 -27.38 -68.14
CA ASP F 66 -16.33 -27.13 -67.89
C ASP F 66 -16.15 -26.31 -66.62
N PRO F 67 -15.52 -26.90 -65.60
CA PRO F 67 -15.29 -26.25 -64.30
C PRO F 67 -14.53 -24.93 -64.43
N VAL F 68 -13.69 -24.80 -65.45
CA VAL F 68 -12.90 -23.58 -65.66
C VAL F 68 -13.78 -22.36 -65.92
N GLU F 69 -14.61 -22.46 -66.96
CA GLU F 69 -15.49 -21.36 -67.35
C GLU F 69 -16.51 -21.08 -66.25
N LEU F 70 -17.04 -22.14 -65.66
CA LEU F 70 -18.01 -22.05 -64.58
C LEU F 70 -17.44 -21.27 -63.41
N ALA F 71 -16.29 -21.72 -62.90
CA ALA F 71 -15.63 -21.06 -61.78
C ALA F 71 -15.25 -19.62 -62.12
N LYS F 72 -14.84 -19.39 -63.36
CA LYS F 72 -14.46 -18.04 -63.79
C LYS F 72 -15.64 -17.06 -63.73
N ASN F 73 -16.72 -17.40 -64.44
CA ASN F 73 -17.90 -16.54 -64.47
C ASN F 73 -18.55 -16.38 -63.09
N PHE F 74 -18.55 -17.47 -62.32
CA PHE F 74 -19.10 -17.44 -60.97
C PHE F 74 -18.29 -16.53 -60.06
N ALA F 75 -16.97 -16.64 -60.13
CA ALA F 75 -16.08 -15.81 -59.34
C ALA F 75 -16.19 -14.35 -59.73
N LYS F 76 -16.43 -14.09 -61.01
CA LYS F 76 -16.63 -12.72 -61.46
C LYS F 76 -17.98 -12.19 -60.98
N ARG F 77 -18.95 -13.08 -60.87
CA ARG F 77 -20.29 -12.70 -60.40
C ARG F 77 -20.32 -12.35 -58.91
N ILE F 78 -19.80 -13.24 -58.07
CA ILE F 78 -19.85 -13.03 -56.63
C ILE F 78 -18.72 -12.13 -56.12
N GLY F 79 -17.81 -11.77 -57.01
CA GLY F 79 -16.67 -10.94 -56.64
C GLY F 79 -15.62 -11.73 -55.89
N GLY F 80 -15.56 -13.03 -56.15
CA GLY F 80 -14.57 -13.89 -55.54
C GLY F 80 -13.38 -14.12 -56.45
N HIS F 81 -12.34 -14.77 -55.92
CA HIS F 81 -11.12 -15.02 -56.70
C HIS F 81 -11.20 -16.35 -57.43
N PHE F 82 -10.80 -16.32 -58.71
CA PHE F 82 -10.89 -17.49 -59.58
C PHE F 82 -9.74 -18.47 -59.29
N PHE F 83 -10.07 -19.76 -59.29
CA PHE F 83 -9.13 -20.76 -58.80
C PHE F 83 -9.15 -21.99 -59.72
N VAL F 84 -7.96 -22.44 -60.11
CA VAL F 84 -7.83 -23.70 -60.85
C VAL F 84 -6.52 -24.42 -60.52
N PHE F 85 -6.58 -25.75 -60.40
CA PHE F 85 -5.36 -26.54 -60.21
C PHE F 85 -5.54 -28.02 -60.61
N GLU F 86 -4.44 -28.72 -60.80
CA GLU F 86 -4.47 -30.14 -61.12
C GLU F 86 -4.26 -30.99 -59.86
N PRO F 95 -7.21 -35.39 -62.92
CA PRO F 95 -8.36 -34.52 -63.24
C PRO F 95 -8.13 -33.10 -62.76
N THR F 96 -8.30 -32.14 -63.67
CA THR F 96 -8.12 -30.73 -63.33
C THR F 96 -9.37 -30.21 -62.64
N ILE F 97 -9.21 -29.74 -61.40
CA ILE F 97 -10.35 -29.24 -60.65
C ILE F 97 -10.21 -27.74 -60.38
N ALA F 98 -11.33 -27.09 -60.19
CA ALA F 98 -11.36 -25.64 -60.06
C ALA F 98 -11.99 -25.28 -58.75
N SER F 99 -11.83 -24.03 -58.35
CA SER F 99 -12.58 -23.49 -57.22
C SER F 99 -12.80 -22.00 -57.33
N VAL F 100 -13.53 -21.48 -56.34
CA VAL F 100 -13.73 -20.06 -56.12
C VAL F 100 -13.66 -19.74 -54.62
N VAL F 101 -12.80 -18.80 -54.26
CA VAL F 101 -12.59 -18.46 -52.85
C VAL F 101 -13.01 -17.02 -52.58
N LEU F 102 -13.79 -16.82 -51.52
CA LEU F 102 -14.25 -15.49 -51.14
C LEU F 102 -13.97 -15.28 -49.66
N HIS F 103 -13.14 -14.29 -49.34
CA HIS F 103 -12.72 -14.11 -47.97
C HIS F 103 -12.81 -12.67 -47.49
N LEU F 104 -13.66 -12.45 -46.48
CA LEU F 104 -13.69 -11.20 -45.73
C LEU F 104 -13.39 -11.57 -44.27
N PRO F 105 -13.27 -10.57 -43.38
CA PRO F 105 -12.93 -10.97 -42.00
C PRO F 105 -13.93 -11.89 -41.26
N PRO F 106 -15.25 -11.59 -41.29
CA PRO F 106 -16.13 -12.47 -40.49
C PRO F 106 -16.34 -13.88 -41.06
N TYR F 107 -16.27 -14.04 -42.37
CA TYR F 107 -16.59 -15.33 -43.00
C TYR F 107 -15.55 -15.79 -44.01
N ARG F 108 -15.54 -17.09 -44.29
CA ARG F 108 -14.65 -17.68 -45.27
C ARG F 108 -15.40 -18.65 -46.18
N TYR F 109 -15.37 -18.39 -47.48
CA TYR F 109 -16.10 -19.21 -48.45
C TYR F 109 -15.15 -19.91 -49.43
N ARG F 110 -15.35 -21.20 -49.63
CA ARG F 110 -14.65 -21.94 -50.68
C ARG F 110 -15.58 -22.88 -51.43
N PHE F 111 -15.66 -22.71 -52.74
CA PHE F 111 -16.51 -23.56 -53.59
C PHE F 111 -15.65 -24.36 -54.54
N ASP F 112 -15.60 -25.68 -54.36
CA ASP F 112 -14.75 -26.53 -55.20
C ASP F 112 -15.55 -27.20 -56.32
N PHE F 113 -15.28 -26.81 -57.55
CA PHE F 113 -15.91 -27.40 -58.72
C PHE F 113 -15.08 -28.56 -59.28
N SER F 114 -15.75 -29.69 -59.52
CA SER F 114 -15.13 -30.88 -60.07
C SER F 114 -15.83 -31.30 -61.36
N PRO F 115 -15.07 -31.81 -62.33
CA PRO F 115 -15.62 -32.25 -63.62
C PRO F 115 -16.42 -33.55 -63.51
N LEU F 116 -17.52 -33.65 -64.25
CA LEU F 116 -18.27 -34.89 -64.38
C LEU F 116 -18.57 -35.15 -65.85
N LYS F 117 -18.05 -36.25 -66.38
CA LYS F 117 -18.21 -36.55 -67.79
C LYS F 117 -18.56 -38.02 -68.03
N GLY F 118 -19.38 -38.26 -69.05
CA GLY F 118 -19.77 -39.61 -69.41
C GLY F 118 -20.99 -39.63 -70.31
N LYS F 119 -21.30 -40.81 -70.83
CA LYS F 119 -22.48 -40.97 -71.69
C LYS F 119 -23.75 -41.06 -70.86
N ASP F 120 -23.64 -41.65 -69.68
CA ASP F 120 -24.78 -41.78 -68.77
C ASP F 120 -24.52 -40.91 -67.54
N LEU F 121 -25.52 -40.11 -67.16
CA LEU F 121 -25.39 -39.23 -66.00
C LEU F 121 -25.36 -40.01 -64.70
N GLU F 122 -26.34 -40.89 -64.52
CA GLU F 122 -26.47 -41.67 -63.30
C GLU F 122 -25.29 -42.62 -63.10
N LYS F 123 -24.89 -43.29 -64.18
CA LYS F 123 -23.78 -44.24 -64.13
C LYS F 123 -22.48 -43.56 -63.71
N ALA F 124 -22.17 -42.43 -64.36
CA ALA F 124 -20.96 -41.68 -64.06
C ALA F 124 -21.00 -41.10 -62.65
N LEU F 125 -22.16 -40.59 -62.25
CA LEU F 125 -22.33 -40.01 -60.92
C LEU F 125 -22.08 -41.06 -59.83
N ILE F 126 -22.79 -42.18 -59.93
CA ILE F 126 -22.67 -43.26 -58.95
C ILE F 126 -21.26 -43.85 -58.94
N GLU F 127 -20.69 -44.03 -60.13
CA GLU F 127 -19.32 -44.52 -60.26
C GLU F 127 -18.33 -43.58 -59.57
N ASP F 128 -18.61 -42.28 -59.64
CA ASP F 128 -17.76 -41.29 -58.99
C ASP F 128 -17.98 -41.31 -57.47
N LEU F 129 -19.19 -41.63 -57.05
CA LEU F 129 -19.51 -41.70 -55.63
C LEU F 129 -18.96 -42.98 -55.00
N LYS F 130 -18.60 -43.95 -55.84
CA LYS F 130 -17.97 -45.18 -55.37
C LYS F 130 -16.50 -44.97 -55.07
N GLU F 131 -15.91 -43.95 -55.69
CA GLU F 131 -14.47 -43.71 -55.58
C GLU F 131 -14.12 -42.79 -54.41
N ARG F 132 -15.13 -42.21 -53.78
CA ARG F 132 -14.91 -41.26 -52.69
C ARG F 132 -14.47 -41.96 -51.40
N ASP F 133 -13.87 -41.19 -50.50
CA ASP F 133 -13.24 -41.73 -49.30
C ASP F 133 -14.19 -42.43 -48.31
N PHE F 134 -15.23 -41.73 -47.87
CA PHE F 134 -16.12 -42.24 -46.85
C PHE F 134 -17.59 -42.17 -47.28
N THR F 135 -18.44 -42.91 -46.58
CA THR F 135 -19.87 -42.96 -46.88
C THR F 135 -20.56 -41.62 -46.61
N ALA F 136 -20.16 -40.97 -45.53
CA ALA F 136 -20.76 -39.70 -45.13
C ALA F 136 -20.54 -38.62 -46.19
N ASN F 137 -19.39 -38.68 -46.85
CA ASN F 137 -19.05 -37.73 -47.89
C ASN F 137 -19.57 -38.13 -49.27
N ALA F 138 -19.97 -39.39 -49.40
CA ALA F 138 -20.38 -39.94 -50.70
C ALA F 138 -21.79 -39.53 -51.11
N ILE F 139 -22.50 -38.88 -50.19
CA ILE F 139 -23.87 -38.45 -50.48
C ILE F 139 -23.87 -37.22 -51.39
N ALA F 140 -24.73 -37.24 -52.40
CA ALA F 140 -24.83 -36.11 -53.32
C ALA F 140 -26.28 -35.78 -53.66
N VAL F 141 -26.58 -34.50 -53.84
CA VAL F 141 -27.92 -34.07 -54.21
C VAL F 141 -27.86 -33.24 -55.49
N ASN F 142 -29.00 -33.07 -56.15
CA ASN F 142 -29.05 -32.24 -57.34
C ASN F 142 -29.10 -30.76 -56.96
N LEU F 143 -28.62 -29.90 -57.85
CA LEU F 143 -28.62 -28.46 -57.61
C LEU F 143 -30.06 -27.92 -57.63
N ASP F 144 -30.93 -28.60 -58.37
CA ASP F 144 -32.33 -28.23 -58.44
C ASP F 144 -33.08 -28.57 -57.15
N ASP F 145 -32.81 -29.75 -56.62
CA ASP F 145 -33.47 -30.21 -55.39
C ASP F 145 -33.17 -29.30 -54.20
N VAL F 146 -32.00 -28.67 -54.23
CA VAL F 146 -31.61 -27.74 -53.18
C VAL F 146 -32.52 -26.52 -53.18
N LEU F 147 -32.67 -25.91 -54.35
CA LEU F 147 -33.50 -24.71 -54.50
C LEU F 147 -34.97 -25.07 -54.47
N THR F 154 -37.27 -34.29 -51.48
CA THR F 154 -35.96 -34.46 -50.88
C THR F 154 -35.33 -35.78 -51.34
N ILE F 155 -34.73 -35.76 -52.53
CA ILE F 155 -34.11 -36.96 -53.09
C ILE F 155 -32.59 -36.82 -53.15
N VAL F 156 -31.90 -37.82 -52.60
CA VAL F 156 -30.44 -37.79 -52.54
C VAL F 156 -29.83 -39.02 -53.20
N TYR F 157 -28.54 -38.95 -53.52
CA TYR F 157 -27.83 -40.08 -54.10
C TYR F 157 -26.78 -40.62 -53.14
N ASP F 158 -27.02 -41.81 -52.60
CA ASP F 158 -26.05 -42.46 -51.73
C ASP F 158 -25.94 -43.96 -52.00
N PRO F 159 -25.15 -44.32 -53.02
CA PRO F 159 -24.95 -45.73 -53.38
C PRO F 159 -24.19 -46.48 -52.29
N THR F 160 -23.43 -45.74 -51.49
CA THR F 160 -22.68 -46.31 -50.40
C THR F 160 -23.52 -46.38 -49.13
N GLY F 161 -24.70 -45.78 -49.18
CA GLY F 161 -25.59 -45.75 -48.04
C GLY F 161 -25.03 -44.94 -46.89
N GLY F 162 -24.64 -43.70 -47.19
CA GLY F 162 -24.07 -42.83 -46.19
C GLY F 162 -25.04 -42.44 -45.10
N ILE F 163 -26.29 -42.21 -45.47
CA ILE F 163 -27.33 -41.83 -44.52
C ILE F 163 -27.60 -42.94 -43.52
N LYS F 164 -27.60 -44.18 -43.99
CA LYS F 164 -27.83 -45.33 -43.13
C LYS F 164 -26.78 -45.40 -42.02
N ASP F 165 -25.56 -45.02 -42.35
CA ASP F 165 -24.47 -45.01 -41.38
C ASP F 165 -24.55 -43.79 -40.46
N LEU F 166 -24.91 -42.65 -41.04
CA LEU F 166 -25.04 -41.41 -40.27
C LEU F 166 -26.15 -41.50 -39.23
N GLU F 167 -27.16 -42.31 -39.53
CA GLU F 167 -28.25 -42.55 -38.57
C GLU F 167 -27.72 -43.25 -37.32
N GLN F 168 -26.69 -44.06 -37.50
CA GLN F 168 -26.10 -44.80 -36.39
C GLN F 168 -24.92 -44.06 -35.78
N GLY F 169 -24.60 -42.90 -36.35
CA GLY F 169 -23.51 -42.08 -35.85
C GLY F 169 -22.14 -42.74 -36.04
N LEU F 170 -21.96 -43.38 -37.18
CA LEU F 170 -20.71 -44.08 -37.47
C LEU F 170 -20.06 -43.54 -38.75
N LEU F 171 -18.73 -43.46 -38.76
CA LEU F 171 -18.01 -43.08 -39.95
C LEU F 171 -17.38 -44.30 -40.60
N ARG F 172 -17.93 -44.71 -41.73
CA ARG F 172 -17.46 -45.90 -42.43
C ARG F 172 -16.92 -45.58 -43.83
N PRO F 173 -15.63 -45.87 -44.07
CA PRO F 173 -15.03 -45.64 -45.38
C PRO F 173 -15.68 -46.51 -46.45
N VAL F 174 -15.70 -46.02 -47.69
CA VAL F 174 -16.31 -46.75 -48.79
C VAL F 174 -15.61 -48.08 -49.04
N SER F 175 -14.31 -48.04 -49.24
CA SER F 175 -13.52 -49.25 -49.44
C SER F 175 -12.09 -49.05 -48.97
N ILE F 176 -11.42 -50.16 -48.64
CA ILE F 176 -10.02 -50.11 -48.23
C ILE F 176 -9.15 -49.68 -49.39
N GLU F 177 -9.57 -50.05 -50.60
CA GLU F 177 -8.87 -49.66 -51.82
C GLU F 177 -8.88 -48.15 -52.01
N ASN F 178 -9.95 -47.50 -51.56
CA ASN F 178 -10.03 -46.05 -51.58
C ASN F 178 -9.10 -45.43 -50.54
N LEU F 179 -8.93 -46.14 -49.42
CA LEU F 179 -8.04 -45.69 -48.35
C LEU F 179 -6.58 -45.74 -48.82
N LYS F 180 -6.22 -46.83 -49.50
CA LYS F 180 -4.87 -46.97 -50.03
C LYS F 180 -4.68 -46.16 -51.31
N ARG F 181 -5.79 -45.74 -51.92
CA ARG F 181 -5.76 -44.93 -53.13
C ARG F 181 -5.14 -43.56 -52.80
N ASP F 182 -5.66 -42.94 -51.76
CA ASP F 182 -5.14 -41.66 -51.28
C ASP F 182 -4.97 -41.75 -49.76
N PRO F 183 -3.78 -42.21 -49.32
CA PRO F 183 -3.49 -42.53 -47.91
C PRO F 183 -3.83 -41.42 -46.91
N VAL F 184 -3.72 -40.16 -47.32
CA VAL F 184 -4.01 -39.03 -46.45
C VAL F 184 -5.42 -39.12 -45.86
N ARG F 185 -6.33 -39.75 -46.60
CA ARG F 185 -7.71 -39.94 -46.15
C ARG F 185 -7.79 -40.61 -44.78
N VAL F 186 -6.82 -41.49 -44.49
CA VAL F 186 -6.83 -42.23 -43.23
C VAL F 186 -6.70 -41.29 -42.03
N LEU F 187 -6.14 -40.10 -42.26
CA LEU F 187 -6.07 -39.10 -41.21
C LEU F 187 -7.41 -38.38 -41.05
N ARG F 188 -8.06 -38.12 -42.18
CA ARG F 188 -9.37 -37.48 -42.17
C ARG F 188 -10.36 -38.32 -41.37
N GLY F 189 -10.31 -39.63 -41.59
CA GLY F 189 -11.14 -40.56 -40.85
C GLY F 189 -10.95 -40.41 -39.35
N PHE F 190 -9.75 -40.06 -38.94
CA PHE F 190 -9.49 -39.76 -37.53
C PHE F 190 -10.08 -38.40 -37.17
N ARG F 191 -9.78 -37.39 -37.98
CA ARG F 191 -10.24 -36.03 -37.71
C ARG F 191 -11.76 -35.91 -37.75
N ILE F 192 -12.34 -36.23 -38.90
CA ILE F 192 -13.77 -36.05 -39.15
C ILE F 192 -14.63 -36.73 -38.09
N ALA F 193 -14.32 -37.99 -37.83
CA ALA F 193 -15.04 -38.77 -36.83
C ALA F 193 -15.09 -38.05 -35.48
N ILE F 194 -13.98 -37.43 -35.11
CA ILE F 194 -13.93 -36.68 -33.86
C ILE F 194 -14.55 -35.29 -34.04
N GLU F 195 -14.41 -34.73 -35.24
CA GLU F 195 -14.90 -33.39 -35.51
C GLU F 195 -16.43 -33.36 -35.59
N LYS F 196 -16.99 -34.40 -36.19
CA LYS F 196 -18.44 -34.51 -36.31
C LYS F 196 -19.05 -35.35 -35.19
N ASN F 197 -18.20 -35.76 -34.24
CA ASN F 197 -18.61 -36.66 -33.15
C ASN F 197 -19.18 -37.96 -33.69
N LEU F 198 -18.32 -38.72 -34.36
CA LEU F 198 -18.72 -40.00 -34.95
C LEU F 198 -17.76 -41.10 -34.55
N GLN F 199 -18.28 -42.32 -34.41
CA GLN F 199 -17.45 -43.46 -34.07
C GLN F 199 -16.91 -44.12 -35.34
N LEU F 200 -15.67 -44.59 -35.28
CA LEU F 200 -15.06 -45.27 -36.41
C LEU F 200 -15.34 -46.77 -36.37
N THR F 201 -15.61 -47.33 -37.54
CA THR F 201 -15.92 -48.75 -37.66
C THR F 201 -14.69 -49.63 -37.46
N GLU F 202 -14.88 -50.94 -37.56
CA GLU F 202 -13.82 -51.90 -37.27
C GLU F 202 -12.78 -52.02 -38.37
N ASP F 203 -13.23 -52.05 -39.62
CA ASP F 203 -12.32 -52.23 -40.76
C ASP F 203 -11.30 -51.10 -40.87
N PHE F 204 -11.70 -49.90 -40.43
CA PHE F 204 -10.80 -48.75 -40.43
C PHE F 204 -9.66 -48.98 -39.45
N TYR F 205 -10.01 -49.26 -38.19
CA TYR F 205 -9.03 -49.51 -37.15
C TYR F 205 -8.10 -50.67 -37.52
N GLU F 206 -8.68 -51.73 -38.06
CA GLU F 206 -7.91 -52.89 -38.48
C GLU F 206 -6.93 -52.53 -39.59
N PHE F 207 -7.42 -51.79 -40.59
CA PHE F 207 -6.58 -51.34 -41.70
C PHE F 207 -5.43 -50.46 -41.21
N VAL F 208 -5.71 -49.63 -40.21
CA VAL F 208 -4.68 -48.79 -39.63
C VAL F 208 -3.63 -49.62 -38.90
N LYS F 209 -4.08 -50.58 -38.11
CA LYS F 209 -3.18 -51.47 -37.39
C LYS F 209 -2.30 -52.29 -38.33
N GLU F 210 -2.84 -52.68 -39.48
CA GLU F 210 -2.07 -53.42 -40.47
C GLU F 210 -0.85 -52.65 -40.96
N ASP F 211 -1.08 -51.55 -41.68
CA ASP F 211 0.00 -50.74 -42.22
C ASP F 211 -0.21 -49.25 -41.98
N PRO F 212 0.21 -48.75 -40.81
CA PRO F 212 0.06 -47.36 -40.41
C PRO F 212 0.91 -46.42 -41.26
N ARG F 213 2.03 -46.94 -41.77
CA ARG F 213 3.04 -46.12 -42.44
C ARG F 213 2.60 -45.62 -43.82
N ILE F 214 1.48 -46.16 -44.32
CA ILE F 214 0.95 -45.78 -45.63
C ILE F 214 0.77 -44.27 -45.77
N VAL F 215 0.51 -43.61 -44.63
CA VAL F 215 0.33 -42.17 -44.57
C VAL F 215 1.50 -41.42 -45.23
N LEU F 216 2.70 -41.96 -45.07
CA LEU F 216 3.91 -41.33 -45.59
C LEU F 216 3.95 -41.26 -47.12
N LYS F 217 3.09 -42.02 -47.78
CA LYS F 217 3.08 -42.04 -49.24
C LYS F 217 2.46 -40.76 -49.81
N SER F 218 1.46 -40.23 -49.11
CA SER F 218 0.80 -38.99 -49.52
C SER F 218 1.70 -37.78 -49.25
N ALA F 219 1.42 -36.68 -49.93
CA ALA F 219 2.20 -35.46 -49.79
C ALA F 219 2.25 -34.96 -48.35
N VAL F 220 3.38 -34.39 -47.97
CA VAL F 220 3.65 -33.99 -46.59
C VAL F 220 2.79 -32.81 -46.11
N GLU F 221 2.72 -31.75 -46.92
CA GLU F 221 1.97 -30.55 -46.55
C GLU F 221 0.49 -30.85 -46.29
N ARG F 222 -0.03 -31.85 -46.97
CA ARG F 222 -1.41 -32.29 -46.74
C ARG F 222 -1.53 -32.93 -45.36
N ILE F 223 -0.50 -33.68 -44.99
CA ILE F 223 -0.46 -34.34 -43.68
C ILE F 223 -0.40 -33.29 -42.58
N THR F 224 0.49 -32.31 -42.74
CA THR F 224 0.60 -31.21 -41.79
C THR F 224 -0.73 -30.45 -41.68
N HIS F 225 -1.34 -30.15 -42.82
CA HIS F 225 -2.61 -29.44 -42.86
C HIS F 225 -3.69 -30.20 -42.10
N GLU F 226 -3.76 -31.51 -42.31
CA GLU F 226 -4.75 -32.34 -41.65
C GLU F 226 -4.49 -32.42 -40.14
N LEU F 227 -3.22 -32.53 -39.77
CA LEU F 227 -2.82 -32.59 -38.37
C LEU F 227 -3.18 -31.31 -37.60
N PHE F 228 -2.89 -30.17 -38.21
CA PHE F 228 -3.25 -28.88 -37.62
C PHE F 228 -4.77 -28.72 -37.57
N LYS F 229 -5.44 -29.23 -38.60
CA LYS F 229 -6.89 -29.23 -38.64
C LYS F 229 -7.46 -30.05 -37.49
N ILE F 230 -6.73 -31.09 -37.08
CA ILE F 230 -7.08 -31.86 -35.91
C ILE F 230 -6.84 -31.05 -34.65
N MET F 231 -5.66 -30.43 -34.58
CA MET F 231 -5.28 -29.63 -33.42
C MET F 231 -6.21 -28.45 -33.17
N LYS F 232 -6.97 -28.07 -34.19
CA LYS F 232 -7.90 -26.96 -34.08
C LYS F 232 -8.97 -27.17 -33.00
N GLU F 233 -9.71 -28.26 -33.09
CA GLU F 233 -10.79 -28.53 -32.13
C GLU F 233 -10.30 -28.99 -30.77
N LYS F 234 -11.17 -28.86 -29.76
CA LYS F 234 -10.80 -29.02 -28.36
C LYS F 234 -10.59 -30.46 -27.89
N THR F 235 -11.11 -31.42 -28.64
CA THR F 235 -11.03 -32.83 -28.26
C THR F 235 -9.78 -33.51 -28.82
N ALA F 236 -8.90 -32.69 -29.41
CA ALA F 236 -7.75 -33.18 -30.17
C ALA F 236 -6.82 -34.14 -29.41
N HIS F 237 -6.83 -34.10 -28.09
CA HIS F 237 -5.96 -34.96 -27.30
C HIS F 237 -6.28 -36.44 -27.50
N LYS F 238 -7.57 -36.75 -27.63
CA LYS F 238 -8.01 -38.12 -27.87
C LYS F 238 -7.53 -38.58 -29.24
N VAL F 239 -7.64 -37.71 -30.23
CA VAL F 239 -7.20 -38.01 -31.58
C VAL F 239 -5.70 -38.27 -31.61
N ILE F 240 -4.95 -37.44 -30.91
CA ILE F 240 -3.51 -37.59 -30.82
C ILE F 240 -3.13 -38.91 -30.14
N ARG F 241 -3.88 -39.27 -29.09
CA ARG F 241 -3.67 -40.52 -28.40
C ARG F 241 -3.90 -41.69 -29.35
N GLU F 242 -4.96 -41.60 -30.14
CA GLU F 242 -5.27 -42.63 -31.14
C GLU F 242 -4.15 -42.75 -32.18
N LEU F 243 -3.71 -41.62 -32.70
CA LEU F 243 -2.66 -41.58 -33.72
C LEU F 243 -1.34 -42.13 -33.19
N TYR F 244 -1.07 -41.91 -31.91
CA TYR F 244 0.16 -42.39 -31.29
C TYR F 244 0.11 -43.87 -30.99
N GLU F 245 -1.04 -44.33 -30.50
CA GLU F 245 -1.19 -45.73 -30.12
C GLU F 245 -1.28 -46.67 -31.32
N TYR F 246 -1.70 -46.13 -32.46
CA TYR F 246 -1.80 -46.91 -33.68
C TYR F 246 -0.53 -46.80 -34.54
N GLY F 247 0.42 -46.00 -34.07
CA GLY F 247 1.70 -45.88 -34.74
C GLY F 247 1.71 -44.93 -35.93
N VAL F 248 0.58 -44.26 -36.15
CA VAL F 248 0.48 -43.30 -37.24
C VAL F 248 1.30 -42.05 -36.92
N LEU F 249 1.09 -41.51 -35.72
CA LEU F 249 1.82 -40.34 -35.26
C LEU F 249 3.32 -40.59 -35.24
N GLU F 250 3.71 -41.78 -34.80
CA GLU F 250 5.12 -42.16 -34.79
C GLU F 250 5.68 -42.22 -36.21
N ALA F 251 4.89 -42.74 -37.13
CA ALA F 251 5.30 -42.84 -38.52
C ALA F 251 5.49 -41.46 -39.13
N ILE F 252 4.61 -40.53 -38.79
CA ILE F 252 4.69 -39.16 -39.29
C ILE F 252 5.79 -38.39 -38.55
N ILE F 253 5.81 -38.51 -37.23
CA ILE F 253 6.83 -37.86 -36.41
C ILE F 253 7.55 -38.90 -35.53
N PRO F 254 8.66 -39.45 -36.03
CA PRO F 254 9.42 -40.49 -35.34
C PRO F 254 9.92 -40.07 -33.97
N GLU F 255 10.15 -38.78 -33.79
CA GLU F 255 10.69 -38.24 -32.55
C GLU F 255 9.82 -38.55 -31.34
N ILE F 256 8.51 -38.55 -31.55
CA ILE F 256 7.56 -38.90 -30.49
C ILE F 256 7.87 -40.29 -29.96
N GLY F 257 8.19 -41.20 -30.87
CA GLY F 257 8.51 -42.56 -30.51
C GLY F 257 9.75 -42.69 -29.65
N ARG F 258 10.51 -41.60 -29.52
CA ARG F 258 11.71 -41.62 -28.70
C ARG F 258 11.36 -41.42 -27.22
N LEU F 259 10.09 -41.13 -26.94
CA LEU F 259 9.65 -40.91 -25.57
C LEU F 259 9.44 -42.22 -24.82
N ARG F 260 9.38 -43.32 -25.57
CA ARG F 260 9.09 -44.63 -25.00
C ARG F 260 10.33 -45.27 -24.36
N GLU F 261 11.49 -45.00 -24.93
CA GLU F 261 12.72 -45.68 -24.53
C GLU F 261 13.24 -45.27 -23.15
N VAL F 262 12.82 -44.10 -22.69
CA VAL F 262 13.28 -43.60 -21.40
C VAL F 262 12.50 -44.20 -20.23
N LYS F 263 13.22 -44.68 -19.22
CA LYS F 263 12.60 -45.26 -18.04
C LYS F 263 12.75 -44.33 -16.85
N ASP F 264 11.63 -43.75 -16.40
CA ASP F 264 11.63 -42.80 -15.30
C ASP F 264 11.68 -43.50 -13.96
N PRO F 272 7.45 -43.30 -18.02
CA PRO F 272 6.25 -43.05 -18.81
C PRO F 272 6.21 -41.61 -19.32
N LEU F 273 7.18 -41.24 -20.15
CA LEU F 273 7.30 -39.88 -20.65
C LEU F 273 6.25 -39.56 -21.73
N ASP F 274 5.92 -40.57 -22.52
CA ASP F 274 4.92 -40.41 -23.58
C ASP F 274 3.54 -40.05 -23.00
N GLU F 275 3.10 -40.84 -22.03
CA GLU F 275 1.84 -40.58 -21.34
C GLU F 275 1.91 -39.24 -20.62
N HIS F 276 3.10 -38.88 -20.16
CA HIS F 276 3.33 -37.60 -19.51
C HIS F 276 3.03 -36.46 -20.48
N THR F 277 3.54 -36.57 -21.70
CA THR F 277 3.29 -35.55 -22.73
C THR F 277 1.83 -35.53 -23.18
N LEU F 278 1.22 -36.70 -23.30
CA LEU F 278 -0.18 -36.78 -23.69
C LEU F 278 -1.09 -36.09 -22.67
N LYS F 279 -0.88 -36.41 -21.39
CA LYS F 279 -1.64 -35.78 -20.31
C LYS F 279 -1.31 -34.30 -20.21
N THR F 280 -0.09 -33.93 -20.58
CA THR F 280 0.31 -32.53 -20.62
C THR F 280 -0.51 -31.79 -21.68
N LEU F 281 -0.77 -32.46 -22.80
CA LEU F 281 -1.59 -31.91 -23.87
C LEU F 281 -3.05 -31.77 -23.44
N GLU F 282 -3.59 -32.84 -22.86
CA GLU F 282 -4.97 -32.85 -22.40
C GLU F 282 -5.22 -31.74 -21.38
N TYR F 283 -4.34 -31.67 -20.38
CA TYR F 283 -4.42 -30.62 -19.37
C TYR F 283 -4.20 -29.24 -19.98
N LEU F 284 -3.38 -29.17 -21.03
CA LEU F 284 -3.19 -27.91 -21.74
C LEU F 284 -4.50 -27.46 -22.36
N GLU F 285 -5.25 -28.40 -22.90
CA GLU F 285 -6.57 -28.09 -23.46
C GLU F 285 -7.52 -27.59 -22.38
N GLN F 286 -7.65 -28.37 -21.31
CA GLN F 286 -8.54 -28.02 -20.20
C GLN F 286 -8.20 -26.65 -19.59
N VAL F 287 -6.93 -26.30 -19.58
CA VAL F 287 -6.48 -25.01 -19.07
C VAL F 287 -6.75 -23.90 -20.08
N ILE F 288 -6.54 -24.19 -21.36
CA ILE F 288 -6.82 -23.24 -22.44
C ILE F 288 -8.28 -22.81 -22.41
N GLU F 289 -9.18 -23.76 -22.14
CA GLU F 289 -10.58 -23.41 -21.97
C GLU F 289 -10.79 -22.48 -20.77
N ASP F 290 -9.96 -22.65 -19.75
CA ASP F 290 -10.05 -21.86 -18.52
C ASP F 290 -9.15 -20.63 -18.53
N ARG F 291 -8.54 -20.34 -19.67
CA ARG F 291 -7.47 -19.33 -19.78
C ARG F 291 -7.84 -17.95 -19.22
N ALA F 292 -9.12 -17.65 -19.12
CA ALA F 292 -9.57 -16.36 -18.61
C ALA F 292 -9.25 -16.17 -17.13
N LYS F 293 -9.21 -17.28 -16.38
CA LYS F 293 -8.83 -17.26 -14.97
C LYS F 293 -7.34 -17.38 -14.62
N TYR F 294 -6.50 -17.77 -15.57
CA TYR F 294 -5.09 -17.92 -15.25
C TYR F 294 -4.26 -16.72 -15.69
N LEU F 295 -4.50 -16.29 -16.92
CA LEU F 295 -3.78 -15.16 -17.50
C LEU F 295 -4.40 -13.84 -17.10
N SER F 296 -3.65 -12.75 -17.24
CA SER F 296 -4.25 -11.43 -17.04
C SER F 296 -4.90 -10.96 -18.33
N ALA F 297 -5.53 -9.78 -18.28
CA ALA F 297 -6.25 -9.25 -19.43
C ALA F 297 -5.30 -8.72 -20.50
N GLU F 298 -4.10 -8.34 -20.08
CA GLU F 298 -3.10 -7.82 -21.00
C GLU F 298 -2.46 -8.95 -21.80
N LEU F 299 -2.34 -10.13 -21.19
CA LEU F 299 -1.76 -11.28 -21.86
C LEU F 299 -2.78 -12.00 -22.75
N LEU F 300 -4.06 -11.77 -22.49
CA LEU F 300 -5.12 -12.44 -23.24
C LEU F 300 -5.53 -11.69 -24.50
N GLU F 301 -5.05 -10.45 -24.65
CA GLU F 301 -5.44 -9.61 -25.77
C GLU F 301 -4.95 -10.16 -27.12
N ASN F 302 -3.67 -10.44 -27.21
CA ASN F 302 -3.07 -10.88 -28.46
C ASN F 302 -3.11 -12.40 -28.65
N PHE F 303 -3.72 -13.10 -27.70
CA PHE F 303 -3.80 -14.55 -27.75
C PHE F 303 -4.74 -15.01 -28.86
N GLY F 304 -4.24 -15.84 -29.76
CA GLY F 304 -5.02 -16.33 -30.87
C GLY F 304 -4.96 -15.44 -32.10
N LYS F 305 -4.39 -14.24 -31.93
CA LYS F 305 -4.30 -13.28 -33.03
C LYS F 305 -3.24 -13.67 -34.06
N LYS F 306 -2.30 -14.53 -33.66
CA LYS F 306 -1.25 -14.94 -34.57
C LYS F 306 -1.79 -15.94 -35.57
N ARG F 307 -1.65 -15.62 -36.86
CA ARG F 307 -2.19 -16.46 -37.92
C ARG F 307 -1.08 -17.21 -38.66
N VAL F 308 -1.19 -18.54 -38.68
CA VAL F 308 -0.20 -19.32 -39.40
C VAL F 308 -0.89 -20.20 -40.43
N LEU F 309 -0.44 -20.12 -41.67
CA LEU F 309 -0.89 -21.03 -42.70
C LEU F 309 -2.26 -20.68 -43.24
N GLY F 310 -2.79 -19.55 -42.79
CA GLY F 310 -3.93 -18.91 -43.43
C GLY F 310 -5.29 -19.42 -43.03
N GLU F 311 -5.30 -20.48 -42.25
CA GLU F 311 -6.49 -20.98 -41.56
C GLU F 311 -6.31 -21.32 -40.08
N PHE F 312 -5.10 -21.12 -39.56
CA PHE F 312 -4.77 -21.59 -38.21
C PHE F 312 -4.34 -20.47 -37.28
N THR F 313 -4.40 -20.76 -35.98
CA THR F 313 -3.96 -19.82 -34.95
C THR F 313 -2.73 -20.36 -34.24
N ASP F 314 -2.25 -19.64 -33.24
CA ASP F 314 -1.07 -20.06 -32.48
C ASP F 314 -1.43 -21.01 -31.35
N VAL F 315 -2.73 -21.30 -31.21
CA VAL F 315 -3.19 -22.22 -30.18
C VAL F 315 -2.87 -23.66 -30.57
N GLU F 316 -3.02 -23.94 -31.87
CA GLU F 316 -2.61 -25.23 -32.42
C GLU F 316 -1.11 -25.39 -32.26
N LEU F 317 -0.38 -24.31 -32.50
CA LEU F 317 1.06 -24.27 -32.28
C LEU F 317 1.38 -24.55 -30.82
N LEU F 318 0.52 -24.06 -29.92
CA LEU F 318 0.71 -24.26 -28.49
C LEU F 318 0.53 -25.74 -28.16
N LYS F 319 -0.48 -26.36 -28.76
CA LYS F 319 -0.72 -27.79 -28.55
C LYS F 319 0.44 -28.63 -29.07
N TRP F 320 0.96 -28.26 -30.24
CA TRP F 320 2.15 -28.90 -30.79
C TRP F 320 3.35 -28.69 -29.86
N GLY F 321 3.34 -27.57 -29.16
CA GLY F 321 4.38 -27.28 -28.18
C GLY F 321 4.23 -28.13 -26.94
N ALA F 322 2.99 -28.54 -26.66
CA ALA F 322 2.72 -29.43 -25.54
C ALA F 322 3.15 -30.86 -25.88
N LEU F 323 2.90 -31.27 -27.11
CA LEU F 323 3.28 -32.60 -27.56
C LEU F 323 4.80 -32.74 -27.56
N PHE F 324 5.50 -31.69 -27.97
CA PHE F 324 6.95 -31.70 -28.09
C PHE F 324 7.62 -31.17 -26.83
N HIS F 325 6.82 -30.88 -25.81
CA HIS F 325 7.29 -30.16 -24.61
C HIS F 325 8.58 -30.74 -24.03
N ASP F 326 8.65 -32.06 -23.86
CA ASP F 326 9.97 -32.70 -23.80
C ASP F 326 10.10 -33.65 -24.97
N ILE F 327 10.81 -33.24 -26.01
CA ILE F 327 11.22 -34.16 -27.07
C ILE F 327 12.71 -34.49 -26.97
N GLY F 328 13.42 -33.82 -26.06
CA GLY F 328 14.86 -33.89 -26.00
C GLY F 328 15.43 -34.73 -24.87
N LYS F 329 14.56 -35.18 -23.98
CA LYS F 329 14.98 -35.99 -22.84
C LYS F 329 15.66 -37.33 -23.18
N PRO F 330 15.17 -38.06 -24.20
CA PRO F 330 15.87 -39.30 -24.52
C PRO F 330 17.28 -39.08 -25.07
N GLN F 331 17.53 -37.92 -25.67
CA GLN F 331 18.85 -37.61 -26.22
C GLN F 331 19.85 -37.17 -25.16
N THR F 332 19.37 -36.60 -24.06
CA THR F 332 20.25 -36.12 -23.01
C THR F 332 19.79 -36.54 -21.60
N PHE F 333 20.61 -37.36 -20.95
CA PHE F 333 20.38 -37.74 -19.55
C PHE F 333 21.62 -38.43 -18.98
N ALA F 334 21.54 -38.83 -17.71
CA ALA F 334 22.65 -39.51 -17.06
C ALA F 334 22.17 -40.39 -15.92
N VAL F 340 18.12 -39.51 -14.44
CA VAL F 340 18.49 -38.24 -13.81
C VAL F 340 19.39 -37.41 -14.72
N THR F 341 19.59 -36.15 -14.33
CA THR F 341 20.47 -35.22 -15.05
C THR F 341 20.11 -35.00 -16.51
N PHE F 342 18.85 -34.66 -16.78
CA PHE F 342 18.46 -34.17 -18.10
C PHE F 342 18.86 -32.69 -18.14
N TYR F 343 19.73 -32.32 -19.07
CA TYR F 343 20.29 -30.97 -19.05
C TYR F 343 19.89 -30.07 -20.21
N GLU F 344 20.34 -30.38 -21.42
CA GLU F 344 20.18 -29.51 -22.57
C GLU F 344 18.87 -29.78 -23.32
N HIS F 345 18.04 -30.65 -22.75
CA HIS F 345 16.86 -31.18 -23.44
C HIS F 345 15.90 -30.11 -23.99
N ASP F 346 15.98 -28.90 -23.47
CA ASP F 346 15.16 -27.81 -24.00
C ASP F 346 15.75 -27.24 -25.30
N LYS F 347 17.08 -27.08 -25.33
CA LYS F 347 17.77 -26.67 -26.55
C LYS F 347 17.67 -27.78 -27.58
N VAL F 348 17.99 -29.00 -27.14
CA VAL F 348 17.88 -30.19 -27.97
C VAL F 348 16.47 -30.28 -28.55
N GLY F 349 15.49 -30.04 -27.70
CA GLY F 349 14.10 -30.02 -28.10
C GLY F 349 13.84 -28.98 -29.17
N ALA F 350 14.42 -27.79 -28.99
CA ALA F 350 14.27 -26.71 -29.95
C ALA F 350 14.80 -27.11 -31.32
N GLN F 351 15.99 -27.70 -31.36
CA GLN F 351 16.59 -28.11 -32.63
C GLN F 351 15.81 -29.24 -33.28
N ILE F 352 15.36 -30.20 -32.47
CA ILE F 352 14.56 -31.31 -32.97
C ILE F 352 13.27 -30.82 -33.62
N VAL F 353 12.52 -29.99 -32.88
CA VAL F 353 11.29 -29.42 -33.40
C VAL F 353 11.56 -28.60 -34.67
N ARG F 354 12.67 -27.88 -34.67
CA ARG F 354 13.08 -27.11 -35.84
C ARG F 354 13.22 -28.02 -37.06
N GLU F 355 13.89 -29.15 -36.86
CA GLU F 355 14.06 -30.14 -37.92
C GLU F 355 12.72 -30.70 -38.38
N ILE F 356 11.81 -30.92 -37.44
CA ILE F 356 10.48 -31.42 -37.76
C ILE F 356 9.74 -30.44 -38.66
N GLY F 357 9.65 -29.19 -38.20
CA GLY F 357 9.00 -28.14 -38.99
C GLY F 357 9.66 -27.94 -40.34
N GLU F 358 10.96 -28.22 -40.41
CA GLU F 358 11.67 -28.18 -41.69
C GLU F 358 11.16 -29.28 -42.62
N ARG F 359 11.17 -30.51 -42.12
CA ARG F 359 10.74 -31.67 -42.89
C ARG F 359 9.24 -31.69 -43.15
N LEU F 360 8.46 -31.28 -42.15
CA LEU F 360 7.01 -31.41 -42.21
C LEU F 360 6.34 -30.25 -42.96
N ARG F 361 7.17 -29.36 -43.51
CA ARG F 361 6.70 -28.24 -44.32
C ARG F 361 5.85 -27.26 -43.52
N TRP F 362 6.18 -27.05 -42.26
CA TRP F 362 5.49 -26.05 -41.47
C TRP F 362 6.01 -24.68 -41.86
N GLY F 363 5.45 -23.63 -41.28
CA GLY F 363 5.95 -22.29 -41.52
C GLY F 363 7.21 -22.08 -40.71
N ASP F 364 8.17 -21.34 -41.27
CA ASP F 364 9.39 -21.03 -40.53
C ASP F 364 9.05 -20.24 -39.28
N GLU F 365 8.08 -19.33 -39.40
CA GLU F 365 7.58 -18.58 -38.26
C GLU F 365 6.87 -19.52 -37.29
N ALA F 366 6.15 -20.50 -37.85
CA ALA F 366 5.45 -21.48 -37.03
C ALA F 366 6.44 -22.37 -36.27
N THR F 367 7.35 -22.99 -37.01
CA THR F 367 8.31 -23.90 -36.41
C THR F 367 9.25 -23.17 -35.45
N GLU F 368 9.53 -21.90 -35.71
CA GLU F 368 10.36 -21.12 -34.81
C GLU F 368 9.58 -20.73 -33.57
N PHE F 369 8.28 -20.51 -33.72
CA PHE F 369 7.43 -20.23 -32.58
C PHE F 369 7.36 -21.44 -31.65
N VAL F 370 7.11 -22.61 -32.24
CA VAL F 370 7.02 -23.85 -31.48
C VAL F 370 8.36 -24.21 -30.84
N ALA F 371 9.45 -24.02 -31.59
CA ALA F 371 10.78 -24.30 -31.08
C ALA F 371 11.14 -23.37 -29.92
N LYS F 372 10.84 -22.09 -30.08
CA LYS F 372 11.08 -21.11 -29.03
C LYS F 372 10.20 -21.41 -27.82
N LEU F 373 9.06 -22.05 -28.07
CA LEU F 373 8.15 -22.45 -27.00
C LEU F 373 8.71 -23.64 -26.23
N VAL F 374 9.35 -24.56 -26.94
CA VAL F 374 9.97 -25.73 -26.32
C VAL F 374 11.20 -25.34 -25.51
N ARG F 375 12.09 -24.59 -26.14
CA ARG F 375 13.34 -24.14 -25.54
C ARG F 375 13.15 -23.46 -24.18
N HIS F 376 12.12 -22.62 -24.09
CA HIS F 376 11.85 -21.85 -22.88
C HIS F 376 10.81 -22.50 -21.94
N HIS F 377 10.36 -23.70 -22.29
CA HIS F 377 9.27 -24.35 -21.56
C HIS F 377 9.53 -24.56 -20.07
N LEU F 378 10.81 -24.64 -19.69
CA LEU F 378 11.17 -24.89 -18.29
C LEU F 378 11.46 -23.61 -17.52
N ARG F 379 11.31 -22.46 -18.18
CA ARG F 379 11.56 -21.16 -17.56
C ARG F 379 10.63 -20.80 -16.39
N PRO F 380 9.29 -20.97 -16.55
CA PRO F 380 8.41 -20.59 -15.44
C PRO F 380 8.67 -21.40 -14.17
N PHE F 381 9.22 -22.60 -14.34
CA PHE F 381 9.57 -23.44 -13.20
C PHE F 381 10.83 -22.94 -12.52
N PHE F 382 11.72 -22.32 -13.31
CA PHE F 382 12.93 -21.70 -12.78
C PHE F 382 12.56 -20.45 -11.98
N LEU F 383 11.73 -19.59 -12.56
CA LEU F 383 11.29 -18.39 -11.88
C LEU F 383 10.42 -18.71 -10.66
N ARG F 384 9.69 -19.82 -10.74
CA ARG F 384 8.92 -20.32 -9.61
C ARG F 384 9.87 -20.79 -8.52
N GLU F 385 10.95 -21.45 -8.94
CA GLU F 385 11.94 -21.96 -8.02
C GLU F 385 12.64 -20.81 -7.29
N ALA F 386 12.82 -19.70 -7.99
CA ALA F 386 13.43 -18.51 -7.40
C ALA F 386 12.41 -17.75 -6.54
N PHE F 387 11.14 -17.94 -6.84
CA PHE F 387 10.07 -17.27 -6.09
C PHE F 387 9.79 -17.95 -4.77
N LYS F 388 9.89 -19.27 -4.74
CA LYS F 388 9.61 -20.05 -3.54
C LYS F 388 10.62 -19.77 -2.43
N LYS F 389 11.82 -19.36 -2.81
CA LYS F 389 12.86 -19.01 -1.85
C LYS F 389 12.89 -17.51 -1.58
N GLY F 390 12.03 -16.77 -2.27
CA GLY F 390 11.98 -15.32 -2.13
C GLY F 390 13.17 -14.63 -2.76
N GLU F 391 13.91 -15.37 -3.58
CA GLU F 391 15.11 -14.85 -4.22
C GLU F 391 14.83 -14.31 -5.63
N LEU F 392 13.55 -14.31 -6.01
CA LEU F 392 13.16 -13.78 -7.31
C LEU F 392 13.09 -12.25 -7.24
N LYS F 393 13.88 -11.59 -8.09
CA LYS F 393 13.97 -10.13 -8.09
C LYS F 393 13.96 -9.53 -9.48
N ARG F 394 14.15 -8.22 -9.56
CA ARG F 394 14.00 -7.45 -10.79
C ARG F 394 14.77 -7.99 -11.99
N ARG F 395 15.97 -8.52 -11.74
CA ARG F 395 16.82 -9.01 -12.82
C ARG F 395 16.16 -10.12 -13.62
N GLY F 396 15.71 -11.16 -12.92
CA GLY F 396 15.06 -12.30 -13.55
C GLY F 396 13.82 -11.93 -14.33
N MET F 397 12.97 -11.10 -13.73
CA MET F 397 11.74 -10.65 -14.38
C MET F 397 12.06 -9.86 -15.65
N ALA F 398 12.93 -8.87 -15.51
CA ALA F 398 13.34 -8.03 -16.63
C ALA F 398 13.88 -8.87 -17.79
N ASN F 399 14.82 -9.76 -17.48
CA ASN F 399 15.39 -10.65 -18.49
C ASN F 399 14.34 -11.53 -19.16
N PHE F 400 13.43 -12.06 -18.34
CA PHE F 400 12.36 -12.90 -18.84
C PHE F 400 11.50 -12.16 -19.87
N TRP F 401 11.05 -10.97 -19.50
CA TRP F 401 10.17 -10.20 -20.39
C TRP F 401 10.90 -9.67 -21.62
N ARG F 402 12.17 -9.31 -21.46
CA ARG F 402 12.97 -8.82 -22.58
C ARG F 402 13.20 -9.91 -23.61
N GLU F 403 13.74 -11.04 -23.16
CA GLU F 403 14.03 -12.16 -24.05
C GLU F 403 12.78 -12.64 -24.78
N CYS F 404 11.84 -13.24 -24.04
CA CYS F 404 10.58 -13.65 -24.63
C CYS F 404 9.40 -12.98 -23.94
N GLY F 405 8.78 -12.03 -24.65
CA GLY F 405 7.52 -11.45 -24.22
C GLY F 405 6.34 -11.94 -25.05
N ASP F 406 6.66 -12.53 -26.20
CA ASP F 406 5.64 -12.96 -27.16
C ASP F 406 5.00 -14.30 -26.80
N ILE F 407 5.82 -15.24 -26.32
CA ILE F 407 5.33 -16.58 -26.01
C ILE F 407 4.93 -16.70 -24.53
N ALA F 408 5.01 -15.60 -23.80
CA ALA F 408 4.68 -15.58 -22.37
C ALA F 408 3.33 -16.20 -21.98
N PRO F 409 2.23 -15.84 -22.68
CA PRO F 409 0.95 -16.47 -22.33
C PRO F 409 0.98 -17.97 -22.54
N HIS F 410 1.53 -18.38 -23.69
CA HIS F 410 1.61 -19.79 -24.05
C HIS F 410 2.55 -20.52 -23.10
N LEU F 411 3.63 -19.85 -22.71
CA LEU F 411 4.60 -20.41 -21.79
C LEU F 411 3.96 -20.66 -20.43
N PHE F 412 3.14 -19.70 -19.99
CA PHE F 412 2.44 -19.81 -18.72
C PHE F 412 1.40 -20.92 -18.73
N LEU F 413 0.57 -20.96 -19.77
CA LEU F 413 -0.46 -21.98 -19.88
C LEU F 413 0.15 -23.38 -19.95
N LEU F 414 1.20 -23.52 -20.76
CA LEU F 414 1.89 -24.80 -20.86
C LEU F 414 2.57 -25.17 -19.55
N SER F 415 3.07 -24.17 -18.83
CA SER F 415 3.70 -24.41 -17.53
C SER F 415 2.69 -24.95 -16.53
N ILE F 416 1.50 -24.35 -16.51
CA ILE F 416 0.42 -24.82 -15.66
C ILE F 416 0.03 -26.25 -16.04
N ALA F 417 -0.06 -26.49 -17.35
CA ALA F 417 -0.40 -27.80 -17.88
C ALA F 417 0.56 -28.88 -17.39
N ASP F 418 1.86 -28.64 -17.59
CA ASP F 418 2.89 -29.60 -17.19
C ASP F 418 2.94 -29.73 -15.67
N ALA F 419 2.61 -28.64 -14.97
CA ALA F 419 2.58 -28.65 -13.52
C ALA F 419 1.49 -29.59 -13.00
N MET F 420 0.33 -29.56 -13.64
CA MET F 420 -0.76 -30.46 -13.27
C MET F 420 -0.49 -31.89 -13.72
N ALA F 421 0.10 -32.05 -14.90
CA ALA F 421 0.39 -33.37 -15.44
C ALA F 421 1.47 -34.09 -14.64
N SER F 422 2.44 -33.32 -14.14
CA SER F 422 3.52 -33.88 -13.34
C SER F 422 3.02 -34.35 -11.97
N GLY F 423 1.84 -33.87 -11.59
CA GLY F 423 1.27 -34.21 -10.30
C GLY F 423 1.95 -33.46 -9.16
N ASP F 424 2.28 -32.20 -9.43
CA ASP F 424 2.90 -31.34 -8.42
C ASP F 424 1.92 -31.02 -7.30
N GLU F 425 2.45 -30.64 -6.15
CA GLU F 425 1.64 -30.30 -4.98
C GLU F 425 0.88 -29.01 -5.23
N GLU F 426 -0.22 -28.83 -4.49
CA GLU F 426 -1.00 -27.59 -4.60
C GLU F 426 -0.17 -26.39 -4.15
N GLU F 427 0.78 -26.63 -3.25
CA GLU F 427 1.69 -25.58 -2.80
C GLU F 427 2.57 -25.10 -3.94
N ASP F 428 3.16 -26.04 -4.68
CA ASP F 428 4.03 -25.72 -5.80
C ASP F 428 3.26 -25.06 -6.94
N ILE F 429 2.04 -25.54 -7.18
CA ILE F 429 1.19 -24.99 -8.24
C ILE F 429 0.75 -23.56 -7.92
N LYS F 430 0.26 -23.36 -6.70
CA LYS F 430 -0.12 -22.03 -6.25
C LYS F 430 1.10 -21.11 -6.26
N ALA F 431 2.26 -21.67 -6.00
CA ALA F 431 3.51 -20.93 -6.08
C ALA F 431 3.78 -20.51 -7.52
N LEU F 432 3.42 -21.38 -8.47
CA LEU F 432 3.55 -21.07 -9.88
C LEU F 432 2.63 -19.93 -10.28
N MET F 433 1.38 -20.00 -9.84
CA MET F 433 0.39 -18.97 -10.15
C MET F 433 0.73 -17.63 -9.50
N GLU F 434 1.36 -17.68 -8.33
CA GLU F 434 1.83 -16.46 -7.67
C GLU F 434 3.07 -15.91 -8.36
N THR F 435 3.86 -16.80 -8.96
CA THR F 435 5.02 -16.40 -9.74
C THR F 435 4.57 -15.65 -10.99
N ILE F 436 3.63 -16.24 -11.70
CA ILE F 436 3.03 -15.62 -12.87
C ILE F 436 2.36 -14.31 -12.49
N ALA F 437 1.75 -14.29 -11.30
CA ALA F 437 1.16 -13.08 -10.77
C ALA F 437 2.21 -11.97 -10.62
N GLU F 438 3.35 -12.33 -10.02
CA GLU F 438 4.46 -11.40 -9.84
C GLU F 438 4.98 -10.86 -11.18
N LEU F 439 5.20 -11.77 -12.12
CA LEU F 439 5.72 -11.39 -13.44
C LEU F 439 4.76 -10.46 -14.19
N GLU F 440 3.50 -10.87 -14.28
CA GLU F 440 2.46 -10.07 -14.92
C GLU F 440 2.35 -8.70 -14.25
N SER F 441 2.44 -8.67 -12.94
CA SER F 441 2.38 -7.42 -12.18
C SER F 441 3.56 -6.52 -12.54
N PHE F 442 4.74 -7.11 -12.64
CA PHE F 442 5.95 -6.38 -12.99
C PHE F 442 5.84 -5.76 -14.38
N ASN F 443 5.40 -6.56 -15.36
CA ASN F 443 5.26 -6.08 -16.72
C ASN F 443 4.12 -5.07 -16.87
N ARG F 444 3.12 -5.20 -16.01
CA ARG F 444 1.92 -4.38 -16.10
C ARG F 444 2.13 -2.89 -15.86
N ASN F 445 2.88 -2.57 -14.82
CA ASN F 445 3.05 -1.17 -14.44
C ASN F 445 4.49 -0.70 -14.40
N GLU F 446 5.33 -1.51 -13.77
CA GLU F 446 6.71 -1.12 -13.53
C GLU F 446 7.41 -0.92 -14.86
N MET F 447 7.04 -1.72 -15.84
CA MET F 447 7.66 -1.69 -17.16
C MET F 447 7.02 -0.60 -18.03
N LYS F 448 7.80 0.42 -18.37
CA LYS F 448 7.33 1.52 -19.18
C LYS F 448 8.11 1.63 -20.49
N UNK F 473 31.65 2.48 -36.01
CA UNK F 473 31.49 2.66 -34.58
C UNK F 473 30.63 1.56 -33.97
N UNK F 474 31.26 0.42 -33.69
CA UNK F 474 30.63 -0.69 -32.96
C UNK F 474 30.26 -0.35 -31.52
N UNK F 475 31.15 0.38 -30.86
CA UNK F 475 31.11 0.64 -29.42
C UNK F 475 29.88 1.44 -28.97
N UNK F 476 29.29 2.17 -29.90
CA UNK F 476 28.20 3.07 -29.56
C UNK F 476 27.06 2.29 -28.93
N UNK F 477 26.81 1.07 -29.42
CA UNK F 477 25.67 0.31 -28.93
C UNK F 477 25.77 0.00 -27.43
N UNK F 478 26.95 -0.39 -26.95
CA UNK F 478 27.13 -0.53 -25.52
C UNK F 478 26.64 0.72 -24.78
N UNK F 479 26.85 1.88 -25.41
CA UNK F 479 26.38 3.14 -24.85
C UNK F 479 24.85 3.20 -24.87
N UNK F 480 24.25 2.62 -25.91
CA UNK F 480 22.81 2.57 -26.02
C UNK F 480 22.20 1.68 -24.96
N UNK F 481 22.80 0.52 -24.75
CA UNK F 481 22.34 -0.42 -23.72
C UNK F 481 22.52 0.18 -22.34
N UNK F 482 23.67 0.83 -22.12
CA UNK F 482 23.96 1.46 -20.85
C UNK F 482 23.00 2.60 -20.55
N UNK F 483 22.66 3.36 -21.59
CA UNK F 483 21.73 4.47 -21.43
C UNK F 483 20.32 3.97 -21.15
N UNK F 484 19.92 2.91 -21.86
CA UNK F 484 18.60 2.31 -21.69
C UNK F 484 18.46 1.69 -20.30
N UNK F 485 19.56 1.17 -19.77
CA UNK F 485 19.55 0.55 -18.45
C UNK F 485 19.58 1.60 -17.34
N UNK F 486 20.36 2.67 -17.56
CA UNK F 486 20.53 3.71 -16.54
C UNK F 486 19.38 4.73 -16.53
N UNK F 487 18.60 4.75 -17.60
CA UNK F 487 17.48 5.68 -17.68
C UNK F 487 16.36 5.28 -16.71
N UNK F 488 16.24 3.98 -16.47
CA UNK F 488 15.22 3.45 -15.57
C UNK F 488 15.63 3.63 -14.11
N UNK F 492 21.04 16.62 -18.73
CA UNK F 492 21.66 15.44 -18.15
C UNK F 492 22.40 14.62 -19.20
N UNK F 493 22.97 15.31 -20.18
CA UNK F 493 23.73 14.66 -21.24
C UNK F 493 25.17 14.40 -20.82
N UNK F 494 25.53 14.90 -19.64
CA UNK F 494 26.87 14.71 -19.10
C UNK F 494 27.07 13.27 -18.62
N UNK F 495 25.96 12.59 -18.35
CA UNK F 495 26.00 11.19 -17.94
C UNK F 495 26.56 10.34 -19.07
N UNK F 496 26.21 10.67 -20.30
CA UNK F 496 26.72 9.96 -21.47
C UNK F 496 28.18 10.28 -21.69
N UNK F 497 28.59 11.49 -21.29
CA UNK F 497 29.98 11.90 -21.41
C UNK F 497 30.85 11.14 -20.41
N UNK F 498 30.34 10.97 -19.20
CA UNK F 498 31.05 10.23 -18.17
C UNK F 498 31.04 8.73 -18.48
N UNK F 499 29.97 8.27 -19.11
CA UNK F 499 29.86 6.88 -19.52
C UNK F 499 30.84 6.56 -20.64
N UNK F 500 30.96 7.48 -21.58
CA UNK F 500 31.92 7.34 -22.68
C UNK F 500 33.34 7.46 -22.15
N UNK F 501 33.50 8.28 -21.11
CA UNK F 501 34.80 8.42 -20.45
C UNK F 501 35.17 7.12 -19.74
N UNK F 502 34.14 6.42 -19.25
CA UNK F 502 34.36 5.12 -18.63
C UNK F 502 34.64 4.07 -19.70
N UNK F 503 34.10 4.29 -20.88
CA UNK F 503 34.34 3.39 -22.01
C UNK F 503 35.75 3.55 -22.55
N UNK F 504 36.30 4.76 -22.43
CA UNK F 504 37.65 5.03 -22.87
C UNK F 504 38.66 4.35 -21.95
N UNK F 505 38.28 4.15 -20.70
CA UNK F 505 39.13 3.50 -19.72
C UNK F 505 39.22 2.00 -19.95
N UNK G 5 22.01 26.32 69.35
CA UNK G 5 23.31 25.76 69.00
C UNK G 5 23.44 25.56 67.50
N UNK G 6 24.15 24.50 67.11
CA UNK G 6 24.40 24.21 65.71
C UNK G 6 24.61 22.72 65.48
N UNK G 7 24.98 22.36 64.25
CA UNK G 7 25.24 20.97 63.91
C UNK G 7 26.40 20.86 62.93
N UNK G 8 27.29 19.90 63.16
CA UNK G 8 28.46 19.69 62.31
C UNK G 8 28.05 19.21 60.92
N LEU G 17 32.58 22.54 49.54
CA LEU G 17 32.69 21.48 48.55
C LEU G 17 31.31 20.92 48.22
N ASN G 18 30.64 20.39 49.23
CA ASN G 18 29.31 19.83 49.08
C ASN G 18 28.32 20.89 48.62
N PHE G 19 28.38 22.05 49.27
CA PHE G 19 27.44 23.14 49.00
C PHE G 19 27.93 24.12 47.93
N TYR G 20 29.07 23.82 47.32
CA TYR G 20 29.70 24.75 46.39
C TYR G 20 28.89 25.06 45.13
N LEU G 21 28.96 26.31 44.69
CA LEU G 21 28.43 26.75 43.40
C LEU G 21 29.38 27.80 42.86
N SER G 22 29.54 27.87 41.54
CA SER G 22 30.49 28.80 40.95
C SER G 22 30.20 30.23 41.38
N TYR G 23 29.00 30.69 41.07
CA TYR G 23 28.61 32.08 41.30
C TYR G 23 28.84 32.59 42.70
N PHE G 24 28.91 31.67 43.67
CA PHE G 24 29.26 32.02 45.05
C PHE G 24 30.55 32.81 45.13
N ASP G 25 31.59 32.40 44.41
CA ASP G 25 32.81 33.21 44.27
C ASP G 25 32.49 34.64 43.81
N ASP G 26 31.70 34.76 42.75
CA ASP G 26 31.25 36.08 42.28
C ASP G 26 30.39 36.85 43.29
N VAL G 27 29.81 36.14 44.26
CA VAL G 27 29.12 36.78 45.38
C VAL G 27 30.12 37.29 46.41
N ALA G 28 31.15 36.49 46.67
CA ALA G 28 32.24 36.84 47.61
C ALA G 28 33.06 38.06 47.17
N LYS G 29 33.16 38.30 45.87
CA LYS G 29 33.93 39.45 45.40
C LYS G 29 33.10 40.72 45.27
N VAL G 30 31.80 40.63 45.54
CA VAL G 30 30.96 41.81 45.56
C VAL G 30 30.52 42.16 46.97
N LEU G 31 30.98 41.39 47.95
CA LEU G 31 30.52 41.57 49.31
C LEU G 31 31.67 42.05 50.13
N PRO G 32 31.43 43.03 51.00
CA PRO G 32 32.56 43.61 51.74
C PRO G 32 33.13 42.64 52.76
N ARG G 33 34.37 42.88 53.18
CA ARG G 33 35.07 41.99 54.10
C ARG G 33 34.44 42.00 55.50
N GLU G 34 33.92 43.15 55.92
CA GLU G 34 33.38 43.31 57.27
C GLU G 34 31.96 42.80 57.40
N HIS G 35 31.29 42.57 56.28
CA HIS G 35 29.91 42.12 56.30
C HIS G 35 29.80 40.59 56.19
N TYR G 36 28.94 40.01 57.00
CA TYR G 36 28.72 38.56 57.02
C TYR G 36 27.54 38.16 56.13
N CYS G 37 27.69 37.05 55.42
CA CYS G 37 26.62 36.55 54.56
C CYS G 37 26.40 35.05 54.77
N PHE G 38 25.13 34.64 54.64
CA PHE G 38 24.76 33.24 54.88
C PHE G 38 23.90 32.69 53.74
N ILE G 39 24.05 31.40 53.48
CA ILE G 39 23.22 30.69 52.52
C ILE G 39 22.15 29.89 53.25
N VAL G 40 20.89 30.22 52.99
CA VAL G 40 19.76 29.53 53.61
C VAL G 40 18.75 29.15 52.54
N GLY G 41 17.78 28.31 52.89
CA GLY G 41 16.75 27.92 51.95
C GLY G 41 16.93 26.54 51.36
N GLY G 42 16.15 26.24 50.33
CA GLY G 42 16.12 24.91 49.74
C GLY G 42 17.40 24.44 49.08
N TRP G 43 18.37 25.33 48.93
CA TRP G 43 19.66 24.94 48.39
C TRP G 43 20.35 24.00 49.37
N VAL G 44 20.47 24.45 50.61
CA VAL G 44 21.06 23.66 51.69
C VAL G 44 20.23 22.40 51.92
N ARG G 45 18.91 22.54 51.84
CA ARG G 45 17.98 21.42 52.04
C ARG G 45 18.22 20.31 51.02
N ASP G 46 18.18 20.66 49.74
CA ASP G 46 18.39 19.72 48.66
C ASP G 46 19.79 19.12 48.71
N ARG G 47 20.78 19.96 48.94
CA ARG G 47 22.17 19.49 48.95
C ARG G 47 22.45 18.56 50.14
N ILE G 48 21.71 18.77 51.23
CA ILE G 48 21.78 17.86 52.37
C ILE G 48 21.10 16.54 52.01
N LEU G 49 19.93 16.64 51.38
CA LEU G 49 19.24 15.45 50.89
C LEU G 49 19.99 14.82 49.70
N GLY G 50 20.85 15.60 49.07
CA GLY G 50 21.68 15.10 47.99
C GLY G 50 20.97 14.96 46.66
N GLU G 51 19.85 15.65 46.50
CA GLU G 51 19.13 15.64 45.23
C GLU G 51 19.93 16.35 44.14
N PRO G 52 20.03 15.70 42.96
CA PRO G 52 20.76 16.24 41.81
C PRO G 52 20.26 17.62 41.39
N VAL G 53 21.18 18.53 41.11
CA VAL G 53 20.84 19.87 40.66
C VAL G 53 20.40 19.86 39.19
N GLY G 54 19.22 20.41 38.93
CA GLY G 54 18.67 20.42 37.58
C GLY G 54 18.93 21.71 36.84
N TYR G 55 18.02 22.06 35.94
CA TYR G 55 18.16 23.27 35.14
C TYR G 55 17.57 24.48 35.84
N ASN G 56 16.85 24.23 36.94
CA ASN G 56 16.33 25.31 37.77
C ASN G 56 17.12 25.43 39.07
N ILE G 57 17.88 26.53 39.18
CA ILE G 57 18.74 26.74 40.32
C ILE G 57 18.38 28.04 41.04
N ASP G 58 17.93 27.91 42.29
CA ASP G 58 17.51 29.07 43.08
C ASP G 58 18.27 29.11 44.41
N VAL G 59 19.08 30.15 44.59
CA VAL G 59 19.86 30.28 45.80
C VAL G 59 19.35 31.44 46.65
N ASP G 60 19.32 31.25 47.97
CA ASP G 60 18.76 32.25 48.88
C ASP G 60 19.76 32.68 49.95
N PHE G 61 19.87 33.98 50.16
CA PHE G 61 20.90 34.54 51.03
C PHE G 61 20.35 35.42 52.15
N LEU G 62 21.06 35.45 53.27
CA LEU G 62 20.81 36.41 54.33
C LEU G 62 22.09 37.19 54.59
N THR G 63 22.08 38.48 54.31
CA THR G 63 23.29 39.28 54.46
C THR G 63 23.14 40.44 55.43
N THR G 64 24.25 40.81 56.07
CA THR G 64 24.28 41.96 56.97
C THR G 64 24.41 43.24 56.17
N ALA G 65 24.89 43.10 54.94
CA ALA G 65 25.06 44.25 54.05
C ALA G 65 23.74 44.64 53.39
N ASP G 66 23.80 45.61 52.49
CA ASP G 66 22.63 46.06 51.77
C ASP G 66 22.35 45.14 50.58
N PRO G 67 21.22 44.42 50.62
CA PRO G 67 20.86 43.48 49.55
C PRO G 67 20.71 44.14 48.19
N VAL G 68 20.27 45.40 48.18
CA VAL G 68 20.08 46.14 46.94
C VAL G 68 21.40 46.34 46.18
N GLU G 69 22.36 46.96 46.85
CA GLU G 69 23.68 47.22 46.26
C GLU G 69 24.40 45.91 45.96
N LEU G 70 24.30 44.96 46.90
CA LEU G 70 24.93 43.66 46.77
C LEU G 70 24.46 42.95 45.50
N ALA G 71 23.14 42.83 45.36
CA ALA G 71 22.56 42.16 44.20
C ALA G 71 22.80 42.96 42.92
N LYS G 72 22.89 44.28 43.05
CA LYS G 72 23.18 45.12 41.88
C LYS G 72 24.56 44.81 41.31
N ASN G 73 25.58 44.91 42.17
CA ASN G 73 26.95 44.63 41.75
C ASN G 73 27.15 43.17 41.35
N PHE G 74 26.42 42.27 42.01
CA PHE G 74 26.47 40.85 41.69
C PHE G 74 25.93 40.58 40.29
N ALA G 75 24.78 41.18 39.99
CA ALA G 75 24.16 41.06 38.67
C ALA G 75 25.05 41.71 37.62
N LYS G 76 25.74 42.76 38.01
CA LYS G 76 26.67 43.43 37.11
C LYS G 76 27.84 42.51 36.80
N ARG G 77 28.26 41.73 37.80
CA ARG G 77 29.35 40.78 37.63
C ARG G 77 28.97 39.60 36.73
N ILE G 78 27.86 38.94 37.06
CA ILE G 78 27.46 37.75 36.32
C ILE G 78 26.70 38.09 35.04
N GLY G 79 26.42 39.37 34.84
CA GLY G 79 25.66 39.81 33.69
C GLY G 79 24.22 39.36 33.76
N GLY G 80 23.69 39.30 34.98
CA GLY G 80 22.32 38.88 35.19
C GLY G 80 21.37 40.05 35.27
N HIS G 81 20.09 39.80 35.07
CA HIS G 81 19.07 40.83 35.13
C HIS G 81 18.71 41.12 36.58
N PHE G 82 18.91 42.37 37.00
CA PHE G 82 18.73 42.75 38.39
C PHE G 82 17.41 43.46 38.63
N PHE G 83 16.71 43.06 39.69
CA PHE G 83 15.55 43.82 40.16
C PHE G 83 15.39 43.78 41.68
N VAL G 84 15.00 44.92 42.25
CA VAL G 84 14.72 45.01 43.68
C VAL G 84 13.29 44.52 43.91
N PHE G 85 12.97 44.20 45.15
CA PHE G 85 11.65 43.70 45.45
C PHE G 85 11.34 43.90 46.91
N GLU G 86 10.15 44.41 47.22
CA GLU G 86 9.74 44.42 48.61
C GLU G 86 8.26 44.68 48.80
N LYS G 87 7.76 44.25 49.94
CA LYS G 87 6.61 44.87 50.54
C LYS G 87 6.95 45.13 51.99
N ARG G 88 6.86 46.41 52.38
CA ARG G 88 7.34 46.92 53.66
C ARG G 88 6.26 46.91 54.73
N GLY G 89 5.12 46.33 54.43
CA GLY G 89 4.01 46.36 55.35
C GLY G 89 4.49 45.67 56.59
N PHE G 90 3.86 45.97 57.72
CA PHE G 90 4.38 45.55 59.02
C PHE G 90 4.19 44.07 59.37
N LEU G 91 4.91 43.65 60.39
CA LEU G 91 4.88 42.27 60.86
C LEU G 91 5.37 41.26 59.83
N ILE G 92 6.37 41.67 59.05
CA ILE G 92 7.07 40.76 58.15
C ILE G 92 8.51 40.65 58.61
N LYS G 93 9.02 39.44 58.75
CA LYS G 93 10.39 39.25 59.18
C LYS G 93 11.38 39.82 58.17
N ARG G 94 11.16 39.61 56.88
CA ARG G 94 12.03 40.22 55.88
C ARG G 94 11.28 41.24 55.01
N PRO G 95 11.52 42.58 55.34
CA PRO G 95 10.74 43.52 54.51
C PRO G 95 11.11 43.61 53.03
N THR G 96 12.40 43.64 52.74
CA THR G 96 12.87 43.97 51.40
C THR G 96 13.74 42.89 50.80
N ILE G 97 13.46 42.53 49.56
CA ILE G 97 14.17 41.45 48.91
C ILE G 97 14.73 41.93 47.58
N ALA G 98 16.01 41.62 47.35
CA ALA G 98 16.65 41.96 46.09
C ALA G 98 17.03 40.68 45.38
N SER G 99 16.65 40.58 44.11
CA SER G 99 16.93 39.39 43.37
C SER G 99 17.55 39.62 42.03
N VAL G 100 18.20 38.59 41.55
CA VAL G 100 18.98 38.56 40.31
C VAL G 100 18.66 37.31 39.51
N VAL G 101 18.08 37.50 38.32
CA VAL G 101 17.67 36.38 37.48
C VAL G 101 18.57 36.24 36.25
N LEU G 102 19.00 35.02 35.97
CA LEU G 102 19.81 34.74 34.79
C LEU G 102 19.17 33.64 33.95
N HIS G 103 18.72 33.97 32.75
CA HIS G 103 17.98 33.01 31.93
C HIS G 103 18.53 32.84 30.53
N LEU G 104 19.02 31.63 30.24
CA LEU G 104 19.40 31.22 28.90
C LEU G 104 18.62 29.93 28.59
N PRO G 105 18.74 29.39 27.36
CA PRO G 105 17.89 28.22 27.10
C PRO G 105 18.11 26.96 27.97
N PRO G 106 19.36 26.50 28.16
CA PRO G 106 19.48 25.24 28.92
C PRO G 106 19.22 25.38 30.42
N TYR G 107 19.51 26.54 31.00
CA TYR G 107 19.46 26.71 32.44
C TYR G 107 18.68 27.95 32.88
N ARG G 108 18.22 27.92 34.12
CA ARG G 108 17.56 29.07 34.73
C ARG G 108 18.09 29.30 36.14
N TYR G 109 18.52 30.52 36.43
CA TYR G 109 19.09 30.87 37.71
C TYR G 109 18.31 32.00 38.38
N ARG G 110 18.10 31.89 39.69
CA ARG G 110 17.58 33.00 40.47
C ARG G 110 18.28 33.11 41.81
N PHE G 111 18.71 34.32 42.14
CA PHE G 111 19.39 34.58 43.41
C PHE G 111 18.60 35.58 44.23
N ASP G 112 18.23 35.20 45.44
CA ASP G 112 17.50 36.07 46.35
C ASP G 112 18.41 36.55 47.48
N PHE G 113 18.24 37.80 47.87
CA PHE G 113 19.03 38.38 48.95
C PHE G 113 18.13 39.05 49.97
N SER G 114 18.30 38.68 51.24
CA SER G 114 17.48 39.24 52.31
C SER G 114 18.33 39.96 53.35
N PRO G 115 17.80 41.07 53.90
CA PRO G 115 18.50 41.82 54.94
C PRO G 115 18.56 41.07 56.26
N LEU G 116 19.71 41.13 56.93
CA LEU G 116 19.85 40.58 58.27
C LEU G 116 20.53 41.62 59.16
N LYS G 117 19.81 42.08 60.18
CA LYS G 117 20.34 43.12 61.05
C LYS G 117 20.04 42.83 62.52
N GLY G 118 21.03 43.04 63.36
CA GLY G 118 20.88 42.83 64.79
C GLY G 118 22.10 43.27 65.56
N LYS G 119 21.93 43.52 66.86
CA LYS G 119 23.03 43.93 67.72
C LYS G 119 23.98 42.76 68.00
N ASP G 120 23.55 41.56 67.66
CA ASP G 120 24.39 40.37 67.74
C ASP G 120 24.11 39.48 66.53
N LEU G 121 25.18 39.01 65.88
CA LEU G 121 25.05 38.22 64.66
C LEU G 121 24.31 36.91 64.88
N GLU G 122 24.79 36.11 65.82
CA GLU G 122 24.20 34.80 66.10
C GLU G 122 22.76 34.95 66.60
N LYS G 123 22.53 35.92 67.46
CA LYS G 123 21.21 36.20 67.99
C LYS G 123 20.22 36.51 66.86
N ALA G 124 20.59 37.45 66.00
CA ALA G 124 19.74 37.85 64.88
C ALA G 124 19.56 36.71 63.89
N LEU G 125 20.58 35.86 63.76
CA LEU G 125 20.52 34.73 62.84
C LEU G 125 19.52 33.68 63.30
N ILE G 126 19.64 33.26 64.56
CA ILE G 126 18.69 32.28 65.11
C ILE G 126 17.30 32.87 65.16
N GLU G 127 17.19 34.12 65.57
CA GLU G 127 15.91 34.83 65.61
C GLU G 127 15.28 34.89 64.21
N ASP G 128 16.13 34.95 63.19
CA ASP G 128 15.65 34.93 61.81
C ASP G 128 15.17 33.54 61.41
N LEU G 129 15.99 32.54 61.67
CA LEU G 129 15.70 31.17 61.26
C LEU G 129 14.51 30.58 62.00
N LYS G 130 14.15 31.18 63.13
CA LYS G 130 13.02 30.72 63.93
C LYS G 130 11.67 31.01 63.26
N GLU G 131 11.61 32.06 62.47
CA GLU G 131 10.35 32.48 61.86
C GLU G 131 10.13 31.92 60.45
N ARG G 132 11.04 31.07 59.99
CA ARG G 132 10.91 30.45 58.68
C ARG G 132 9.81 29.39 58.69
N ASP G 133 9.33 29.02 57.50
CA ASP G 133 8.20 28.12 57.36
C ASP G 133 8.43 26.71 57.89
N PHE G 134 9.49 26.06 57.41
CA PHE G 134 9.75 24.66 57.77
C PHE G 134 11.16 24.44 58.30
N THR G 135 11.35 23.32 58.99
CA THR G 135 12.64 22.98 59.58
C THR G 135 13.72 22.77 58.53
N ALA G 136 13.37 22.09 57.44
CA ALA G 136 14.31 21.80 56.36
C ALA G 136 14.80 23.08 55.69
N ASN G 137 13.99 24.12 55.73
CA ASN G 137 14.34 25.40 55.13
C ASN G 137 15.04 26.34 56.11
N ALA G 138 15.07 25.94 57.38
CA ALA G 138 15.63 26.77 58.43
C ALA G 138 17.12 26.51 58.64
N ILE G 139 17.69 25.64 57.82
CA ILE G 139 19.11 25.32 57.91
C ILE G 139 19.95 26.33 57.13
N ALA G 140 20.91 26.96 57.82
CA ALA G 140 21.76 27.97 57.21
C ALA G 140 23.23 27.58 57.27
N VAL G 141 24.03 28.11 56.35
CA VAL G 141 25.47 27.86 56.34
C VAL G 141 26.25 29.13 56.03
N ASN G 142 27.41 29.28 56.65
CA ASN G 142 28.26 30.44 56.38
C ASN G 142 28.81 30.37 54.97
N LEU G 143 28.84 31.51 54.28
CA LEU G 143 29.25 31.58 52.88
C LEU G 143 30.70 31.12 52.68
N ASP G 144 31.57 31.51 53.60
CA ASP G 144 32.99 31.18 53.50
C ASP G 144 33.27 29.69 53.73
N ASP G 145 32.40 29.05 54.50
CA ASP G 145 32.51 27.60 54.71
C ASP G 145 32.07 26.87 53.45
N VAL G 146 31.18 27.51 52.70
CA VAL G 146 30.68 26.95 51.45
C VAL G 146 31.71 27.11 50.34
N LEU G 147 32.38 28.26 50.33
CA LEU G 147 33.42 28.54 49.34
C LEU G 147 34.54 27.50 49.38
N SER G 148 34.85 27.03 50.59
CA SER G 148 35.89 26.03 50.77
C SER G 148 35.49 24.69 50.17
N ILE G 149 36.36 24.16 49.31
CA ILE G 149 36.08 22.89 48.65
C ILE G 149 36.89 21.75 49.26
N THR G 154 31.88 21.11 57.54
CA THR G 154 31.05 22.30 57.41
C THR G 154 30.04 22.37 58.54
N ILE G 155 29.99 23.52 59.22
CA ILE G 155 29.07 23.72 60.33
C ILE G 155 27.81 24.48 59.89
N VAL G 156 26.65 23.94 60.23
CA VAL G 156 25.37 24.53 59.82
C VAL G 156 24.59 25.03 61.03
N TYR G 157 23.71 25.99 60.80
CA TYR G 157 22.87 26.53 61.86
C TYR G 157 21.44 26.06 61.73
N ASP G 158 21.00 25.20 62.65
CA ASP G 158 19.64 24.68 62.64
C ASP G 158 19.01 24.61 64.02
N PRO G 159 18.49 25.76 64.51
CA PRO G 159 17.83 25.80 65.81
C PRO G 159 16.52 25.00 65.80
N THR G 160 15.93 24.85 64.63
CA THR G 160 14.71 24.07 64.47
C THR G 160 15.04 22.59 64.30
N GLY G 161 16.32 22.30 64.14
CA GLY G 161 16.78 20.93 63.97
C GLY G 161 16.26 20.32 62.68
N GLY G 162 16.48 21.01 61.57
CA GLY G 162 16.01 20.55 60.28
C GLY G 162 16.63 19.24 59.86
N ILE G 163 17.89 19.05 60.22
CA ILE G 163 18.60 17.81 59.90
C ILE G 163 17.97 16.62 60.61
N LYS G 164 17.66 16.81 61.89
CA LYS G 164 17.06 15.75 62.70
C LYS G 164 15.74 15.27 62.10
N ASP G 165 14.99 16.19 61.51
CA ASP G 165 13.71 15.86 60.89
C ASP G 165 13.91 15.24 59.50
N LEU G 166 14.86 15.77 58.73
CA LEU G 166 15.13 15.25 57.40
C LEU G 166 15.70 13.83 57.46
N GLU G 167 16.30 13.48 58.59
CA GLU G 167 16.81 12.11 58.79
C GLU G 167 15.66 11.11 58.84
N GLN G 168 14.54 11.54 59.39
CA GLN G 168 13.37 10.68 59.54
C GLN G 168 12.45 10.76 58.32
N GLY G 169 12.75 11.68 57.42
CA GLY G 169 11.95 11.86 56.22
C GLY G 169 10.70 12.69 56.46
N LEU G 170 10.74 13.53 57.48
CA LEU G 170 9.59 14.35 57.86
C LEU G 170 9.78 15.81 57.48
N LEU G 171 8.74 16.43 56.93
CA LEU G 171 8.74 17.86 56.68
C LEU G 171 7.92 18.55 57.76
N ARG G 172 8.61 19.25 58.66
CA ARG G 172 7.96 19.83 59.82
C ARG G 172 7.95 21.36 59.81
N PRO G 173 6.75 21.95 59.88
CA PRO G 173 6.65 23.40 60.05
C PRO G 173 7.20 23.81 61.41
N VAL G 174 7.98 24.89 61.44
CA VAL G 174 8.61 25.36 62.68
C VAL G 174 7.57 25.58 63.78
N SER G 175 6.56 26.38 63.47
CA SER G 175 5.41 26.57 64.36
C SER G 175 4.18 26.90 63.53
N ILE G 176 3.00 26.59 64.07
CA ILE G 176 1.75 26.83 63.37
C ILE G 176 1.55 28.33 63.13
N GLU G 177 2.03 29.14 64.07
CA GLU G 177 1.91 30.59 63.95
C GLU G 177 2.76 31.15 62.81
N ASN G 178 3.77 30.40 62.39
CA ASN G 178 4.54 30.75 61.21
C ASN G 178 3.69 30.54 59.96
N LEU G 179 2.92 29.45 59.95
CA LEU G 179 2.01 29.15 58.86
C LEU G 179 0.89 30.18 58.79
N LYS G 180 0.41 30.60 59.95
CA LYS G 180 -0.64 31.62 60.02
C LYS G 180 -0.09 33.00 59.65
N ARG G 181 1.19 33.20 59.92
CA ARG G 181 1.87 34.46 59.60
C ARG G 181 1.81 34.73 58.10
N ASP G 182 2.25 33.75 57.32
CA ASP G 182 2.22 33.85 55.86
C ASP G 182 1.49 32.64 55.28
N PRO G 183 0.18 32.75 55.07
CA PRO G 183 -0.72 31.65 54.69
C PRO G 183 -0.26 30.86 53.46
N VAL G 184 0.34 31.52 52.47
CA VAL G 184 0.78 30.85 51.25
C VAL G 184 1.71 29.67 51.54
N ARG G 185 2.43 29.75 52.66
CA ARG G 185 3.32 28.68 53.10
C ARG G 185 2.62 27.34 53.14
N VAL G 186 1.35 27.34 53.53
CA VAL G 186 0.59 26.10 53.67
C VAL G 186 0.50 25.32 52.34
N LEU G 187 0.68 26.01 51.23
CA LEU G 187 0.71 25.35 49.93
C LEU G 187 2.07 24.71 49.67
N ARG G 188 3.12 25.45 50.02
CA ARG G 188 4.49 25.00 49.76
C ARG G 188 4.76 23.69 50.47
N GLY G 189 4.23 23.57 51.69
CA GLY G 189 4.34 22.36 52.47
C GLY G 189 3.84 21.14 51.72
N PHE G 190 2.81 21.33 50.91
CA PHE G 190 2.31 20.24 50.08
C PHE G 190 3.27 19.93 48.94
N ARG G 191 3.80 20.98 48.30
CA ARG G 191 4.69 20.79 47.17
C ARG G 191 5.99 20.08 47.58
N ILE G 192 6.72 20.71 48.49
CA ILE G 192 8.03 20.23 48.91
C ILE G 192 7.98 18.78 49.37
N ALA G 193 7.04 18.49 50.27
CA ALA G 193 6.85 17.15 50.80
C ALA G 193 6.71 16.11 49.70
N ILE G 194 5.99 16.45 48.65
CA ILE G 194 5.85 15.53 47.52
C ILE G 194 7.06 15.60 46.59
N GLU G 195 7.62 16.79 46.45
CA GLU G 195 8.75 17.01 45.55
C GLU G 195 10.01 16.33 46.08
N LYS G 196 10.21 16.41 47.40
CA LYS G 196 11.37 15.81 48.04
C LYS G 196 11.06 14.41 48.59
N ASN G 197 9.83 13.96 48.33
CA ASN G 197 9.34 12.69 48.90
C ASN G 197 9.44 12.69 50.42
N LEU G 198 8.68 13.60 51.04
CA LEU G 198 8.70 13.72 52.49
C LEU G 198 7.28 13.53 53.04
N GLN G 199 7.17 12.86 54.19
CA GLN G 199 5.88 12.64 54.81
C GLN G 199 5.60 13.75 55.82
N LEU G 200 4.57 14.54 55.54
CA LEU G 200 4.20 15.66 56.40
C LEU G 200 3.75 15.20 57.78
N THR G 201 4.12 15.96 58.80
CA THR G 201 3.77 15.64 60.18
C THR G 201 2.30 15.93 60.48
N GLU G 202 1.90 15.67 61.72
CA GLU G 202 0.49 15.75 62.11
C GLU G 202 -0.04 17.18 62.26
N ASP G 203 0.77 18.04 62.85
CA ASP G 203 0.36 19.42 63.14
C ASP G 203 -0.03 20.19 61.89
N PHE G 204 0.72 19.98 60.81
CA PHE G 204 0.43 20.64 59.53
C PHE G 204 -0.93 20.22 59.02
N TYR G 205 -1.14 18.91 58.88
CA TYR G 205 -2.40 18.37 58.38
C TYR G 205 -3.58 18.78 59.24
N GLU G 206 -3.37 18.84 60.56
CA GLU G 206 -4.42 19.25 61.48
C GLU G 206 -4.76 20.72 61.26
N PHE G 207 -3.73 21.55 61.16
CA PHE G 207 -3.90 22.98 60.87
C PHE G 207 -4.65 23.18 59.57
N VAL G 208 -4.43 22.30 58.60
CA VAL G 208 -5.18 22.34 57.35
C VAL G 208 -6.62 21.96 57.59
N LYS G 209 -6.86 20.99 58.47
CA LYS G 209 -8.23 20.53 58.66
C LYS G 209 -9.19 21.60 59.17
N GLU G 210 -8.75 22.41 60.13
CA GLU G 210 -9.65 23.41 60.72
C GLU G 210 -10.13 24.53 59.80
N ASP G 211 -9.22 25.15 59.05
CA ASP G 211 -9.59 26.26 58.17
C ASP G 211 -8.81 26.25 56.87
N PRO G 212 -9.14 25.31 56.00
CA PRO G 212 -8.48 25.17 54.70
C PRO G 212 -8.55 26.43 53.84
N ARG G 213 -9.46 27.34 54.18
CA ARG G 213 -9.69 28.54 53.38
C ARG G 213 -8.64 29.62 53.64
N ILE G 214 -7.83 29.42 54.68
CA ILE G 214 -6.80 30.39 55.08
C ILE G 214 -5.87 30.77 53.93
N VAL G 215 -5.70 29.84 52.98
CA VAL G 215 -4.83 30.04 51.83
C VAL G 215 -5.24 31.28 51.01
N LEU G 216 -6.51 31.66 51.10
CA LEU G 216 -7.01 32.82 50.36
C LEU G 216 -6.47 34.14 50.90
N LYS G 217 -5.94 34.13 52.12
CA LYS G 217 -5.45 35.37 52.74
C LYS G 217 -4.21 35.90 52.02
N SER G 218 -3.35 34.99 51.57
CA SER G 218 -2.17 35.38 50.80
C SER G 218 -2.55 35.78 49.38
N ALA G 219 -1.65 36.52 48.73
CA ALA G 219 -1.89 37.02 47.37
C ALA G 219 -2.17 35.89 46.37
N VAL G 220 -3.06 36.15 45.43
CA VAL G 220 -3.50 35.16 44.45
C VAL G 220 -2.38 34.70 43.52
N GLU G 221 -1.55 35.63 43.07
CA GLU G 221 -0.47 35.35 42.12
C GLU G 221 0.49 34.31 42.66
N ARG G 222 0.81 34.42 43.95
CA ARG G 222 1.71 33.49 44.61
C ARG G 222 1.09 32.10 44.70
N ILE G 223 -0.23 32.07 44.94
CA ILE G 223 -0.99 30.83 44.97
C ILE G 223 -0.92 30.15 43.61
N THR G 224 -1.08 30.95 42.56
CA THR G 224 -0.98 30.47 41.19
C THR G 224 0.40 29.86 40.93
N HIS G 225 1.44 30.60 41.29
CA HIS G 225 2.82 30.17 41.05
C HIS G 225 3.09 28.85 41.77
N GLU G 226 2.63 28.75 43.02
CA GLU G 226 2.82 27.53 43.79
C GLU G 226 2.04 26.36 43.20
N LEU G 227 0.84 26.65 42.68
CA LEU G 227 0.01 25.62 42.07
C LEU G 227 0.64 25.08 40.80
N PHE G 228 1.26 25.96 40.02
CA PHE G 228 1.94 25.54 38.81
C PHE G 228 3.22 24.78 39.13
N LYS G 229 3.89 25.18 40.20
CA LYS G 229 5.06 24.44 40.67
C LYS G 229 4.65 23.06 41.18
N ILE G 230 3.39 22.96 41.63
CA ILE G 230 2.83 21.67 42.02
C ILE G 230 2.55 20.81 40.79
N MET G 231 1.94 21.42 39.78
CA MET G 231 1.63 20.72 38.53
C MET G 231 2.89 20.32 37.76
N LYS G 232 4.00 20.97 38.10
CA LYS G 232 5.26 20.74 37.40
C LYS G 232 5.76 19.31 37.56
N GLU G 233 5.61 18.74 38.75
CA GLU G 233 6.05 17.37 39.00
C GLU G 233 5.07 16.35 38.45
N LYS G 234 5.56 15.16 38.16
CA LYS G 234 4.74 14.11 37.54
C LYS G 234 3.90 13.36 38.56
N THR G 235 4.11 13.65 39.83
CA THR G 235 3.33 13.06 40.92
C THR G 235 2.16 13.95 41.32
N ALA G 236 1.95 15.02 40.55
CA ALA G 236 1.00 16.08 40.88
C ALA G 236 -0.41 15.62 41.24
N HIS G 237 -0.82 14.47 40.73
CA HIS G 237 -2.17 13.96 40.98
C HIS G 237 -2.43 13.70 42.46
N LYS G 238 -1.39 13.26 43.18
CA LYS G 238 -1.50 13.00 44.60
C LYS G 238 -1.69 14.30 45.38
N VAL G 239 -0.97 15.33 44.96
CA VAL G 239 -1.05 16.64 45.59
C VAL G 239 -2.43 17.26 45.35
N ILE G 240 -2.92 17.12 44.11
CA ILE G 240 -4.24 17.61 43.76
C ILE G 240 -5.31 16.90 44.57
N ARG G 241 -5.17 15.58 44.69
CA ARG G 241 -6.11 14.80 45.50
C ARG G 241 -6.07 15.24 46.96
N GLU G 242 -4.88 15.58 47.45
CA GLU G 242 -4.73 16.09 48.80
C GLU G 242 -5.49 17.41 48.98
N LEU G 243 -5.23 18.36 48.09
CA LEU G 243 -5.85 19.67 48.14
C LEU G 243 -7.37 19.61 48.00
N TYR G 244 -7.86 18.61 47.27
CA TYR G 244 -9.29 18.42 47.11
C TYR G 244 -9.91 17.80 48.36
N GLU G 245 -9.26 16.76 48.88
CA GLU G 245 -9.75 16.07 50.07
C GLU G 245 -9.81 16.99 51.28
N TYR G 246 -8.81 17.86 51.40
CA TYR G 246 -8.79 18.83 52.50
C TYR G 246 -9.71 20.02 52.22
N GLY G 247 -10.05 20.22 50.95
CA GLY G 247 -10.94 21.30 50.56
C GLY G 247 -10.21 22.60 50.26
N VAL G 248 -8.89 22.53 50.22
CA VAL G 248 -8.07 23.69 49.91
C VAL G 248 -8.28 24.12 48.46
N LEU G 249 -8.29 23.14 47.57
CA LEU G 249 -8.51 23.36 46.15
C LEU G 249 -9.86 24.02 45.91
N GLU G 250 -10.87 23.58 46.65
CA GLU G 250 -12.21 24.13 46.55
C GLU G 250 -12.23 25.59 47.02
N ALA G 251 -11.46 25.87 48.05
CA ALA G 251 -11.35 27.23 48.58
C ALA G 251 -10.69 28.15 47.55
N ILE G 252 -9.68 27.63 46.88
CA ILE G 252 -8.97 28.38 45.85
C ILE G 252 -9.76 28.42 44.54
N ILE G 253 -10.26 27.25 44.13
CA ILE G 253 -11.07 27.16 42.91
C ILE G 253 -12.42 26.53 43.21
N PRO G 254 -13.43 27.38 43.51
CA PRO G 254 -14.77 26.96 43.92
C PRO G 254 -15.47 26.05 42.92
N GLU G 255 -15.20 26.25 41.63
CA GLU G 255 -15.84 25.48 40.57
C GLU G 255 -15.65 23.97 40.73
N ILE G 256 -14.47 23.58 41.21
CA ILE G 256 -14.17 22.17 41.44
C ILE G 256 -15.15 21.56 42.44
N GLY G 257 -15.57 22.36 43.41
CA GLY G 257 -16.53 21.91 44.40
C GLY G 257 -17.88 21.50 43.81
N ARG G 258 -18.14 21.94 42.58
CA ARG G 258 -19.38 21.60 41.90
C ARG G 258 -19.32 20.19 41.32
N LEU G 259 -18.11 19.64 41.19
CA LEU G 259 -17.94 18.31 40.63
C LEU G 259 -18.47 17.22 41.56
N ARG G 260 -18.66 17.58 42.83
CA ARG G 260 -19.15 16.62 43.83
C ARG G 260 -20.67 16.43 43.76
N GLU G 261 -21.37 17.43 43.25
CA GLU G 261 -22.83 17.44 43.31
C GLU G 261 -23.48 16.66 42.17
N VAL G 262 -22.67 16.04 41.31
CA VAL G 262 -23.19 15.21 40.23
C VAL G 262 -22.94 13.73 40.49
N LYS G 263 -24.03 12.96 40.57
CA LYS G 263 -23.96 11.53 40.82
C LYS G 263 -24.04 10.73 39.53
N ASP G 264 -23.07 9.84 39.33
CA ASP G 264 -23.03 9.01 38.12
C ASP G 264 -23.66 7.64 38.38
N PRO G 272 -19.37 9.64 40.37
CA PRO G 272 -18.25 10.29 41.06
C PRO G 272 -17.36 11.06 40.08
N LEU G 273 -17.83 12.23 39.64
CA LEU G 273 -17.10 13.03 38.68
C LEU G 273 -15.75 13.50 39.22
N ASP G 274 -15.69 13.75 40.52
CA ASP G 274 -14.45 14.18 41.16
C ASP G 274 -13.35 13.12 41.03
N GLU G 275 -13.67 11.90 41.44
CA GLU G 275 -12.75 10.77 41.34
C GLU G 275 -12.42 10.50 39.87
N HIS G 276 -13.40 10.74 39.00
CA HIS G 276 -13.19 10.58 37.57
C HIS G 276 -12.12 11.53 37.05
N THR G 277 -12.20 12.79 37.47
CA THR G 277 -11.23 13.80 37.06
C THR G 277 -9.86 13.53 37.67
N LEU G 278 -9.85 13.03 38.91
CA LEU G 278 -8.60 12.66 39.57
C LEU G 278 -7.87 11.55 38.81
N LYS G 279 -8.57 10.46 38.56
CA LYS G 279 -8.00 9.34 37.81
C LYS G 279 -7.66 9.75 36.38
N THR G 280 -8.40 10.72 35.86
CA THR G 280 -8.14 11.26 34.52
C THR G 280 -6.80 11.99 34.52
N LEU G 281 -6.53 12.73 35.58
CA LEU G 281 -5.27 13.45 35.73
C LEU G 281 -4.11 12.48 35.89
N GLU G 282 -4.29 11.50 36.78
CA GLU G 282 -3.26 10.49 37.03
C GLU G 282 -2.91 9.73 35.75
N TYR G 283 -3.93 9.26 35.06
CA TYR G 283 -3.74 8.56 33.79
C TYR G 283 -3.18 9.49 32.72
N LEU G 284 -3.46 10.78 32.85
CA LEU G 284 -2.85 11.75 31.94
C LEU G 284 -1.36 11.80 32.17
N GLU G 285 -0.94 11.72 33.43
CA GLU G 285 0.48 11.67 33.74
C GLU G 285 1.13 10.40 33.20
N GLN G 286 0.51 9.27 33.48
CA GLN G 286 1.02 7.97 33.01
C GLN G 286 1.09 7.89 31.48
N VAL G 287 0.19 8.61 30.81
CA VAL G 287 0.19 8.68 29.35
C VAL G 287 1.27 9.65 28.85
N ILE G 288 1.44 10.74 29.58
CA ILE G 288 2.45 11.75 29.26
C ILE G 288 3.85 11.14 29.28
N GLU G 289 4.13 10.32 30.30
CA GLU G 289 5.42 9.63 30.36
C GLU G 289 5.60 8.67 29.19
N ASP G 290 4.51 8.04 28.77
CA ASP G 290 4.54 7.04 27.71
C ASP G 290 4.25 7.63 26.33
N ARG G 291 4.18 8.96 26.26
CA ARG G 291 3.75 9.67 25.06
C ARG G 291 4.50 9.29 23.78
N ALA G 292 5.71 8.75 23.94
CA ALA G 292 6.52 8.33 22.81
C ALA G 292 5.87 7.21 21.99
N LYS G 293 5.10 6.36 22.66
CA LYS G 293 4.34 5.31 21.98
C LYS G 293 2.90 5.63 21.58
N TYR G 294 2.38 6.79 21.94
CA TYR G 294 1.02 7.14 21.51
C TYR G 294 0.97 8.15 20.37
N LEU G 295 1.78 9.19 20.48
CA LEU G 295 1.85 10.24 19.45
C LEU G 295 2.95 10.00 18.42
N SER G 296 2.79 10.59 17.24
CA SER G 296 3.79 10.48 16.18
C SER G 296 5.02 11.33 16.49
N ALA G 297 5.99 11.30 15.59
CA ALA G 297 7.21 12.09 15.76
C ALA G 297 6.96 13.56 15.46
N GLU G 298 6.25 13.82 14.36
CA GLU G 298 5.93 15.18 13.95
C GLU G 298 5.08 15.91 14.97
N LEU G 299 4.23 15.17 15.69
CA LEU G 299 3.39 15.76 16.73
C LEU G 299 4.18 16.01 18.01
N LEU G 300 5.07 15.08 18.33
CA LEU G 300 5.87 15.17 19.56
C LEU G 300 7.03 16.15 19.41
N GLU G 301 7.29 16.59 18.18
CA GLU G 301 8.42 17.45 17.89
C GLU G 301 8.39 18.78 18.66
N ASN G 302 7.31 19.53 18.52
CA ASN G 302 7.19 20.83 19.16
C ASN G 302 6.57 20.75 20.54
N PHE G 303 6.29 19.53 20.99
CA PHE G 303 5.65 19.30 22.28
C PHE G 303 6.51 19.78 23.45
N GLY G 304 5.93 20.59 24.33
CA GLY G 304 6.62 21.04 25.52
C GLY G 304 7.54 22.23 25.29
N LYS G 305 7.60 22.71 24.06
CA LYS G 305 8.49 23.83 23.72
C LYS G 305 7.89 25.18 24.09
N LYS G 306 6.57 25.23 24.28
CA LYS G 306 5.90 26.47 24.61
C LYS G 306 6.15 26.87 26.06
N ARG G 307 6.59 28.11 26.26
CA ARG G 307 6.89 28.60 27.61
C ARG G 307 5.73 29.41 28.17
N VAL G 308 5.34 29.13 29.40
CA VAL G 308 4.27 29.88 30.03
C VAL G 308 4.72 30.37 31.38
N LEU G 309 4.56 31.66 31.63
CA LEU G 309 4.88 32.24 32.93
C LEU G 309 6.36 32.05 33.19
N GLY G 310 7.07 31.86 32.09
CA GLY G 310 8.52 31.94 32.03
C GLY G 310 9.33 30.77 32.57
N GLU G 311 8.82 30.08 33.59
CA GLU G 311 9.43 28.81 34.01
C GLU G 311 8.66 27.54 33.66
N PHE G 312 7.48 27.69 33.06
CA PHE G 312 6.58 26.55 32.87
C PHE G 312 6.29 26.21 31.42
N THR G 313 5.85 24.98 31.19
CA THR G 313 5.55 24.50 29.85
C THR G 313 4.05 24.24 29.69
N ASP G 314 3.67 23.72 28.53
CA ASP G 314 2.27 23.46 28.22
C ASP G 314 1.80 22.12 28.77
N VAL G 315 2.72 21.37 29.38
CA VAL G 315 2.37 20.10 30.00
C VAL G 315 1.57 20.35 31.29
N GLU G 316 2.02 21.31 32.07
CA GLU G 316 1.29 21.73 33.27
C GLU G 316 -0.11 22.20 32.88
N LEU G 317 -0.18 22.96 31.79
CA LEU G 317 -1.46 23.44 31.26
C LEU G 317 -2.33 22.28 30.78
N LEU G 318 -1.68 21.21 30.32
CA LEU G 318 -2.38 20.02 29.90
C LEU G 318 -3.01 19.36 31.12
N LYS G 319 -2.28 19.37 32.22
CA LYS G 319 -2.79 18.80 33.48
C LYS G 319 -3.96 19.63 34.02
N TRP G 320 -3.83 20.96 33.94
CA TRP G 320 -4.92 21.85 34.31
C TRP G 320 -6.11 21.63 33.38
N GLY G 321 -5.82 21.19 32.16
CA GLY G 321 -6.86 20.91 31.19
C GLY G 321 -7.58 19.62 31.52
N ALA G 322 -6.85 18.66 32.09
CA ALA G 322 -7.44 17.39 32.49
C ALA G 322 -8.26 17.56 33.77
N LEU G 323 -7.80 18.44 34.65
CA LEU G 323 -8.52 18.72 35.88
C LEU G 323 -9.86 19.39 35.56
N PHE G 324 -9.83 20.32 34.60
CA PHE G 324 -11.02 21.07 34.22
C PHE G 324 -11.78 20.43 33.06
N HIS G 325 -11.32 19.26 32.61
CA HIS G 325 -11.84 18.64 31.39
C HIS G 325 -13.36 18.49 31.38
N ASP G 326 -13.95 18.05 32.50
CA ASP G 326 -15.36 18.33 32.72
C ASP G 326 -15.53 19.22 33.93
N ILE G 327 -15.74 20.51 33.70
CA ILE G 327 -16.19 21.41 34.75
C ILE G 327 -17.67 21.77 34.59
N GLY G 328 -18.26 21.28 33.49
CA GLY G 328 -19.59 21.73 33.10
C GLY G 328 -20.72 20.75 33.30
N LYS G 329 -20.40 19.57 33.81
CA LYS G 329 -21.43 18.55 34.04
C LYS G 329 -22.46 18.91 35.13
N PRO G 330 -22.01 19.42 36.29
CA PRO G 330 -23.02 19.87 37.25
C PRO G 330 -23.75 21.13 36.78
N GLN G 331 -23.08 21.91 35.92
CA GLN G 331 -23.67 23.13 35.37
C GLN G 331 -24.93 22.82 34.57
N THR G 332 -24.82 21.86 33.65
CA THR G 332 -25.93 21.49 32.79
C THR G 332 -26.18 19.98 32.84
N PHE G 333 -27.43 19.61 33.11
CA PHE G 333 -27.80 18.20 33.12
C PHE G 333 -29.24 18.03 32.63
N ALA G 334 -29.71 16.79 32.60
CA ALA G 334 -31.07 16.50 32.16
C ALA G 334 -31.71 15.40 33.00
N THR G 341 -28.43 14.12 30.52
CA THR G 341 -27.60 14.38 29.35
C THR G 341 -26.90 15.74 29.45
N PHE G 342 -25.60 15.78 29.23
CA PHE G 342 -24.90 17.05 29.30
C PHE G 342 -24.53 17.47 27.89
N TYR G 343 -24.99 18.64 27.46
CA TYR G 343 -24.81 18.99 26.06
C TYR G 343 -23.71 19.99 25.71
N GLU G 344 -23.78 21.17 26.29
CA GLU G 344 -22.89 22.25 25.91
C GLU G 344 -21.75 22.34 26.90
N HIS G 345 -21.59 21.32 27.71
CA HIS G 345 -20.72 21.43 28.84
C HIS G 345 -19.28 21.78 28.46
N ASP G 346 -18.83 21.36 27.28
CA ASP G 346 -17.48 21.74 26.88
C ASP G 346 -17.39 23.25 26.74
N LYS G 347 -18.39 23.87 26.12
CA LYS G 347 -18.35 25.31 25.90
C LYS G 347 -18.44 26.04 27.23
N VAL G 348 -19.37 25.59 28.07
CA VAL G 348 -19.51 26.07 29.43
C VAL G 348 -18.19 25.85 30.15
N GLY G 349 -17.54 24.74 29.83
CA GLY G 349 -16.23 24.42 30.37
C GLY G 349 -15.21 25.48 29.99
N ALA G 350 -15.19 25.86 28.72
CA ALA G 350 -14.28 26.88 28.22
C ALA G 350 -14.51 28.21 28.92
N GLN G 351 -15.78 28.59 29.06
CA GLN G 351 -16.12 29.84 29.73
C GLN G 351 -15.69 29.85 31.19
N ILE G 352 -15.99 28.76 31.90
CA ILE G 352 -15.62 28.62 33.30
C ILE G 352 -14.11 28.68 33.50
N VAL G 353 -13.39 27.90 32.69
CA VAL G 353 -11.92 27.92 32.72
C VAL G 353 -11.39 29.32 32.46
N ARG G 354 -12.00 30.02 31.51
CA ARG G 354 -11.63 31.38 31.19
C ARG G 354 -11.79 32.27 32.42
N GLU G 355 -12.90 32.10 33.14
CA GLU G 355 -13.16 32.84 34.36
C GLU G 355 -12.12 32.53 35.44
N ILE G 356 -11.71 31.26 35.52
CA ILE G 356 -10.70 30.84 36.48
C ILE G 356 -9.36 31.52 36.19
N GLY G 357 -8.91 31.40 34.94
CA GLY G 357 -7.66 32.01 34.52
C GLY G 357 -7.66 33.51 34.68
N GLU G 358 -8.83 34.12 34.50
CA GLU G 358 -8.99 35.54 34.76
C GLU G 358 -8.82 35.83 36.24
N ARG G 359 -9.43 34.99 37.06
CA ARG G 359 -9.42 35.17 38.52
C ARG G 359 -8.11 34.72 39.16
N LEU G 360 -7.51 33.67 38.62
CA LEU G 360 -6.30 33.09 39.21
C LEU G 360 -5.03 33.82 38.75
N ARG G 361 -5.23 34.87 37.96
CA ARG G 361 -4.14 35.73 37.51
C ARG G 361 -3.10 34.97 36.68
N TRP G 362 -3.59 34.12 35.77
CA TRP G 362 -2.72 33.41 34.84
C TRP G 362 -2.36 34.32 33.68
N GLY G 363 -1.55 33.80 32.76
CA GLY G 363 -1.30 34.50 31.51
C GLY G 363 -2.52 34.34 30.63
N ASP G 364 -2.81 35.34 29.82
CA ASP G 364 -3.98 35.29 28.94
C ASP G 364 -3.82 34.14 27.94
N GLU G 365 -2.60 33.96 27.46
CA GLU G 365 -2.28 32.87 26.54
C GLU G 365 -2.49 31.51 27.19
N ALA G 366 -2.12 31.42 28.47
CA ALA G 366 -2.25 30.16 29.21
C ALA G 366 -3.72 29.79 29.43
N THR G 367 -4.48 30.73 29.98
CA THR G 367 -5.89 30.48 30.27
C THR G 367 -6.68 30.24 28.98
N GLU G 368 -6.29 30.93 27.90
CA GLU G 368 -6.93 30.71 26.62
C GLU G 368 -6.58 29.33 26.07
N PHE G 369 -5.35 28.91 26.31
CA PHE G 369 -4.90 27.59 25.89
C PHE G 369 -5.71 26.50 26.58
N VAL G 370 -5.78 26.57 27.90
CA VAL G 370 -6.53 25.60 28.69
C VAL G 370 -8.01 25.62 28.29
N ALA G 371 -8.53 26.82 28.06
CA ALA G 371 -9.92 26.99 27.63
C ALA G 371 -10.18 26.26 26.31
N LYS G 372 -9.29 26.46 25.35
CA LYS G 372 -9.40 25.80 24.05
C LYS G 372 -9.23 24.30 24.19
N LEU G 373 -8.48 23.88 25.21
CA LEU G 373 -8.27 22.46 25.46
C LEU G 373 -9.52 21.79 25.99
N VAL G 374 -10.21 22.46 26.92
CA VAL G 374 -11.45 21.94 27.49
C VAL G 374 -12.59 21.99 26.47
N ARG G 375 -12.68 23.09 25.75
CA ARG G 375 -13.73 23.31 24.76
C ARG G 375 -13.80 22.18 23.72
N HIS G 376 -12.65 21.82 23.17
CA HIS G 376 -12.58 20.82 22.10
C HIS G 376 -12.33 19.40 22.62
N HIS G 377 -12.29 19.24 23.94
CA HIS G 377 -11.87 17.98 24.54
C HIS G 377 -12.73 16.76 24.17
N LEU G 378 -13.93 17.01 23.67
CA LEU G 378 -14.80 15.91 23.25
C LEU G 378 -14.71 15.63 21.74
N ARG G 379 -13.92 16.41 21.03
CA ARG G 379 -13.76 16.27 19.58
C ARG G 379 -13.21 14.90 19.13
N PRO G 380 -12.09 14.44 19.73
CA PRO G 380 -11.52 13.17 19.25
C PRO G 380 -12.43 11.98 19.52
N PHE G 381 -13.40 12.13 20.42
CA PHE G 381 -14.35 11.07 20.73
C PHE G 381 -15.44 10.99 19.66
N PHE G 382 -15.92 12.15 19.22
CA PHE G 382 -16.88 12.21 18.13
C PHE G 382 -16.24 11.71 16.84
N LEU G 383 -14.99 12.13 16.61
CA LEU G 383 -14.23 11.65 15.47
C LEU G 383 -13.99 10.15 15.60
N ARG G 384 -13.83 9.68 16.83
CA ARG G 384 -13.64 8.26 17.10
C ARG G 384 -14.86 7.46 16.69
N GLU G 385 -16.04 7.89 17.14
CA GLU G 385 -17.28 7.20 16.83
C GLU G 385 -17.57 7.26 15.33
N ALA G 386 -17.32 8.42 14.73
CA ALA G 386 -17.49 8.60 13.30
C ALA G 386 -16.57 7.65 12.53
N PHE G 387 -15.41 7.37 13.10
CA PHE G 387 -14.46 6.43 12.50
C PHE G 387 -14.94 5.00 12.68
N LYS G 388 -15.53 4.71 13.84
CA LYS G 388 -16.02 3.37 14.13
C LYS G 388 -17.18 2.99 13.20
N LYS G 389 -18.05 3.96 12.91
CA LYS G 389 -19.12 3.73 11.97
C LYS G 389 -18.61 3.80 10.53
N GLY G 390 -17.45 4.42 10.36
CA GLY G 390 -16.83 4.52 9.04
C GLY G 390 -17.25 5.76 8.28
N GLU G 391 -17.86 6.70 8.98
CA GLU G 391 -18.35 7.93 8.36
C GLU G 391 -17.33 9.07 8.45
N LEU G 392 -16.16 8.78 9.02
CA LEU G 392 -15.11 9.77 9.12
C LEU G 392 -14.38 9.91 7.80
N LYS G 393 -14.40 11.11 7.23
CA LYS G 393 -13.78 11.36 5.93
C LYS G 393 -13.00 12.67 5.90
N ARG G 394 -12.52 13.02 4.71
CA ARG G 394 -11.63 14.17 4.52
C ARG G 394 -12.15 15.47 5.13
N ARG G 395 -13.47 15.65 5.09
CA ARG G 395 -14.07 16.87 5.62
C ARG G 395 -13.83 17.02 7.11
N GLY G 396 -14.17 15.99 7.88
CA GLY G 396 -14.00 16.01 9.31
C GLY G 396 -12.55 16.16 9.73
N MET G 397 -11.66 15.47 9.02
CA MET G 397 -10.23 15.53 9.31
C MET G 397 -9.68 16.93 9.05
N ALA G 398 -9.95 17.45 7.85
CA ALA G 398 -9.50 18.78 7.47
C ALA G 398 -10.05 19.84 8.43
N ASN G 399 -11.28 19.63 8.89
CA ASN G 399 -11.87 20.51 9.90
C ASN G 399 -11.11 20.44 11.21
N PHE G 400 -10.85 19.22 11.67
CA PHE G 400 -10.12 19.01 12.92
C PHE G 400 -8.75 19.67 12.91
N TRP G 401 -8.06 19.57 11.77
CA TRP G 401 -6.71 20.14 11.67
C TRP G 401 -6.72 21.65 11.43
N ARG G 402 -7.67 22.11 10.64
CA ARG G 402 -7.81 23.53 10.38
C ARG G 402 -8.19 24.29 11.64
N GLU G 403 -9.20 23.78 12.34
CA GLU G 403 -9.72 24.48 13.51
C GLU G 403 -8.77 24.50 14.68
N CYS G 404 -8.20 23.35 15.00
CA CYS G 404 -7.32 23.22 16.15
C CYS G 404 -6.24 22.19 15.90
N GLY G 405 -5.10 22.66 15.44
CA GLY G 405 -3.94 21.82 15.17
C GLY G 405 -2.89 21.96 16.25
N ASP G 406 -3.05 22.99 17.07
CA ASP G 406 -2.05 23.34 18.08
C ASP G 406 -2.14 22.48 19.33
N ILE G 407 -3.37 22.24 19.79
CA ILE G 407 -3.58 21.46 21.01
C ILE G 407 -3.72 19.98 20.68
N ALA G 408 -3.58 19.65 19.39
CA ALA G 408 -3.75 18.28 18.90
C ALA G 408 -2.99 17.18 19.68
N PRO G 409 -1.68 17.39 19.95
CA PRO G 409 -1.01 16.39 20.79
C PRO G 409 -1.64 16.31 22.17
N HIS G 410 -1.86 17.47 22.77
CA HIS G 410 -2.45 17.58 24.10
C HIS G 410 -3.87 17.00 24.08
N LEU G 411 -4.58 17.27 22.99
CA LEU G 411 -5.95 16.81 22.83
C LEU G 411 -6.01 15.28 22.76
N PHE G 412 -5.07 14.70 22.02
CA PHE G 412 -4.99 13.24 21.88
C PHE G 412 -4.63 12.58 23.21
N LEU G 413 -3.58 13.09 23.85
CA LEU G 413 -3.14 12.55 25.14
C LEU G 413 -4.27 12.63 26.18
N LEU G 414 -4.92 13.79 26.25
CA LEU G 414 -6.03 13.99 27.17
C LEU G 414 -7.21 13.07 26.87
N SER G 415 -7.51 12.90 25.59
CA SER G 415 -8.61 12.03 25.18
C SER G 415 -8.36 10.59 25.57
N ILE G 416 -7.12 10.12 25.31
CA ILE G 416 -6.73 8.77 25.69
C ILE G 416 -6.80 8.59 27.20
N ALA G 417 -6.32 9.58 27.94
CA ALA G 417 -6.35 9.55 29.40
C ALA G 417 -7.79 9.45 29.93
N ASP G 418 -8.68 10.25 29.35
CA ASP G 418 -10.07 10.28 29.77
C ASP G 418 -10.78 8.98 29.44
N ALA G 419 -10.50 8.44 28.26
CA ALA G 419 -11.10 7.17 27.86
C ALA G 419 -10.60 6.03 28.75
N MET G 420 -9.35 6.14 29.20
CA MET G 420 -8.78 5.16 30.11
C MET G 420 -9.42 5.25 31.50
N ALA G 421 -9.59 6.46 32.00
CA ALA G 421 -10.20 6.67 33.30
C ALA G 421 -11.69 6.32 33.30
N SER G 422 -12.29 6.37 32.11
CA SER G 422 -13.70 6.02 31.96
C SER G 422 -13.91 4.52 32.02
N GLY G 423 -12.83 3.77 31.80
CA GLY G 423 -12.90 2.32 31.82
C GLY G 423 -13.54 1.73 30.59
N ASP G 424 -13.25 2.32 29.43
CA ASP G 424 -13.74 1.82 28.16
C ASP G 424 -13.13 0.45 27.87
N GLU G 425 -13.83 -0.37 27.11
CA GLU G 425 -13.32 -1.67 26.72
C GLU G 425 -12.14 -1.51 25.78
N GLU G 426 -11.28 -2.52 25.71
CA GLU G 426 -10.08 -2.46 24.89
C GLU G 426 -10.38 -2.24 23.41
N GLU G 427 -11.57 -2.65 22.99
CA GLU G 427 -12.00 -2.49 21.61
C GLU G 427 -12.16 -1.02 21.27
N ASP G 428 -12.91 -0.30 22.10
CA ASP G 428 -13.19 1.12 21.86
C ASP G 428 -11.90 1.94 21.92
N ILE G 429 -11.01 1.57 22.85
CA ILE G 429 -9.72 2.23 22.97
C ILE G 429 -8.86 1.97 21.73
N LYS G 430 -8.89 0.74 21.24
CA LYS G 430 -8.17 0.39 20.03
C LYS G 430 -8.69 1.21 18.85
N ALA G 431 -10.02 1.38 18.79
CA ALA G 431 -10.64 2.19 17.76
C ALA G 431 -10.23 3.66 17.88
N LEU G 432 -10.02 4.10 19.12
CA LEU G 432 -9.57 5.46 19.39
C LEU G 432 -8.15 5.67 18.87
N MET G 433 -7.27 4.74 19.20
CA MET G 433 -5.88 4.83 18.75
C MET G 433 -5.77 4.70 17.24
N GLU G 434 -6.67 3.91 16.64
CA GLU G 434 -6.74 3.80 15.19
C GLU G 434 -7.21 5.10 14.57
N THR G 435 -8.15 5.77 15.26
CA THR G 435 -8.65 7.06 14.82
C THR G 435 -7.53 8.10 14.82
N ILE G 436 -6.79 8.16 15.93
CA ILE G 436 -5.64 9.05 16.04
C ILE G 436 -4.61 8.72 14.98
N ALA G 437 -4.44 7.43 14.70
CA ALA G 437 -3.51 6.98 13.67
C ALA G 437 -3.90 7.54 12.31
N GLU G 438 -5.19 7.45 11.98
CA GLU G 438 -5.68 7.93 10.69
C GLU G 438 -5.62 9.46 10.59
N LEU G 439 -5.85 10.15 11.69
CA LEU G 439 -5.78 11.61 11.72
C LEU G 439 -4.33 12.09 11.52
N GLU G 440 -3.41 11.48 12.26
CA GLU G 440 -1.99 11.81 12.13
C GLU G 440 -1.49 11.48 10.73
N SER G 441 -1.93 10.35 10.20
CA SER G 441 -1.56 9.94 8.85
C SER G 441 -2.09 10.94 7.83
N PHE G 442 -3.29 11.46 8.10
CA PHE G 442 -3.90 12.48 7.25
C PHE G 442 -3.07 13.76 7.28
N ASN G 443 -2.61 14.14 8.46
CA ASN G 443 -1.81 15.35 8.62
C ASN G 443 -0.45 15.25 7.92
N ARG G 444 0.28 14.18 8.19
CA ARG G 444 1.65 14.06 7.69
C ARG G 444 1.77 14.01 6.18
N ASN G 445 0.95 13.21 5.53
CA ASN G 445 1.09 13.00 4.10
C ASN G 445 -0.09 13.47 3.26
N GLU G 446 -1.28 13.14 3.72
CA GLU G 446 -2.50 13.42 2.97
C GLU G 446 -2.67 14.91 2.76
N MET G 447 -2.29 15.70 3.75
CA MET G 447 -2.51 17.14 3.68
C MET G 447 -1.50 17.84 2.79
N LYS G 448 -1.97 18.29 1.63
CA LYS G 448 -1.26 19.31 0.88
C LYS G 448 -2.23 20.45 0.64
N GLU G 449 -2.00 21.56 1.33
CA GLU G 449 -2.87 22.72 1.16
C GLU G 449 -2.03 23.99 1.19
N GLU G 450 -2.18 24.82 0.17
CA GLU G 450 -1.39 26.05 0.05
C GLU G 450 -1.78 27.05 1.13
N UNK G 461 1.66 33.34 -9.08
CA UNK G 461 1.17 34.58 -9.66
C UNK G 461 -0.20 34.91 -9.11
N UNK G 462 -0.38 34.75 -7.81
CA UNK G 462 -1.69 34.93 -7.21
C UNK G 462 -2.19 36.35 -7.41
N UNK G 463 -1.29 37.31 -7.24
CA UNK G 463 -1.66 38.69 -7.42
C UNK G 463 -2.07 38.91 -8.86
N UNK G 464 -1.35 38.28 -9.79
CA UNK G 464 -1.66 38.42 -11.19
C UNK G 464 -3.05 37.90 -11.49
N UNK G 465 -3.39 36.76 -10.88
CA UNK G 465 -4.70 36.17 -11.09
C UNK G 465 -5.76 37.12 -10.57
N UNK G 466 -5.50 37.71 -9.41
CA UNK G 466 -6.47 38.63 -8.86
C UNK G 466 -6.68 39.82 -9.78
N UNK G 467 -5.59 40.35 -10.32
CA UNK G 467 -5.68 41.50 -11.23
C UNK G 467 -6.47 41.13 -12.47
N UNK G 468 -6.21 39.93 -12.96
CA UNK G 468 -6.86 39.43 -14.16
C UNK G 468 -8.35 39.32 -13.96
N UNK G 469 -8.77 38.87 -12.78
CA UNK G 469 -10.20 38.75 -12.53
C UNK G 469 -10.92 40.03 -12.90
N UNK G 473 -14.86 44.09 -1.68
CA UNK G 473 -14.19 43.93 -0.41
C UNK G 473 -14.20 42.48 0.04
N UNK G 474 -15.39 41.96 0.33
CA UNK G 474 -15.52 40.59 0.81
C UNK G 474 -15.59 39.60 -0.36
N UNK G 475 -15.48 40.13 -1.58
CA UNK G 475 -15.52 39.29 -2.78
C UNK G 475 -14.32 38.36 -2.87
N UNK G 476 -13.12 38.94 -2.78
CA UNK G 476 -11.89 38.17 -2.84
C UNK G 476 -11.80 37.18 -1.68
N UNK G 477 -12.29 37.60 -0.52
CA UNK G 477 -12.30 36.75 0.67
C UNK G 477 -13.26 35.59 0.48
N UNK G 478 -14.38 35.84 -0.19
CA UNK G 478 -15.36 34.80 -0.46
C UNK G 478 -14.84 33.82 -1.49
N UNK G 479 -14.09 34.32 -2.46
CA UNK G 479 -13.50 33.48 -3.49
C UNK G 479 -12.41 32.59 -2.89
N UNK G 480 -11.61 33.16 -2.00
CA UNK G 480 -10.56 32.43 -1.32
C UNK G 480 -11.14 31.38 -0.38
N UNK G 481 -12.20 31.75 0.32
CA UNK G 481 -12.86 30.84 1.26
C UNK G 481 -13.58 29.72 0.53
N UNK G 482 -14.11 30.01 -0.65
CA UNK G 482 -14.79 29.01 -1.45
C UNK G 482 -13.79 28.06 -2.08
N UNK G 483 -12.66 28.61 -2.52
CA UNK G 483 -11.59 27.80 -3.10
C UNK G 483 -10.97 26.90 -2.02
N UNK G 484 -10.89 27.41 -0.80
CA UNK G 484 -10.34 26.65 0.31
C UNK G 484 -11.31 25.58 0.79
N UNK G 485 -12.60 25.90 0.77
CA UNK G 485 -13.64 24.95 1.14
C UNK G 485 -13.73 23.84 0.08
N UNK G 486 -13.40 24.19 -1.15
CA UNK G 486 -13.37 23.24 -2.24
C UNK G 486 -12.10 22.40 -2.16
N UNK G 487 -11.05 22.99 -1.60
CA UNK G 487 -9.76 22.30 -1.45
C UNK G 487 -9.83 21.20 -0.39
N UNK G 488 -10.86 21.25 0.45
CA UNK G 488 -11.05 20.26 1.50
C UNK G 488 -12.04 19.19 1.04
N UNK G 491 -4.11 25.34 -11.94
CA UNK G 491 -4.62 23.98 -12.10
C UNK G 491 -6.14 23.95 -11.95
N UNK G 492 -6.85 24.49 -12.93
CA UNK G 492 -8.30 24.47 -12.92
C UNK G 492 -8.85 25.47 -11.93
N UNK G 493 -7.98 26.36 -11.46
CA UNK G 493 -8.39 27.44 -10.56
C UNK G 493 -9.37 28.41 -11.22
N UNK G 494 -9.09 28.74 -12.47
CA UNK G 494 -9.83 29.75 -13.20
C UNK G 494 -11.29 29.35 -13.37
N UNK G 495 -11.51 28.06 -13.58
CA UNK G 495 -12.85 27.57 -13.88
C UNK G 495 -13.77 27.89 -12.72
N UNK G 496 -13.25 27.77 -11.50
CA UNK G 496 -14.04 28.03 -10.31
C UNK G 496 -14.52 29.48 -10.27
N UNK G 497 -13.67 30.41 -10.66
CA UNK G 497 -14.03 31.82 -10.58
C UNK G 497 -15.22 32.11 -11.47
N UNK G 498 -15.22 31.57 -12.68
CA UNK G 498 -16.34 31.81 -13.56
C UNK G 498 -17.60 31.23 -12.96
N UNK G 499 -17.49 30.02 -12.43
CA UNK G 499 -18.60 29.35 -11.78
C UNK G 499 -19.00 30.16 -10.55
N UNK G 500 -18.01 30.65 -9.84
CA UNK G 500 -18.26 31.51 -8.71
C UNK G 500 -18.87 32.80 -9.24
N UNK G 501 -18.25 33.35 -10.28
CA UNK G 501 -18.75 34.58 -10.88
C UNK G 501 -20.14 34.35 -11.48
N UNK G 502 -20.37 33.13 -11.94
CA UNK G 502 -21.67 32.76 -12.49
C UNK G 502 -22.68 32.47 -11.38
N UNK G 503 -22.18 31.97 -10.25
CA UNK G 503 -23.03 31.64 -9.11
C UNK G 503 -23.40 32.88 -8.31
N UNK G 504 -22.56 33.91 -8.39
CA UNK G 504 -22.80 35.15 -7.67
C UNK G 504 -23.85 36.01 -8.37
N UNK G 505 -23.81 36.03 -9.69
CA UNK G 505 -24.75 36.82 -10.48
C UNK G 505 -26.08 36.09 -10.65
N UNK H 5 7.41 -22.66 25.73
CA UNK H 5 6.81 -21.32 25.64
C UNK H 5 6.13 -20.94 26.95
N UNK H 6 5.58 -19.73 26.98
CA UNK H 6 4.92 -19.22 28.18
C UNK H 6 3.90 -18.15 27.80
N UNK H 7 3.01 -17.85 28.74
CA UNK H 7 1.98 -16.83 28.52
C UNK H 7 2.20 -15.63 29.43
N LEU H 17 -0.82 -4.30 25.17
CA LEU H 17 -1.04 -2.86 25.24
C LEU H 17 0.22 -2.12 25.68
N ASN H 18 0.98 -2.72 26.60
CA ASN H 18 2.22 -2.12 27.04
C ASN H 18 3.29 -2.28 25.97
N PHE H 19 3.10 -3.28 25.10
CA PHE H 19 4.01 -3.54 23.99
C PHE H 19 3.67 -2.64 22.81
N TYR H 20 2.66 -1.80 22.97
CA TYR H 20 2.18 -0.98 21.85
C TYR H 20 3.09 0.19 21.51
N LEU H 21 3.21 0.46 20.22
CA LEU H 21 3.86 1.66 19.69
C LEU H 21 3.03 2.07 18.48
N SER H 22 2.78 3.37 18.34
CA SER H 22 1.91 3.87 17.27
C SER H 22 2.35 3.41 15.89
N TYR H 23 3.65 3.51 15.63
CA TYR H 23 4.20 3.17 14.32
C TYR H 23 3.99 1.72 13.91
N PHE H 24 3.65 0.87 14.87
CA PHE H 24 3.32 -0.53 14.58
C PHE H 24 2.13 -0.60 13.64
N ASP H 25 1.21 0.34 13.77
CA ASP H 25 0.08 0.45 12.84
C ASP H 25 0.62 0.57 11.42
N ASP H 26 1.61 1.45 11.25
CA ASP H 26 2.22 1.67 9.94
C ASP H 26 2.93 0.42 9.43
N VAL H 27 3.28 -0.48 10.34
CA VAL H 27 3.87 -1.75 9.94
C VAL H 27 2.78 -2.68 9.41
N ALA H 28 1.61 -2.61 10.04
CA ALA H 28 0.51 -3.51 9.70
C ALA H 28 -0.21 -3.10 8.42
N LYS H 29 -0.26 -1.81 8.15
CA LYS H 29 -0.88 -1.35 6.93
C LYS H 29 -0.11 -1.79 5.70
N VAL H 30 1.22 -1.69 5.74
CA VAL H 30 2.09 -2.19 4.68
C VAL H 30 2.15 -3.70 4.49
N LEU H 31 2.23 -4.43 5.58
CA LEU H 31 2.48 -5.86 5.54
C LEU H 31 1.33 -6.57 4.87
N PRO H 32 1.61 -7.58 4.07
CA PRO H 32 0.53 -8.31 3.40
C PRO H 32 -0.21 -9.28 4.33
N ARG H 33 -1.40 -9.70 3.92
CA ARG H 33 -2.24 -10.56 4.74
C ARG H 33 -1.63 -11.94 4.95
N GLU H 34 -0.98 -12.46 3.91
CA GLU H 34 -0.47 -13.83 3.94
C GLU H 34 0.87 -13.90 4.66
N HIS H 35 1.37 -12.76 5.11
CA HIS H 35 2.64 -12.70 5.80
C HIS H 35 2.49 -12.38 7.29
N TYR H 36 3.39 -12.94 8.10
CA TYR H 36 3.39 -12.72 9.54
C TYR H 36 4.61 -11.90 9.94
N CYS H 37 4.48 -11.15 11.03
CA CYS H 37 5.61 -10.39 11.55
C CYS H 37 5.69 -10.51 13.07
N PHE H 38 6.90 -10.65 13.59
CA PHE H 38 7.11 -10.76 15.03
C PHE H 38 7.98 -9.61 15.53
N ILE H 39 7.57 -8.99 16.63
CA ILE H 39 8.40 -8.00 17.28
C ILE H 39 9.38 -8.75 18.19
N VAL H 40 10.67 -8.57 17.92
CA VAL H 40 11.72 -9.35 18.59
C VAL H 40 12.82 -8.40 19.09
N GLY H 41 13.56 -8.85 20.11
CA GLY H 41 14.73 -8.11 20.55
C GLY H 41 14.49 -7.06 21.62
N GLY H 42 15.33 -6.03 21.60
CA GLY H 42 15.39 -5.03 22.65
C GLY H 42 14.12 -4.32 23.03
N TRP H 43 13.18 -4.19 22.10
CA TRP H 43 11.92 -3.53 22.43
C TRP H 43 11.14 -4.39 23.43
N VAL H 44 11.04 -5.68 23.13
CA VAL H 44 10.40 -6.64 24.03
C VAL H 44 11.07 -6.63 25.40
N ARG H 45 12.39 -6.77 25.40
CA ARG H 45 13.19 -6.76 26.63
C ARG H 45 12.93 -5.53 27.48
N ASP H 46 13.25 -4.36 26.93
CA ASP H 46 13.04 -3.08 27.60
C ASP H 46 11.62 -2.91 28.10
N ARG H 47 10.65 -3.41 27.35
CA ARG H 47 9.26 -3.28 27.74
C ARG H 47 8.88 -4.23 28.88
N ILE H 48 9.52 -5.39 28.93
CA ILE H 48 9.28 -6.34 30.01
C ILE H 48 9.92 -5.84 31.30
N LEU H 49 11.10 -5.26 31.18
CA LEU H 49 11.79 -4.70 32.34
C LEU H 49 11.00 -3.55 32.99
N GLY H 50 10.11 -2.96 32.22
CA GLY H 50 9.27 -1.88 32.72
C GLY H 50 9.97 -0.54 32.62
N GLU H 51 11.09 -0.51 31.92
CA GLU H 51 11.86 0.72 31.73
C GLU H 51 11.11 1.72 30.85
N PRO H 52 11.24 3.01 31.18
CA PRO H 52 10.58 4.08 30.43
C PRO H 52 11.12 4.19 29.01
N VAL H 53 10.23 4.35 28.03
CA VAL H 53 10.65 4.57 26.66
C VAL H 53 11.36 5.92 26.55
N GLY H 54 12.58 5.90 26.00
CA GLY H 54 13.40 7.09 25.93
C GLY H 54 13.14 7.92 24.69
N TYR H 55 14.07 8.82 24.40
CA TYR H 55 13.97 9.66 23.20
C TYR H 55 14.63 8.96 22.01
N ASN H 56 15.20 7.78 22.28
CA ASN H 56 15.74 6.94 21.22
C ASN H 56 15.03 5.59 21.21
N ILE H 57 14.27 5.33 20.14
CA ILE H 57 13.50 4.10 20.03
C ILE H 57 14.06 3.18 18.96
N ASP H 58 14.33 1.93 19.35
CA ASP H 58 14.84 0.94 18.41
C ASP H 58 13.99 -0.32 18.43
N VAL H 59 13.32 -0.61 17.31
CA VAL H 59 12.46 -1.78 17.22
C VAL H 59 12.94 -2.73 16.14
N ASP H 60 13.00 -4.02 16.48
CA ASP H 60 13.51 -5.03 15.56
C ASP H 60 12.44 -6.07 15.25
N PHE H 61 12.27 -6.36 13.97
CA PHE H 61 11.20 -7.26 13.53
C PHE H 61 11.73 -8.48 12.77
N LEU H 62 11.02 -9.59 12.89
CA LEU H 62 11.24 -10.75 12.04
C LEU H 62 10.02 -10.96 11.18
N THR H 63 10.16 -10.69 9.87
CA THR H 63 9.03 -10.80 8.97
C THR H 63 9.20 -11.93 7.96
N THR H 64 8.10 -12.57 7.59
CA THR H 64 8.11 -13.66 6.63
C THR H 64 8.21 -13.12 5.20
N ALA H 65 7.76 -11.89 5.00
CA ALA H 65 7.83 -11.25 3.70
C ALA H 65 9.23 -10.74 3.40
N ASP H 66 9.38 -10.05 2.28
CA ASP H 66 10.65 -9.44 1.92
C ASP H 66 10.91 -8.20 2.78
N PRO H 67 11.96 -8.25 3.60
CA PRO H 67 12.31 -7.16 4.52
C PRO H 67 12.60 -5.86 3.78
N VAL H 68 13.17 -5.97 2.58
CA VAL H 68 13.50 -4.81 1.77
C VAL H 68 12.23 -4.05 1.37
N GLU H 69 11.26 -4.77 0.83
CA GLU H 69 10.00 -4.18 0.41
C GLU H 69 9.23 -3.60 1.59
N LEU H 70 9.13 -4.40 2.66
CA LEU H 70 8.44 -3.99 3.88
C LEU H 70 9.02 -2.70 4.44
N ALA H 71 10.34 -2.67 4.61
CA ALA H 71 11.02 -1.48 5.12
C ALA H 71 10.85 -0.29 4.19
N LYS H 72 10.96 -0.53 2.89
CA LYS H 72 10.82 0.53 1.90
C LYS H 72 9.46 1.22 2.01
N ASN H 73 8.40 0.41 2.01
CA ASN H 73 7.05 0.95 2.11
C ASN H 73 6.74 1.53 3.49
N PHE H 74 7.39 1.00 4.52
CA PHE H 74 7.25 1.53 5.87
C PHE H 74 7.82 2.95 5.94
N ALA H 75 9.00 3.12 5.35
CA ALA H 75 9.63 4.43 5.25
C ALA H 75 8.80 5.34 4.34
N LYS H 76 8.08 4.72 3.40
CA LYS H 76 7.16 5.46 2.56
C LYS H 76 6.03 6.05 3.40
N ARG H 77 5.53 5.27 4.36
CA ARG H 77 4.46 5.74 5.23
C ARG H 77 4.92 6.77 6.26
N ILE H 78 6.00 6.47 6.98
CA ILE H 78 6.44 7.34 8.06
C ILE H 78 7.32 8.49 7.59
N GLY H 79 7.77 8.42 6.33
CA GLY H 79 8.65 9.44 5.80
C GLY H 79 10.05 9.33 6.37
N GLY H 80 10.60 8.12 6.37
CA GLY H 80 11.92 7.88 6.92
C GLY H 80 12.97 7.71 5.84
N HIS H 81 14.06 7.00 6.17
CA HIS H 81 15.16 6.79 5.24
C HIS H 81 15.49 5.32 5.11
N PHE H 82 15.98 4.91 3.94
CA PHE H 82 16.21 3.49 3.66
C PHE H 82 17.67 3.04 3.83
N PHE H 83 17.87 1.93 4.55
CA PHE H 83 19.21 1.43 4.82
C PHE H 83 19.70 0.24 3.99
N VAL H 84 18.92 -0.84 3.97
CA VAL H 84 19.09 -1.96 3.04
C VAL H 84 20.50 -2.57 2.83
N PHE H 85 21.21 -2.88 3.89
CA PHE H 85 22.54 -3.50 3.72
C PHE H 85 22.69 -4.90 4.33
N GLU H 86 23.22 -5.83 3.54
CA GLU H 86 23.28 -7.23 3.92
C GLU H 86 24.65 -7.80 3.59
N LYS H 87 25.01 -8.87 4.28
CA LYS H 87 26.32 -9.47 4.09
C LYS H 87 26.22 -10.79 3.34
N ARG H 88 27.01 -10.90 2.28
CA ARG H 88 27.03 -12.08 1.44
C ARG H 88 27.67 -13.24 2.19
N GLY H 89 28.33 -12.92 3.30
CA GLY H 89 29.11 -13.91 4.00
C GLY H 89 28.26 -15.09 4.42
N PHE H 90 28.86 -16.27 4.27
CA PHE H 90 28.18 -17.54 4.49
C PHE H 90 27.90 -17.81 5.97
N LEU H 91 26.95 -18.71 6.22
CA LEU H 91 26.67 -19.17 7.57
C LEU H 91 26.21 -18.04 8.51
N ILE H 92 25.48 -17.08 8.00
CA ILE H 92 24.96 -16.04 8.86
C ILE H 92 23.61 -16.51 9.30
N LYS H 93 23.22 -16.24 10.55
CA LYS H 93 21.94 -16.74 11.04
C LYS H 93 20.90 -16.15 10.11
N ARG H 94 20.97 -14.84 9.92
CA ARG H 94 20.02 -14.16 9.07
C ARG H 94 20.78 -13.15 8.25
N PRO H 95 20.97 -13.50 6.91
CA PRO H 95 21.96 -12.66 6.24
C PRO H 95 21.55 -11.25 5.99
N THR H 96 20.35 -11.04 5.51
CA THR H 96 20.07 -9.70 5.02
C THR H 96 19.15 -8.93 5.96
N ILE H 97 19.56 -7.73 6.33
CA ILE H 97 18.74 -6.88 7.20
C ILE H 97 18.55 -5.52 6.56
N ALA H 98 17.33 -5.03 6.59
CA ALA H 98 17.01 -3.73 6.02
C ALA H 98 16.33 -2.85 7.07
N SER H 99 16.81 -1.62 7.23
CA SER H 99 16.32 -0.76 8.31
C SER H 99 15.75 0.59 7.85
N VAL H 100 15.03 1.24 8.75
CA VAL H 100 14.47 2.57 8.51
C VAL H 100 14.74 3.49 9.70
N VAL H 101 15.47 4.57 9.46
CA VAL H 101 15.81 5.50 10.53
C VAL H 101 15.13 6.87 10.32
N LEU H 102 14.47 7.36 11.37
CA LEU H 102 13.79 8.66 11.30
C LEU H 102 14.25 9.57 12.43
N HIS H 103 14.88 10.69 12.07
CA HIS H 103 15.52 11.53 13.08
C HIS H 103 15.09 13.00 13.02
N LEU H 104 14.44 13.46 14.09
CA LEU H 104 14.21 14.88 14.30
C LEU H 104 14.88 15.24 15.64
N PRO H 105 14.88 16.53 16.04
CA PRO H 105 15.62 16.83 17.27
C PRO H 105 15.16 16.14 18.58
N PRO H 106 13.85 16.12 18.89
CA PRO H 106 13.50 15.49 20.17
C PRO H 106 13.62 13.97 20.20
N TYR H 107 13.45 13.31 19.05
CA TYR H 107 13.42 11.85 19.02
C TYR H 107 14.26 11.25 17.90
N ARG H 108 14.77 10.04 18.13
CA ARG H 108 15.48 9.30 17.10
C ARG H 108 14.97 7.87 16.99
N TYR H 109 14.49 7.50 15.81
CA TYR H 109 13.87 6.20 15.58
C TYR H 109 14.72 5.31 14.68
N ARG H 110 14.81 4.03 15.03
CA ARG H 110 15.43 3.03 14.17
C ARG H 110 14.61 1.74 14.16
N PHE H 111 14.23 1.29 12.97
CA PHE H 111 13.48 0.05 12.83
C PHE H 111 14.27 -0.94 11.98
N ASP H 112 14.74 -2.02 12.59
CA ASP H 112 15.54 -3.02 11.88
C ASP H 112 14.69 -4.23 11.48
N PHE H 113 14.58 -4.47 10.18
CA PHE H 113 13.78 -5.57 9.67
C PHE H 113 14.63 -6.73 9.19
N SER H 114 14.33 -7.92 9.71
CA SER H 114 15.08 -9.14 9.40
C SER H 114 14.15 -10.23 8.88
N PRO H 115 14.64 -11.07 7.95
CA PRO H 115 13.80 -12.10 7.32
C PRO H 115 13.56 -13.31 8.21
N LEU H 116 12.43 -13.97 8.00
CA LEU H 116 12.14 -15.24 8.65
C LEU H 116 11.67 -16.23 7.60
N LYS H 117 12.34 -17.37 7.51
CA LYS H 117 12.05 -18.33 6.45
C LYS H 117 12.10 -19.79 6.95
N GLY H 118 11.08 -20.56 6.57
CA GLY H 118 11.00 -21.96 6.94
C GLY H 118 9.67 -22.56 6.53
N LYS H 119 9.60 -23.90 6.51
CA LYS H 119 8.37 -24.57 6.12
C LYS H 119 7.31 -24.51 7.23
N ASP H 120 7.75 -24.75 8.46
CA ASP H 120 6.86 -24.66 9.61
C ASP H 120 7.20 -23.37 10.36
N LEU H 121 6.23 -22.47 10.45
CA LEU H 121 6.45 -21.13 11.00
C LEU H 121 7.03 -21.13 12.40
N GLU H 122 6.36 -21.83 13.33
CA GLU H 122 6.77 -21.85 14.72
C GLU H 122 8.20 -22.40 14.87
N LYS H 123 8.49 -23.49 14.17
CA LYS H 123 9.80 -24.09 14.22
C LYS H 123 10.87 -23.15 13.67
N ALA H 124 10.49 -22.34 12.67
CA ALA H 124 11.40 -21.36 12.10
C ALA H 124 11.66 -20.23 13.08
N LEU H 125 10.61 -19.80 13.77
CA LEU H 125 10.70 -18.76 14.79
C LEU H 125 11.64 -19.19 15.89
N ILE H 126 11.43 -20.39 16.42
CA ILE H 126 12.32 -20.95 17.43
C ILE H 126 13.74 -21.04 16.89
N GLU H 127 13.87 -21.53 15.66
CA GLU H 127 15.15 -21.67 14.98
C GLU H 127 15.93 -20.36 14.96
N ASP H 128 15.23 -19.25 14.76
CA ASP H 128 15.86 -17.95 14.73
C ASP H 128 16.17 -17.44 16.15
N LEU H 129 15.23 -17.66 17.07
CA LEU H 129 15.39 -17.17 18.44
C LEU H 129 16.52 -17.86 19.19
N LYS H 130 16.84 -19.09 18.79
CA LYS H 130 17.93 -19.83 19.43
C LYS H 130 19.30 -19.37 18.95
N GLU H 131 19.32 -18.64 17.84
CA GLU H 131 20.58 -18.20 17.25
C GLU H 131 20.98 -16.78 17.71
N ARG H 132 20.13 -16.18 18.53
CA ARG H 132 20.41 -14.86 19.10
C ARG H 132 21.44 -14.93 20.22
N ASP H 133 22.05 -13.80 20.55
CA ASP H 133 23.10 -13.76 21.56
C ASP H 133 22.63 -14.07 22.99
N PHE H 134 21.64 -13.34 23.47
CA PHE H 134 21.23 -13.45 24.86
C PHE H 134 19.74 -13.82 25.02
N THR H 135 19.44 -14.53 26.11
CA THR H 135 18.08 -14.97 26.40
C THR H 135 17.10 -13.81 26.51
N ALA H 136 17.54 -12.74 27.18
CA ALA H 136 16.71 -11.55 27.36
C ALA H 136 16.36 -10.92 26.02
N ASN H 137 17.25 -11.07 25.05
CA ASN H 137 17.04 -10.51 23.71
C ASN H 137 16.37 -11.51 22.76
N ALA H 138 16.14 -12.73 23.24
CA ALA H 138 15.60 -13.79 22.40
C ALA H 138 14.08 -13.90 22.50
N ILE H 139 13.46 -13.00 23.25
CA ILE H 139 12.01 -13.01 23.43
C ILE H 139 11.31 -12.39 22.23
N ALA H 140 10.25 -13.04 21.75
CA ALA H 140 9.53 -12.58 20.57
C ALA H 140 8.02 -12.62 20.78
N VAL H 141 7.33 -11.58 20.29
CA VAL H 141 5.88 -11.53 20.35
C VAL H 141 5.31 -11.34 18.95
N ASN H 142 4.02 -11.62 18.79
CA ASN H 142 3.38 -11.47 17.49
C ASN H 142 2.85 -10.05 17.28
N LEU H 143 3.06 -9.50 16.09
CA LEU H 143 2.62 -8.14 15.77
C LEU H 143 1.10 -8.02 15.84
N ASP H 144 0.42 -9.07 15.41
CA ASP H 144 -1.05 -9.09 15.43
C ASP H 144 -1.59 -9.01 16.85
N ASP H 145 -0.92 -9.69 17.77
CA ASP H 145 -1.35 -9.74 19.17
C ASP H 145 -0.97 -8.48 19.94
N VAL H 146 0.08 -7.80 19.48
CA VAL H 146 0.54 -6.58 20.11
C VAL H 146 -0.46 -5.45 19.95
N LEU H 147 -1.04 -5.34 18.76
CA LEU H 147 -2.03 -4.30 18.50
C LEU H 147 -3.32 -4.61 19.26
N SER H 148 -3.72 -3.68 20.12
CA SER H 148 -4.88 -3.87 20.98
C SER H 148 -5.19 -2.57 21.73
N THR H 154 -1.61 -11.78 26.66
CA THR H 154 -0.43 -11.49 25.84
C THR H 154 0.43 -12.74 25.68
N ILE H 155 0.71 -13.11 24.43
CA ILE H 155 1.50 -14.30 24.16
C ILE H 155 2.97 -13.95 23.99
N VAL H 156 3.85 -14.80 24.49
CA VAL H 156 5.30 -14.58 24.39
C VAL H 156 6.04 -15.86 24.02
N TYR H 157 6.95 -15.75 23.05
CA TYR H 157 7.78 -16.87 22.65
C TYR H 157 9.21 -16.69 23.16
N ASP H 158 9.61 -17.54 24.10
CA ASP H 158 10.98 -17.53 24.59
C ASP H 158 11.55 -18.93 24.79
N PRO H 159 12.03 -19.55 23.69
CA PRO H 159 12.60 -20.90 23.73
C PRO H 159 13.90 -20.93 24.52
N THR H 160 14.52 -19.78 24.69
CA THR H 160 15.74 -19.66 25.48
C THR H 160 15.40 -19.36 26.94
N GLY H 161 14.14 -19.08 27.20
CA GLY H 161 13.68 -18.77 28.55
C GLY H 161 14.23 -17.47 29.08
N GLY H 162 14.13 -16.43 28.27
CA GLY H 162 14.62 -15.11 28.66
C GLY H 162 13.83 -14.50 29.79
N ILE H 163 12.55 -14.84 29.86
CA ILE H 163 11.66 -14.34 30.90
C ILE H 163 12.14 -14.73 32.29
N LYS H 164 12.37 -16.02 32.49
CA LYS H 164 12.79 -16.55 33.79
C LYS H 164 14.11 -15.93 34.26
N ASP H 165 15.04 -15.76 33.34
CA ASP H 165 16.32 -15.13 33.65
C ASP H 165 16.14 -13.66 34.00
N LEU H 166 15.25 -12.99 33.27
CA LEU H 166 14.97 -11.58 33.54
C LEU H 166 14.31 -11.38 34.89
N GLU H 167 13.55 -12.37 35.33
CA GLU H 167 12.92 -12.33 36.64
C GLU H 167 13.97 -12.29 37.75
N GLN H 168 15.04 -13.06 37.56
CA GLN H 168 16.10 -13.14 38.56
C GLN H 168 17.18 -12.10 38.31
N GLY H 169 16.97 -11.25 37.31
CA GLY H 169 17.90 -10.18 36.99
C GLY H 169 19.23 -10.70 36.50
N LEU H 170 19.17 -11.66 35.57
CA LEU H 170 20.38 -12.30 35.07
C LEU H 170 20.45 -12.23 33.55
N LEU H 171 21.62 -11.86 33.03
CA LEU H 171 21.82 -11.85 31.59
C LEU H 171 22.64 -13.05 31.18
N ARG H 172 21.98 -14.02 30.55
CA ARG H 172 22.62 -15.27 30.15
C ARG H 172 22.63 -15.48 28.65
N PRO H 173 23.82 -15.58 28.04
CA PRO H 173 23.93 -15.87 26.62
C PRO H 173 23.30 -17.22 26.27
N VAL H 174 22.60 -17.28 25.15
CA VAL H 174 21.93 -18.50 24.71
C VAL H 174 22.91 -19.66 24.63
N SER H 175 24.04 -19.41 23.98
CA SER H 175 25.14 -20.37 23.94
C SER H 175 26.46 -19.63 23.77
N ILE H 176 27.55 -20.25 24.20
CA ILE H 176 28.87 -19.66 24.03
C ILE H 176 29.25 -19.68 22.56
N GLU H 177 28.73 -20.68 21.85
CA GLU H 177 28.96 -20.82 20.41
C GLU H 177 28.34 -19.66 19.63
N ASN H 178 27.20 -19.17 20.11
CA ASN H 178 26.58 -17.99 19.51
C ASN H 178 27.49 -16.78 19.64
N LEU H 179 28.14 -16.67 20.79
CA LEU H 179 29.09 -15.60 21.06
C LEU H 179 30.31 -15.72 20.15
N LYS H 180 30.80 -16.95 19.99
CA LYS H 180 31.96 -17.20 19.14
C LYS H 180 31.64 -16.99 17.66
N ARG H 181 30.36 -17.10 17.32
CA ARG H 181 29.94 -16.94 15.93
C ARG H 181 29.88 -15.45 15.55
N ASP H 182 29.58 -14.61 16.53
CA ASP H 182 29.59 -13.16 16.34
C ASP H 182 30.25 -12.48 17.54
N PRO H 183 31.58 -12.37 17.52
CA PRO H 183 32.39 -11.91 18.66
C PRO H 183 31.97 -10.56 19.26
N VAL H 184 31.50 -9.63 18.44
CA VAL H 184 31.12 -8.29 18.91
C VAL H 184 30.10 -8.35 20.06
N ARG H 185 29.30 -9.41 20.06
CA ARG H 185 28.28 -9.61 21.10
C ARG H 185 28.88 -9.58 22.50
N VAL H 186 30.13 -10.02 22.63
CA VAL H 186 30.81 -10.05 23.92
C VAL H 186 30.86 -8.66 24.57
N LEU H 187 30.83 -7.61 23.74
CA LEU H 187 30.80 -6.25 24.27
C LEU H 187 29.40 -5.88 24.72
N ARG H 188 28.40 -6.27 23.91
CA ARG H 188 27.01 -5.95 24.21
C ARG H 188 26.61 -6.52 25.57
N GLY H 189 27.07 -7.74 25.84
CA GLY H 189 26.84 -8.37 27.14
C GLY H 189 27.30 -7.51 28.28
N PHE H 190 28.43 -6.82 28.11
CA PHE H 190 28.91 -5.91 29.13
C PHE H 190 28.04 -4.65 29.19
N ARG H 191 27.64 -4.17 28.03
CA ARG H 191 26.80 -2.96 27.97
C ARG H 191 25.45 -3.18 28.62
N ILE H 192 24.70 -4.14 28.09
CA ILE H 192 23.33 -4.41 28.53
C ILE H 192 23.26 -4.62 30.03
N ALA H 193 24.13 -5.49 30.55
CA ALA H 193 24.19 -5.80 31.96
C ALA H 193 24.26 -4.53 32.81
N ILE H 194 25.04 -3.56 32.37
CA ILE H 194 25.13 -2.28 33.07
C ILE H 194 23.96 -1.36 32.70
N GLU H 195 23.59 -1.37 31.43
CA GLU H 195 22.56 -0.45 30.93
C GLU H 195 21.17 -0.87 31.36
N LYS H 196 20.90 -2.16 31.32
CA LYS H 196 19.62 -2.70 31.77
C LYS H 196 19.67 -3.16 33.22
N ASN H 197 20.82 -2.92 33.86
CA ASN H 197 21.04 -3.25 35.27
C ASN H 197 20.86 -4.74 35.56
N LEU H 198 21.75 -5.55 34.99
CA LEU H 198 21.73 -6.99 35.19
C LEU H 198 23.12 -7.52 35.52
N GLN H 199 23.21 -8.75 36.01
CA GLN H 199 24.48 -9.37 36.32
C GLN H 199 24.77 -10.54 35.37
N LEU H 200 25.86 -10.44 34.62
CA LEU H 200 26.25 -11.48 33.69
C LEU H 200 26.52 -12.81 34.40
N THR H 201 26.22 -13.91 33.73
CA THR H 201 26.36 -15.23 34.31
C THR H 201 27.82 -15.67 34.42
N GLU H 202 28.02 -16.88 34.92
CA GLU H 202 29.37 -17.41 35.13
C GLU H 202 30.05 -17.77 33.81
N ASP H 203 29.33 -18.50 32.95
CA ASP H 203 29.88 -19.00 31.69
C ASP H 203 30.36 -17.89 30.76
N PHE H 204 29.65 -16.77 30.75
CA PHE H 204 30.04 -15.64 29.91
C PHE H 204 31.41 -15.12 30.33
N TYR H 205 31.55 -14.78 31.62
CA TYR H 205 32.81 -14.33 32.17
C TYR H 205 33.91 -15.36 31.99
N GLU H 206 33.53 -16.64 32.02
CA GLU H 206 34.46 -17.73 31.79
C GLU H 206 35.01 -17.65 30.37
N PHE H 207 34.12 -17.47 29.41
CA PHE H 207 34.53 -17.36 28.01
C PHE H 207 35.35 -16.10 27.75
N VAL H 208 35.03 -15.02 28.45
CA VAL H 208 35.80 -13.80 28.35
C VAL H 208 37.21 -14.02 28.88
N LYS H 209 37.31 -14.78 29.97
CA LYS H 209 38.60 -15.16 30.53
C LYS H 209 39.38 -16.00 29.55
N GLU H 210 38.68 -16.87 28.83
CA GLU H 210 39.31 -17.77 27.85
C GLU H 210 40.11 -17.00 26.79
N ASP H 211 39.41 -16.27 25.92
CA ASP H 211 40.06 -15.52 24.86
C ASP H 211 39.51 -14.10 24.74
N PRO H 212 40.09 -13.17 25.52
CA PRO H 212 39.69 -11.76 25.52
C PRO H 212 39.96 -11.06 24.19
N ARG H 213 40.83 -11.64 23.37
CA ARG H 213 41.21 -11.06 22.09
C ARG H 213 40.17 -11.28 21.00
N ILE H 214 39.24 -12.21 21.26
CA ILE H 214 38.23 -12.61 20.27
C ILE H 214 37.43 -11.43 19.70
N VAL H 215 37.29 -10.37 20.48
CA VAL H 215 36.53 -9.19 20.09
C VAL H 215 37.10 -8.55 18.82
N LEU H 216 38.38 -8.81 18.56
CA LEU H 216 39.06 -8.24 17.40
C LEU H 216 38.67 -8.93 16.10
N LYS H 217 37.92 -10.02 16.20
CA LYS H 217 37.48 -10.74 15.00
C LYS H 217 36.38 -9.99 14.26
N SER H 218 35.48 -9.38 15.02
CA SER H 218 34.38 -8.60 14.44
C SER H 218 34.87 -7.27 13.88
N ALA H 219 34.07 -6.67 13.00
CA ALA H 219 34.41 -5.41 12.35
C ALA H 219 34.70 -4.29 13.35
N VAL H 220 35.62 -3.40 12.97
CA VAL H 220 36.08 -2.33 13.85
C VAL H 220 34.99 -1.32 14.25
N GLU H 221 34.23 -0.85 13.27
CA GLU H 221 33.24 0.19 13.52
C GLU H 221 32.09 -0.25 14.41
N ARG H 222 31.75 -1.54 14.38
CA ARG H 222 30.75 -2.09 15.28
C ARG H 222 31.26 -2.02 16.71
N ILE H 223 32.53 -2.37 16.86
CA ILE H 223 33.21 -2.31 18.16
C ILE H 223 33.21 -0.88 18.69
N THR H 224 33.64 0.06 17.85
CA THR H 224 33.63 1.48 18.18
C THR H 224 32.23 1.92 18.62
N HIS H 225 31.23 1.56 17.81
CA HIS H 225 29.85 1.89 18.08
C HIS H 225 29.41 1.39 19.46
N GLU H 226 29.81 0.17 19.79
CA GLU H 226 29.46 -0.40 21.09
C GLU H 226 30.19 0.31 22.23
N LEU H 227 31.43 0.71 21.97
CA LEU H 227 32.22 1.45 22.95
C LEU H 227 31.57 2.78 23.26
N PHE H 228 30.99 3.41 22.24
CA PHE H 228 30.27 4.67 22.44
C PHE H 228 28.92 4.44 23.12
N LYS H 229 28.28 3.32 22.80
CA LYS H 229 27.03 2.95 23.46
C LYS H 229 27.26 2.76 24.96
N ILE H 230 28.45 2.25 25.30
CA ILE H 230 28.83 2.10 26.70
C ILE H 230 29.18 3.44 27.32
N MET H 231 29.94 4.26 26.59
CA MET H 231 30.34 5.58 27.06
C MET H 231 29.17 6.55 27.16
N LYS H 232 28.01 6.14 26.65
CA LYS H 232 26.82 6.97 26.67
C LYS H 232 26.31 7.20 28.10
N GLU H 233 26.14 6.10 28.84
CA GLU H 233 25.67 6.17 30.21
C GLU H 233 26.77 6.69 31.15
N LYS H 234 26.36 7.22 32.30
CA LYS H 234 27.29 7.85 33.23
C LYS H 234 27.84 6.89 34.30
N THR H 235 27.42 5.64 34.23
CA THR H 235 27.97 4.59 35.10
C THR H 235 29.09 3.85 34.39
N ALA H 236 29.46 4.34 33.21
CA ALA H 236 30.37 3.64 32.28
C ALA H 236 31.72 3.21 32.87
N HIS H 237 32.16 3.86 33.94
CA HIS H 237 33.44 3.55 34.55
C HIS H 237 33.51 2.09 35.02
N LYS H 238 32.37 1.56 35.48
CA LYS H 238 32.28 0.18 35.90
C LYS H 238 32.52 -0.76 34.73
N VAL H 239 31.85 -0.48 33.61
CA VAL H 239 31.98 -1.28 32.40
C VAL H 239 33.41 -1.25 31.88
N ILE H 240 34.00 -0.06 31.87
CA ILE H 240 35.37 0.11 31.41
C ILE H 240 36.37 -0.65 32.29
N ARG H 241 36.19 -0.54 33.60
CA ARG H 241 37.05 -1.26 34.54
C ARG H 241 36.91 -2.77 34.35
N GLU H 242 35.69 -3.21 34.07
CA GLU H 242 35.44 -4.62 33.77
C GLU H 242 36.19 -5.06 32.50
N LEU H 243 36.14 -4.21 31.47
CA LEU H 243 36.80 -4.50 30.21
C LEU H 243 38.32 -4.51 30.34
N TYR H 244 38.83 -3.71 31.27
CA TYR H 244 40.27 -3.65 31.51
C TYR H 244 40.74 -4.84 32.32
N GLU H 245 39.95 -5.23 33.32
CA GLU H 245 40.27 -6.37 34.16
C GLU H 245 40.41 -7.66 33.35
N TYR H 246 39.60 -7.76 32.30
CA TYR H 246 39.63 -8.95 31.44
C TYR H 246 40.52 -8.75 30.21
N GLY H 247 41.06 -7.55 30.06
CA GLY H 247 42.03 -7.28 29.01
C GLY H 247 41.45 -7.01 27.62
N VAL H 248 40.13 -6.90 27.54
CA VAL H 248 39.45 -6.63 26.28
C VAL H 248 39.78 -5.23 25.77
N LEU H 249 39.66 -4.25 26.67
CA LEU H 249 39.94 -2.85 26.35
C LEU H 249 41.35 -2.68 25.80
N GLU H 250 42.27 -3.53 26.26
CA GLU H 250 43.64 -3.51 25.77
C GLU H 250 43.75 -4.18 24.40
N ALA H 251 42.91 -5.18 24.17
CA ALA H 251 42.89 -5.85 22.88
C ALA H 251 42.43 -4.89 21.80
N ILE H 252 41.41 -4.09 22.13
CA ILE H 252 40.91 -3.08 21.21
C ILE H 252 41.86 -1.88 21.14
N ILE H 253 42.34 -1.44 22.32
CA ILE H 253 43.28 -0.33 22.39
C ILE H 253 44.55 -0.73 23.13
N PRO H 254 45.57 -1.19 22.39
CA PRO H 254 46.85 -1.64 22.97
C PRO H 254 47.56 -0.55 23.76
N GLU H 255 47.33 0.71 23.40
CA GLU H 255 47.99 1.84 24.06
C GLU H 255 47.62 1.94 25.54
N ILE H 256 46.41 1.51 25.88
CA ILE H 256 45.93 1.57 27.25
C ILE H 256 46.71 0.60 28.15
N GLY H 257 47.07 -0.55 27.58
CA GLY H 257 47.82 -1.55 28.32
C GLY H 257 49.22 -1.10 28.68
N ARG H 258 49.70 -0.06 28.02
CA ARG H 258 51.04 0.47 28.28
C ARG H 258 51.05 1.42 29.47
N LEU H 259 49.88 1.67 30.05
CA LEU H 259 49.78 2.54 31.21
C LEU H 259 50.14 1.79 32.48
N ARG H 260 50.31 0.47 32.37
CA ARG H 260 50.61 -0.37 33.51
C ARG H 260 52.11 -0.52 33.74
N GLU H 261 52.91 -0.04 32.80
CA GLU H 261 54.36 -0.19 32.90
C GLU H 261 54.99 0.92 33.73
N VAL H 262 54.16 1.85 34.20
CA VAL H 262 54.63 2.96 35.03
C VAL H 262 53.99 2.94 36.41
N LYS H 263 54.81 2.74 37.43
CA LYS H 263 54.33 2.70 38.81
C LYS H 263 54.70 3.98 39.56
N ASP H 264 53.72 4.57 40.22
CA ASP H 264 53.94 5.80 40.97
C ASP H 264 53.93 5.54 42.46
N PRO H 272 50.46 4.37 40.32
CA PRO H 272 49.53 3.59 39.50
C PRO H 272 48.79 4.44 38.49
N LEU H 273 49.23 4.40 37.24
CA LEU H 273 48.66 5.26 36.20
C LEU H 273 47.28 4.80 35.71
N ASP H 274 47.15 3.51 35.42
CA ASP H 274 45.89 2.98 34.92
C ASP H 274 44.74 3.19 35.92
N GLU H 275 44.99 2.86 37.18
CA GLU H 275 44.03 3.08 38.24
C GLU H 275 43.70 4.56 38.37
N HIS H 276 44.71 5.40 38.16
CA HIS H 276 44.53 6.84 38.21
C HIS H 276 43.59 7.34 37.12
N THR H 277 43.74 6.78 35.93
CA THR H 277 42.87 7.13 34.81
C THR H 277 41.45 6.62 35.04
N LEU H 278 41.35 5.44 35.65
CA LEU H 278 40.05 4.86 35.99
C LEU H 278 39.28 5.75 36.97
N LYS H 279 39.95 6.09 38.08
CA LYS H 279 39.35 6.98 39.07
C LYS H 279 39.09 8.37 38.51
N THR H 280 39.92 8.78 37.55
CA THR H 280 39.73 10.05 36.87
C THR H 280 38.46 10.03 36.04
N LEU H 281 38.19 8.88 35.42
CA LEU H 281 36.97 8.71 34.63
C LEU H 281 35.73 8.67 35.52
N GLU H 282 35.80 7.88 36.58
CA GLU H 282 34.70 7.78 37.55
C GLU H 282 34.35 9.15 38.12
N TYR H 283 35.38 9.83 38.63
CA TYR H 283 35.22 11.18 39.16
C TYR H 283 34.75 12.16 38.09
N LEU H 284 35.12 11.90 36.84
CA LEU H 284 34.68 12.76 35.74
C LEU H 284 33.18 12.64 35.55
N GLU H 285 32.67 11.41 35.55
CA GLU H 285 31.24 11.16 35.43
C GLU H 285 30.51 11.81 36.60
N GLN H 286 31.02 11.57 37.80
CA GLN H 286 30.44 12.15 39.01
C GLN H 286 30.46 13.67 38.99
N VAL H 287 31.38 14.25 38.23
CA VAL H 287 31.45 15.69 38.03
C VAL H 287 30.42 16.14 36.99
N ILE H 288 30.29 15.37 35.92
CA ILE H 288 29.35 15.68 34.84
C ILE H 288 27.91 15.67 35.36
N GLU H 289 27.63 14.81 36.32
CA GLU H 289 26.33 14.85 36.99
C GLU H 289 26.18 16.13 37.80
N ASP H 290 27.28 16.61 38.37
CA ASP H 290 27.30 17.82 39.18
C ASP H 290 27.71 19.07 38.41
N ARG H 291 27.83 18.94 37.09
CA ARG H 291 28.42 19.97 36.22
C ARG H 291 27.82 21.37 36.38
N ALA H 292 26.59 21.45 36.88
CA ALA H 292 25.90 22.73 37.02
C ALA H 292 26.58 23.70 37.99
N LYS H 293 27.11 23.19 39.11
CA LYS H 293 27.84 24.02 40.06
C LYS H 293 29.20 24.55 39.58
N TYR H 294 29.99 23.68 38.97
CA TYR H 294 31.35 24.01 38.54
C TYR H 294 31.48 25.01 37.39
N LEU H 295 30.61 24.90 36.40
CA LEU H 295 30.75 25.58 35.12
C LEU H 295 29.71 26.67 34.96
N SER H 296 30.11 27.81 34.42
CA SER H 296 29.15 28.91 34.38
C SER H 296 27.97 28.54 33.49
N ALA H 297 27.00 29.42 33.37
CA ALA H 297 25.83 29.17 32.55
C ALA H 297 26.19 29.20 31.06
N GLU H 298 27.00 30.17 30.68
CA GLU H 298 27.42 30.34 29.30
C GLU H 298 28.24 29.14 28.79
N LEU H 299 29.10 28.60 29.65
CA LEU H 299 29.91 27.44 29.29
C LEU H 299 29.04 26.19 29.20
N LEU H 300 28.01 26.13 30.03
CA LEU H 300 27.10 24.99 30.05
C LEU H 300 26.08 25.05 28.91
N GLU H 301 25.96 26.22 28.29
CA GLU H 301 24.93 26.43 27.26
C GLU H 301 25.03 25.48 26.07
N ASN H 302 26.17 25.49 25.39
CA ASN H 302 26.36 24.64 24.22
C ASN H 302 26.96 23.29 24.55
N PHE H 303 27.17 23.04 25.84
CA PHE H 303 27.68 21.75 26.30
C PHE H 303 26.66 20.65 26.03
N GLY H 304 27.10 19.60 25.36
CA GLY H 304 26.23 18.47 25.05
C GLY H 304 25.43 18.66 23.77
N LYS H 305 25.64 19.79 23.09
CA LYS H 305 24.91 20.08 21.87
C LYS H 305 25.58 19.54 20.61
N LYS H 306 26.83 19.08 20.76
CA LYS H 306 27.58 18.56 19.62
C LYS H 306 27.06 17.19 19.20
N ARG H 307 27.24 16.84 17.93
CA ARG H 307 26.78 15.56 17.42
C ARG H 307 27.90 14.74 16.78
N VAL H 308 28.25 13.63 17.39
CA VAL H 308 29.28 12.76 16.81
C VAL H 308 28.67 11.44 16.39
N LEU H 309 28.72 11.15 15.10
CA LEU H 309 28.22 9.89 14.56
C LEU H 309 26.71 9.92 14.43
N GLY H 310 26.12 11.06 14.77
CA GLY H 310 24.70 11.32 14.57
C GLY H 310 23.85 10.81 15.72
N GLU H 311 24.48 10.04 16.60
CA GLU H 311 23.84 9.56 17.83
C GLU H 311 24.57 9.91 19.13
N PHE H 312 25.73 10.55 19.02
CA PHE H 312 26.55 10.79 20.21
C PHE H 312 27.00 12.25 20.34
N THR H 313 27.27 12.66 21.57
CA THR H 313 27.62 14.05 21.87
C THR H 313 29.04 14.19 22.38
N ASP H 314 29.41 15.42 22.75
CA ASP H 314 30.75 15.72 23.24
C ASP H 314 31.01 15.21 24.66
N VAL H 315 29.95 14.71 25.31
CA VAL H 315 30.09 14.16 26.66
C VAL H 315 30.90 12.86 26.61
N GLU H 316 30.51 11.98 25.68
CA GLU H 316 31.24 10.75 25.44
C GLU H 316 32.68 11.05 25.07
N LEU H 317 32.87 12.15 24.34
CA LEU H 317 34.20 12.62 23.96
C LEU H 317 34.98 13.08 25.19
N LEU H 318 34.27 13.60 26.18
CA LEU H 318 34.89 14.03 27.43
C LEU H 318 35.36 12.81 28.19
N LYS H 319 34.54 11.77 28.22
CA LYS H 319 34.91 10.53 28.90
C LYS H 319 36.08 9.84 28.21
N TRP H 320 36.07 9.82 26.89
CA TRP H 320 37.21 9.32 26.11
C TRP H 320 38.45 10.17 26.39
N GLY H 321 38.23 11.45 26.65
CA GLY H 321 39.30 12.36 26.98
C GLY H 321 39.89 12.03 28.34
N ALA H 322 39.05 11.55 29.25
CA ALA H 322 39.50 11.16 30.58
C ALA H 322 40.26 9.83 30.52
N LEU H 323 39.79 8.92 29.67
CA LEU H 323 40.44 7.62 29.54
C LEU H 323 41.81 7.77 28.86
N PHE H 324 41.89 8.70 27.90
CA PHE H 324 43.12 8.93 27.16
C PHE H 324 43.95 10.09 27.75
N HIS H 325 43.51 10.62 28.89
CA HIS H 325 44.08 11.86 29.44
C HIS H 325 45.62 11.86 29.52
N ASP H 326 46.21 10.81 30.06
CA ASP H 326 47.62 10.57 29.79
C ASP H 326 47.80 9.25 29.05
N ILE H 327 48.03 9.30 27.75
CA ILE H 327 48.46 8.14 26.99
C ILE H 327 49.95 8.20 26.67
N GLY H 328 50.58 9.31 27.04
CA GLY H 328 51.95 9.59 26.61
C GLY H 328 53.02 9.36 27.66
N LYS H 329 52.60 9.08 28.89
CA LYS H 329 53.53 8.84 29.98
C LYS H 329 54.47 7.64 29.78
N PRO H 330 53.95 6.49 29.30
CA PRO H 330 54.89 5.40 29.00
C PRO H 330 55.78 5.70 27.80
N GLN H 331 55.38 6.65 26.96
CA GLN H 331 56.16 7.02 25.79
C GLN H 331 57.38 7.85 26.15
N THR H 332 57.23 8.74 27.12
CA THR H 332 58.31 9.64 27.51
C THR H 332 58.53 9.70 29.02
N PHE H 333 59.74 9.36 29.45
CA PHE H 333 60.12 9.44 30.86
C PHE H 333 61.64 9.37 31.01
N ALA H 334 62.11 9.46 32.25
CA ALA H 334 63.54 9.42 32.54
C ALA H 334 63.80 9.03 33.98
N PHE H 342 57.98 12.99 31.95
CA PHE H 342 56.96 13.09 30.93
C PHE H 342 56.88 14.52 30.38
N TYR H 343 57.95 14.97 29.75
CA TYR H 343 58.02 16.34 29.24
C TYR H 343 57.04 16.59 28.10
N GLU H 344 57.14 15.80 27.05
CA GLU H 344 56.36 16.00 25.82
C GLU H 344 55.11 15.12 25.78
N HIS H 345 54.85 14.41 26.86
CA HIS H 345 53.81 13.36 26.88
C HIS H 345 52.40 13.81 26.51
N ASP H 346 52.14 15.11 26.59
CA ASP H 346 50.83 15.63 26.21
C ASP H 346 50.67 15.76 24.69
N LYS H 347 51.74 16.18 24.02
CA LYS H 347 51.74 16.28 22.56
C LYS H 347 51.75 14.88 21.96
N VAL H 348 52.68 14.06 22.46
CA VAL H 348 52.75 12.65 22.09
C VAL H 348 51.39 12.01 22.35
N GLY H 349 50.78 12.40 23.46
CA GLY H 349 49.44 11.94 23.81
C GLY H 349 48.42 12.28 22.74
N ALA H 350 48.44 13.53 22.30
CA ALA H 350 47.55 14.00 21.25
C ALA H 350 47.71 13.17 19.98
N GLN H 351 48.96 13.00 19.55
CA GLN H 351 49.26 12.24 18.34
C GLN H 351 48.77 10.79 18.45
N ILE H 352 49.05 10.16 19.58
CA ILE H 352 48.63 8.79 19.84
C ILE H 352 47.10 8.68 19.76
N VAL H 353 46.41 9.66 20.36
CA VAL H 353 44.95 9.71 20.28
C VAL H 353 44.49 9.78 18.83
N ARG H 354 45.14 10.64 18.04
CA ARG H 354 44.83 10.74 16.62
C ARG H 354 45.03 9.40 15.90
N GLU H 355 46.02 8.63 16.34
CA GLU H 355 46.25 7.30 15.78
C GLU H 355 45.14 6.32 16.16
N ILE H 356 44.70 6.39 17.42
CA ILE H 356 43.62 5.54 17.90
C ILE H 356 42.32 5.83 17.15
N GLY H 357 42.07 7.11 16.90
CA GLY H 357 40.90 7.53 16.15
C GLY H 357 41.00 7.13 14.70
N GLU H 358 42.22 7.19 14.17
CA GLU H 358 42.50 6.76 12.80
C GLU H 358 42.15 5.28 12.63
N ARG H 359 42.64 4.46 13.57
CA ARG H 359 42.44 3.02 13.53
C ARG H 359 40.99 2.60 13.81
N LEU H 360 40.37 3.27 14.77
CA LEU H 360 39.02 2.90 15.21
C LEU H 360 37.94 3.53 14.33
N ARG H 361 38.37 4.28 13.33
CA ARG H 361 37.47 4.92 12.37
C ARG H 361 36.42 5.81 13.01
N TRP H 362 36.86 6.73 13.86
CA TRP H 362 35.95 7.72 14.43
C TRP H 362 35.75 8.83 13.42
N GLY H 363 34.91 9.80 13.76
CA GLY H 363 34.75 10.99 12.94
C GLY H 363 36.00 11.83 13.07
N ASP H 364 36.40 12.50 11.98
CA ASP H 364 37.61 13.32 12.01
C ASP H 364 37.49 14.41 13.07
N GLU H 365 36.32 15.05 13.12
CA GLU H 365 36.07 16.08 14.12
C GLU H 365 36.04 15.47 15.53
N ALA H 366 35.57 14.23 15.62
CA ALA H 366 35.52 13.53 16.90
C ALA H 366 36.92 13.22 17.43
N THR H 367 37.71 12.52 16.62
CA THR H 367 39.07 12.15 17.01
C THR H 367 39.95 13.38 17.22
N GLU H 368 39.68 14.44 16.45
CA GLU H 368 40.42 15.68 16.59
C GLU H 368 39.98 16.40 17.86
N PHE H 369 38.74 16.19 18.26
CA PHE H 369 38.23 16.77 19.50
C PHE H 369 38.89 16.09 20.69
N VAL H 370 38.96 14.76 20.65
CA VAL H 370 39.60 14.00 21.72
C VAL H 370 41.09 14.33 21.81
N ALA H 371 41.74 14.42 20.64
CA ALA H 371 43.16 14.75 20.59
C ALA H 371 43.43 16.16 21.12
N LYS H 372 42.59 17.11 20.73
CA LYS H 372 42.72 18.49 21.19
C LYS H 372 42.43 18.56 22.69
N LEU H 373 41.62 17.63 23.18
CA LEU H 373 41.30 17.56 24.59
C LEU H 373 42.49 17.02 25.38
N VAL H 374 43.23 16.09 24.78
CA VAL H 374 44.38 15.49 25.42
C VAL H 374 45.61 16.42 25.41
N ARG H 375 45.84 17.08 24.29
CA ARG H 375 46.96 18.00 24.15
C ARG H 375 46.94 19.13 25.19
N HIS H 376 45.75 19.69 25.43
CA HIS H 376 45.59 20.80 26.35
C HIS H 376 45.21 20.35 27.76
N HIS H 377 45.19 19.04 27.98
CA HIS H 377 44.73 18.46 29.24
C HIS H 377 45.44 19.00 30.49
N LEU H 378 46.70 19.38 30.35
CA LEU H 378 47.47 19.87 31.49
C LEU H 378 47.48 21.39 31.62
N ARG H 379 46.79 22.08 30.72
CA ARG H 379 46.74 23.54 30.71
C ARG H 379 46.18 24.19 31.99
N PRO H 380 45.01 23.72 32.49
CA PRO H 380 44.45 24.36 33.68
C PRO H 380 45.36 24.24 34.91
N PHE H 381 46.18 23.19 34.96
CA PHE H 381 47.13 23.04 36.06
C PHE H 381 48.21 24.12 35.99
N PHE H 382 48.64 24.43 34.77
CA PHE H 382 49.62 25.49 34.56
C PHE H 382 49.03 26.84 34.91
N LEU H 383 47.80 27.07 34.46
CA LEU H 383 47.12 28.34 34.75
C LEU H 383 46.88 28.52 36.25
N ARG H 384 46.53 27.43 36.92
CA ARG H 384 46.30 27.46 38.36
C ARG H 384 47.60 27.72 39.12
N GLU H 385 48.65 27.01 38.74
CA GLU H 385 49.94 27.15 39.40
C GLU H 385 50.52 28.54 39.17
N ALA H 386 50.22 29.12 38.02
CA ALA H 386 50.62 30.48 37.72
C ALA H 386 49.72 31.47 38.45
N PHE H 387 48.53 31.01 38.83
CA PHE H 387 47.59 31.84 39.58
C PHE H 387 47.96 31.93 41.06
N LYS H 388 48.51 30.84 41.59
CA LYS H 388 48.84 30.77 43.01
C LYS H 388 49.92 31.79 43.41
N LYS H 389 50.85 32.04 42.51
CA LYS H 389 51.89 33.02 42.75
C LYS H 389 51.45 34.41 42.27
N GLY H 390 50.22 34.48 41.77
CA GLY H 390 49.65 35.73 41.30
C GLY H 390 50.22 36.17 39.96
N GLU H 391 51.03 35.31 39.37
CA GLU H 391 51.70 35.62 38.11
C GLU H 391 50.76 35.51 36.91
N LEU H 392 49.56 35.01 37.16
CA LEU H 392 48.55 34.88 36.11
C LEU H 392 48.04 36.26 35.69
N LYS H 393 48.14 36.54 34.40
CA LYS H 393 47.76 37.86 33.88
C LYS H 393 46.92 37.76 32.60
N ARG H 394 46.65 38.91 32.01
CA ARG H 394 45.82 38.99 30.80
C ARG H 394 46.40 38.19 29.63
N ARG H 395 47.72 38.08 29.58
CA ARG H 395 48.40 37.40 28.49
C ARG H 395 48.05 35.91 28.47
N GLY H 396 48.24 35.24 29.60
CA GLY H 396 47.97 33.82 29.72
C GLY H 396 46.51 33.49 29.50
N MET H 397 45.63 34.35 29.99
CA MET H 397 44.19 34.14 29.84
C MET H 397 43.75 34.30 28.38
N ALA H 398 44.21 35.38 27.74
CA ALA H 398 43.88 35.64 26.35
C ALA H 398 44.42 34.53 25.46
N ASN H 399 45.62 34.05 25.78
CA ASN H 399 46.19 32.90 25.08
C ASN H 399 45.35 31.66 25.28
N PHE H 400 44.86 31.46 26.51
CA PHE H 400 44.04 30.32 26.84
C PHE H 400 42.73 30.29 26.05
N TRP H 401 42.03 31.42 26.03
CA TRP H 401 40.75 31.50 25.34
C TRP H 401 40.91 31.53 23.81
N ARG H 402 42.02 32.07 23.34
CA ARG H 402 42.32 32.06 21.90
C ARG H 402 42.64 30.66 21.40
N GLU H 403 43.59 30.01 22.05
CA GLU H 403 44.02 28.67 21.66
C GLU H 403 42.84 27.69 21.67
N CYS H 404 42.31 27.42 22.86
CA CYS H 404 41.09 26.63 22.96
C CYS H 404 40.03 27.31 23.82
N GLY H 405 38.97 27.78 23.17
CA GLY H 405 37.82 28.29 23.88
C GLY H 405 36.63 27.35 23.85
N ASP H 406 36.68 26.37 22.95
CA ASP H 406 35.57 25.44 22.76
C ASP H 406 35.58 24.30 23.78
N ILE H 407 36.78 23.80 24.08
CA ILE H 407 36.94 22.69 25.00
C ILE H 407 37.02 23.17 26.45
N ALA H 408 36.89 24.48 26.62
CA ALA H 408 36.96 25.10 27.96
C ALA H 408 36.09 24.42 29.04
N PRO H 409 34.80 24.19 28.77
CA PRO H 409 34.01 23.48 29.79
C PRO H 409 34.53 22.08 30.03
N HIS H 410 34.82 21.39 28.94
CA HIS H 410 35.31 20.02 28.98
C HIS H 410 36.66 19.95 29.70
N LEU H 411 37.52 20.92 29.41
CA LEU H 411 38.84 20.97 30.01
C LEU H 411 38.75 21.29 31.49
N PHE H 412 37.79 22.12 31.86
CA PHE H 412 37.58 22.46 33.27
C PHE H 412 37.09 21.25 34.06
N LEU H 413 36.07 20.57 33.53
CA LEU H 413 35.55 19.38 34.18
C LEU H 413 36.61 18.29 34.29
N LEU H 414 37.34 18.07 33.20
CA LEU H 414 38.40 17.06 33.16
C LEU H 414 39.53 17.38 34.14
N SER H 415 39.86 18.67 34.26
CA SER H 415 40.91 19.09 35.17
C SER H 415 40.48 18.95 36.62
N ILE H 416 39.21 19.25 36.89
CA ILE H 416 38.66 19.06 38.23
C ILE H 416 38.70 17.60 38.61
N ALA H 417 38.24 16.74 37.71
CA ALA H 417 38.27 15.29 37.91
C ALA H 417 39.68 14.78 38.14
N ASP H 418 40.62 15.28 37.34
CA ASP H 418 42.02 14.89 37.44
C ASP H 418 42.59 15.30 38.79
N ALA H 419 42.21 16.48 39.25
CA ALA H 419 42.64 16.98 40.55
C ALA H 419 42.02 16.14 41.67
N MET H 420 40.84 15.58 41.42
CA MET H 420 40.18 14.71 42.38
C MET H 420 40.91 13.38 42.50
N ALA H 421 41.20 12.76 41.37
CA ALA H 421 41.87 11.46 41.34
C ALA H 421 43.32 11.57 41.79
N SER H 422 43.93 12.74 41.61
CA SER H 422 45.32 12.95 41.97
C SER H 422 45.50 13.04 43.48
N GLY H 423 44.39 13.27 44.20
CA GLY H 423 44.43 13.33 45.65
C GLY H 423 44.94 14.64 46.20
N ASP H 424 44.60 15.74 45.53
CA ASP H 424 45.00 17.07 45.98
C ASP H 424 44.30 17.42 47.29
N GLU H 425 44.92 18.31 48.07
CA GLU H 425 44.29 18.84 49.26
C GLU H 425 43.23 19.85 48.85
N GLU H 426 42.28 20.12 49.75
CA GLU H 426 41.17 21.03 49.46
C GLU H 426 41.61 22.40 48.98
N GLU H 427 42.74 22.87 49.51
CA GLU H 427 43.25 24.20 49.19
C GLU H 427 43.61 24.33 47.70
N ASP H 428 44.28 23.32 47.16
CA ASP H 428 44.73 23.36 45.78
C ASP H 428 43.56 23.26 44.81
N ILE H 429 42.53 22.50 45.19
CA ILE H 429 41.32 22.35 44.39
C ILE H 429 40.51 23.64 44.39
N LYS H 430 40.35 24.24 45.57
CA LYS H 430 39.66 25.52 45.66
C LYS H 430 40.41 26.58 44.87
N ALA H 431 41.73 26.50 44.90
CA ALA H 431 42.57 27.40 44.11
C ALA H 431 42.31 27.17 42.61
N LEU H 432 42.12 25.91 42.24
CA LEU H 432 41.81 25.57 40.85
C LEU H 432 40.50 26.19 40.41
N MET H 433 39.47 26.03 41.24
CA MET H 433 38.16 26.61 40.92
C MET H 433 38.19 28.14 40.98
N GLU H 434 39.16 28.69 41.70
CA GLU H 434 39.37 30.13 41.71
C GLU H 434 39.97 30.58 40.38
N THR H 435 40.92 29.80 39.88
CA THR H 435 41.51 30.06 38.56
C THR H 435 40.45 29.97 37.48
N ILE H 436 39.58 28.96 37.59
CA ILE H 436 38.48 28.78 36.65
C ILE H 436 37.51 29.95 36.72
N ALA H 437 37.17 30.37 37.94
CA ALA H 437 36.26 31.48 38.14
C ALA H 437 36.82 32.76 37.55
N GLU H 438 38.13 32.95 37.68
CA GLU H 438 38.80 34.11 37.12
C GLU H 438 38.83 34.06 35.59
N LEU H 439 39.00 32.86 35.06
CA LEU H 439 38.99 32.66 33.60
C LEU H 439 37.62 32.98 33.02
N GLU H 440 36.58 32.46 33.66
CA GLU H 440 35.21 32.69 33.21
C GLU H 440 34.80 34.14 33.38
N SER H 441 35.27 34.77 34.44
CA SER H 441 34.98 36.19 34.67
C SER H 441 35.69 37.05 33.63
N PHE H 442 36.91 36.67 33.30
CA PHE H 442 37.69 37.37 32.29
C PHE H 442 37.04 37.23 30.91
N ASN H 443 36.50 36.04 30.63
CA ASN H 443 35.88 35.77 29.35
C ASN H 443 34.50 36.42 29.21
N ARG H 444 33.78 36.53 30.32
CA ARG H 444 32.42 37.04 30.32
C ARG H 444 32.37 38.55 30.08
N ASN H 445 33.22 39.29 30.77
CA ASN H 445 33.23 40.75 30.69
C ASN H 445 34.48 41.35 30.05
N GLU H 446 35.64 41.11 30.67
CA GLU H 446 36.91 41.69 30.22
C GLU H 446 37.31 41.27 28.79
N MET H 447 36.65 40.25 28.25
CA MET H 447 37.01 39.71 26.95
C MET H 447 36.30 40.39 25.77
N LYS H 448 35.28 41.20 26.06
CA LYS H 448 34.48 41.80 25.01
C LYS H 448 35.31 42.72 24.10
N GLU H 449 35.92 43.74 24.70
CA GLU H 449 36.75 44.67 23.96
C GLU H 449 38.06 43.98 23.57
N GLU H 450 38.35 42.87 24.23
CA GLU H 450 39.52 42.07 23.88
C GLU H 450 39.23 41.19 22.67
N ILE H 451 38.03 40.61 22.63
CA ILE H 451 37.67 39.74 21.51
C ILE H 451 37.38 40.57 20.25
N GLN H 452 36.88 41.78 20.42
CA GLN H 452 36.68 42.66 19.27
C GLN H 452 38.02 43.03 18.62
N LYS H 453 38.90 43.65 19.38
CA LYS H 453 40.21 44.07 18.89
C LYS H 453 41.26 44.04 20.00
N UNK H 461 39.09 49.32 11.41
CA UNK H 461 39.00 48.70 10.09
C UNK H 461 40.39 48.38 9.53
N UNK H 462 40.59 47.12 9.19
CA UNK H 462 41.87 46.66 8.65
C UNK H 462 42.01 47.03 7.17
N UNK H 463 40.88 47.22 6.51
CA UNK H 463 40.88 47.68 5.12
C UNK H 463 41.36 49.12 5.08
N UNK H 464 40.97 49.89 6.08
CA UNK H 464 41.45 51.26 6.23
C UNK H 464 42.92 51.25 6.64
N UNK H 465 43.34 50.18 7.31
CA UNK H 465 44.74 50.00 7.66
C UNK H 465 45.54 49.69 6.39
N UNK H 466 44.87 49.08 5.42
CA UNK H 466 45.48 48.85 4.11
C UNK H 466 45.48 50.15 3.31
N UNK H 467 44.52 51.02 3.61
CA UNK H 467 44.42 52.32 2.96
C UNK H 467 45.51 53.27 3.47
N UNK H 468 45.89 53.10 4.74
CA UNK H 468 46.92 53.93 5.34
C UNK H 468 48.30 53.57 4.79
N UNK H 469 48.45 52.33 4.36
CA UNK H 469 49.70 51.85 3.79
C UNK H 469 49.48 50.64 2.90
N UNK H 471 47.24 46.10 1.03
CA UNK H 471 46.75 44.74 0.84
C UNK H 471 47.69 43.96 -0.06
N UNK H 472 48.81 44.58 -0.42
CA UNK H 472 49.79 43.95 -1.29
C UNK H 472 50.48 42.72 -0.72
N UNK H 473 50.82 42.75 0.57
CA UNK H 473 51.76 41.78 1.13
C UNK H 473 51.40 41.15 2.47
N UNK H 474 52.06 40.03 2.74
CA UNK H 474 51.86 39.27 3.96
C UNK H 474 52.23 40.13 5.15
N UNK H 475 53.08 41.11 4.91
CA UNK H 475 53.56 41.98 5.95
C UNK H 475 52.34 42.65 6.56
N UNK H 476 51.28 42.78 5.77
CA UNK H 476 50.06 43.36 6.28
C UNK H 476 49.53 42.46 7.37
N UNK H 477 49.60 41.16 7.14
CA UNK H 477 49.16 40.17 8.12
C UNK H 477 49.98 40.19 9.41
N UNK H 478 51.29 40.34 9.29
CA UNK H 478 52.16 40.30 10.45
C UNK H 478 51.83 41.44 11.41
N UNK H 479 51.54 42.60 10.86
CA UNK H 479 51.22 43.77 11.68
C UNK H 479 49.97 43.53 12.50
N UNK H 480 48.97 42.92 11.88
CA UNK H 480 47.71 42.69 12.55
C UNK H 480 47.93 41.78 13.75
N UNK H 481 48.76 40.77 13.59
CA UNK H 481 48.98 39.83 14.66
C UNK H 481 49.54 40.58 15.85
N UNK H 482 50.48 41.48 15.59
CA UNK H 482 51.01 42.32 16.64
C UNK H 482 49.88 43.20 17.15
N UNK H 483 49.06 43.66 16.22
CA UNK H 483 47.96 44.54 16.56
C UNK H 483 47.05 43.80 17.51
N UNK H 484 46.88 42.51 17.26
CA UNK H 484 46.12 41.68 18.20
C UNK H 484 47.00 41.28 19.38
N UNK H 485 48.31 41.18 19.12
CA UNK H 485 49.26 40.83 20.17
C UNK H 485 49.47 42.00 21.12
N UNK H 486 49.34 43.22 20.59
CA UNK H 486 49.46 44.42 21.41
C UNK H 486 48.12 44.79 22.04
N UNK H 487 47.08 44.06 21.65
CA UNK H 487 45.74 44.29 22.17
C UNK H 487 45.52 43.50 23.46
N UNK H 488 46.49 42.65 23.78
CA UNK H 488 46.42 41.83 24.99
C UNK H 488 47.50 42.25 26.00
N UNK H 491 41.50 56.83 20.41
CA UNK H 491 41.81 56.22 19.13
C UNK H 491 42.76 55.05 19.34
N UNK H 492 44.05 55.31 19.22
CA UNK H 492 45.06 54.31 19.49
C UNK H 492 45.19 53.36 18.31
N UNK H 493 44.49 53.69 17.24
CA UNK H 493 44.59 52.90 16.03
C UNK H 493 45.80 53.36 15.29
N UNK H 494 45.72 54.60 14.86
CA UNK H 494 46.79 55.32 14.20
C UNK H 494 48.06 55.02 14.95
N UNK H 495 47.97 55.05 16.27
CA UNK H 495 49.17 54.87 17.05
C UNK H 495 49.74 53.48 16.77
N UNK H 496 48.85 52.49 16.76
CA UNK H 496 49.32 51.13 16.57
C UNK H 496 49.98 50.97 15.21
N UNK H 497 49.35 51.53 14.19
CA UNK H 497 49.87 51.37 12.85
C UNK H 497 51.24 52.02 12.75
N UNK H 498 51.38 53.18 13.37
CA UNK H 498 52.64 53.89 13.33
C UNK H 498 53.73 53.10 14.02
N UNK H 499 53.39 52.52 15.15
CA UNK H 499 54.37 51.76 15.90
C UNK H 499 54.80 50.60 15.02
N UNK H 500 53.83 50.02 14.34
CA UNK H 500 54.09 48.88 13.50
C UNK H 500 55.03 49.23 12.37
N UNK H 501 54.79 50.38 11.74
CA UNK H 501 55.63 50.80 10.63
C UNK H 501 57.03 50.99 11.15
N UNK H 502 57.13 51.58 12.34
CA UNK H 502 58.42 51.85 12.91
C UNK H 502 59.17 50.55 13.14
N UNK H 503 58.46 49.56 13.66
CA UNK H 503 59.06 48.26 13.92
C UNK H 503 59.51 47.62 12.63
N UNK H 504 58.69 47.77 11.60
CA UNK H 504 58.93 47.20 10.30
C UNK H 504 60.21 47.77 9.73
N UNK H 505 60.43 49.05 9.99
CA UNK H 505 61.67 49.72 9.60
C UNK H 505 62.90 48.82 9.78
N1 CTP I . -28.79 -9.02 -6.67
C2 CTP I . -29.87 -8.59 -5.92
N3 CTP I . -30.85 -7.82 -6.51
C4 CTP I . -30.79 -7.52 -7.85
C5 CTP I . -29.68 -7.91 -8.58
C6 CTP I . -28.76 -8.78 -8.02
O2 CTP I . -29.96 -8.90 -4.73
N4 CTP I . -31.78 -6.87 -8.44
C1' CTP I . -27.62 -9.62 -6.00
C2' CTP I . -27.66 -11.13 -6.16
O2' CTP I . -28.11 -11.73 -4.98
C3' CTP I . -26.22 -11.53 -6.44
C4' CTP I . -25.46 -10.22 -6.60
O4' CTP I . -26.42 -9.17 -6.59
O3' CTP I . -25.70 -12.27 -5.36
C5' CTP I . -24.65 -10.19 -7.89
O5' CTP I . -25.18 -9.25 -8.79
PA CTP I . -25.53 -9.66 -10.30
O1A CTP I . -24.62 -8.92 -11.24
O2A CTP I . -26.98 -9.40 -10.62
O3A CTP I . -25.20 -11.24 -10.34
PB CTP I . -24.73 -12.00 -11.68
O1B CTP I . -25.51 -13.28 -11.84
O2B CTP I . -23.24 -12.27 -11.65
O3B CTP I . -25.10 -10.99 -12.88
PG CTP I . -24.41 -11.16 -14.32
O1G CTP I . -23.12 -10.40 -14.33
O2G CTP I . -24.14 -12.62 -14.59
O3G CTP I . -25.33 -10.62 -15.39
P1 POP J . -25.04 -12.07 -11.82
O1 POP J . -23.58 -11.89 -11.49
O2 POP J . -25.83 -10.87 -11.33
O3 POP J . -25.57 -13.31 -11.15
O POP J . -25.22 -12.21 -13.41
P2 POP J . -24.48 -11.22 -14.45
O4 POP J . -23.04 -11.01 -14.03
O5 POP J . -25.19 -9.89 -14.50
O6 POP J . -24.50 -11.85 -15.83
MG MG K . -21.84 -10.94 -10.86
N1 CTP L . -11.80 -35.96 -51.06
C2 CTP L . -10.98 -37.00 -51.45
N3 CTP L . -9.65 -37.00 -51.07
C4 CTP L . -9.12 -35.91 -50.42
C5 CTP L . -9.94 -34.83 -50.12
C6 CTP L . -11.26 -34.82 -50.55
O2 CTP L . -11.42 -37.93 -52.13
N4 CTP L . -7.83 -35.89 -50.08
C1' CTP L . -13.22 -35.97 -51.49
C2' CTP L . -14.08 -36.49 -50.35
O2' CTP L . -14.46 -37.82 -50.59
C3' CTP L . -15.31 -35.59 -50.34
C4' CTP L . -14.98 -34.46 -51.31
O4' CTP L . -13.64 -34.65 -51.75
O3' CTP L . -16.43 -36.30 -50.80
C5' CTP L . -15.14 -33.10 -50.65
O5' CTP L . -13.88 -32.60 -50.26
PA CTP L . -13.58 -32.31 -48.70
O1A CTP L . -13.53 -30.82 -48.49
O2A CTP L . -12.31 -32.98 -48.26
O3A CTP L . -14.86 -32.94 -47.96
PB CTP L . -15.64 -32.16 -46.79
O1B CTP L . -16.32 -33.15 -45.88
O2B CTP L . -16.64 -31.18 -47.37
O3B CTP L . -14.49 -31.37 -45.98
PG CTP L . -14.89 -30.16 -44.99
O1G CTP L . -14.98 -28.90 -45.81
O2G CTP L . -16.23 -30.44 -44.35
O3G CTP L . -13.83 -30.00 -43.93
P1 POP M . -15.52 -32.08 -46.38
O1 POP M . -16.30 -31.07 -47.18
O2 POP M . -14.33 -32.56 -47.18
O3 POP M . -16.39 -33.25 -46.04
O POP M . -15.01 -31.37 -45.01
P2 POP M . -14.43 -29.88 -45.01
O4 POP M . -15.44 -28.94 -45.64
O5 POP M . -13.13 -29.82 -45.80
O6 POP M . -14.16 -29.44 -43.59
MG MG N . -15.80 -29.44 -48.98
N1 CTP O . 10.03 31.08 52.63
C2 CTP O . 9.11 31.48 53.59
N3 CTP O . 7.83 31.80 53.23
C4 CTP O . 7.42 31.65 51.92
C5 CTP O . 8.34 31.27 50.95
C6 CTP O . 9.63 30.92 51.34
O2 CTP O . 9.46 31.56 54.77
N4 CTP O . 6.15 31.86 51.59
C1' CTP O . 11.46 31.00 52.98
C2' CTP O . 11.82 29.55 53.28
O2' CTP O . 11.90 29.36 54.68
C3' CTP O . 13.18 29.35 52.65
C4' CTP O . 13.44 30.61 51.84
O4' CTP O . 12.27 31.38 51.88
O3' CTP O . 14.17 29.19 53.64
C5' CTP O . 13.83 30.27 50.41
O5' CTP O . 12.81 30.65 49.52
PA CTP O . 12.07 29.55 48.60
O1A CTP O . 12.65 29.61 47.20
O2A CTP O . 10.57 29.75 48.57
O3A CTP O . 12.48 28.16 49.31
PB CTP O . 13.02 26.90 48.46
O1B CTP O . 12.79 25.64 49.24
O2B CTP O . 14.46 27.09 48.10
O3B CTP O . 12.10 26.89 47.13
PG CTP O . 12.65 26.22 45.77
O1G CTP O . 13.40 27.26 44.99
O2G CTP O . 13.58 25.07 46.11
O3G CTP O . 11.49 25.70 44.96
P1 POP P . 12.63 26.29 45.40
O1 POP P . 13.48 25.05 45.48
O2 POP P . 11.17 25.94 45.55
O3 POP P . 12.85 26.96 44.07
O POP P . 13.08 27.30 46.58
P2 POP P . 12.99 26.87 48.12
O4 POP P . 13.29 25.38 48.23
O5 POP P . 11.59 27.14 48.64
O6 POP P . 14.00 27.64 48.92
MG MG Q . 14.87 29.48 46.90
N1 CTP R . 21.87 -9.07 17.88
C2 CTP R . 22.77 -10.06 17.53
N3 CTP R . 24.05 -9.72 17.15
C4 CTP R . 24.50 -8.43 17.39
C5 CTP R . 23.61 -7.45 17.81
C6 CTP R . 22.31 -7.81 18.16
O2 CTP R . 22.43 -11.24 17.55
N4 CTP R . 25.78 -8.14 17.23
C1' CTP R . 20.42 -9.36 17.93
C2' CTP R . 20.01 -9.63 19.37
O2' CTP R . 19.74 -11.00 19.54
C3' CTP R . 18.74 -8.82 19.58
C4' CTP R . 18.50 -8.12 18.26
O4' CTP R . 19.68 -8.26 17.49
O3' CTP R . 17.67 -9.67 19.91
C5' CTP R . 18.14 -6.64 18.47
O5' CTP R . 19.14 -5.82 17.90
PA CTP R . 19.96 -4.78 18.81
O1A CTP R . 19.44 -3.39 18.57
O2A CTP R . 21.44 -4.87 18.55
O3A CTP R . 19.58 -5.24 20.30
PB CTP R . 18.81 -4.23 21.29
O1B CTP R . 18.62 -4.89 22.63
O2B CTP R . 17.50 -3.80 20.69
O3B CTP R . 19.79 -2.96 21.42
PG CTP R . 19.21 -1.54 21.92
O1G CTP R . 18.80 -0.75 20.70
O2G CTP R . 18.01 -1.77 22.81
O3G CTP R . 20.28 -0.80 22.68
P1 POP S . 18.97 -4.31 21.75
O1 POP S . 17.82 -4.01 20.84
O2 POP S . 20.21 -4.57 20.94
O3 POP S . 18.65 -5.54 22.58
O POP S . 19.22 -3.05 22.72
P2 POP S . 19.08 -1.55 22.16
O4 POP S . 17.66 -1.34 21.69
O5 POP S . 20.03 -1.35 21.00
O6 POP S . 19.40 -0.56 23.26
MG MG T . 17.16 -3.06 18.82
#